data_5B3V
#
_entry.id   5B3V
#
_cell.length_a   55.500
_cell.length_b   100.413
_cell.length_c   138.028
_cell.angle_alpha   90.00
_cell.angle_beta   95.53
_cell.angle_gamma   90.00
#
_symmetry.space_group_name_H-M   'P 1 21 1'
#
loop_
_entity.id
_entity.type
_entity.pdbx_description
1 polymer 'Biliverdin reductase'
2 non-polymer 'NADP NICOTINAMIDE-ADENINE-DINUCLEOTIDE PHOSPHATE'
3 non-polymer 'BILIVERDINE IX ALPHA'
4 water water
#
_entity_poly.entity_id   1
_entity_poly.type   'polypeptide(L)'
_entity_poly.pdbx_seq_one_letter_code
;GSHMSENFAVATPVRVGIVGTGYAAQRRAEVFRGDRRSQLVSFWGNSEANTAKFADTFGVRPQQSWQALINDPEIDLVLI
ATINQLHGAIAEAALQAGKHVVLEYPLALTYAMGKKLQQLAREKGKLLHVEHIELLGGVHQAIRQNLGKIGEVFYARYST
IMGQNPAPQRWTYHHQQFGFPLVAALSRISRFTDLFGTVQQVDAQCRFWDQPNPEYFRACLATAYLQFNNGLKAEVIYGK
GEVFHQNERIFTLHGDRGTLIFVGETGRLIQGQTETEITVGSRRGLFRQDTEAVLDYLTTGKPLYVDLEASLYALEVADL
CAQACGYKVEN
;
_entity_poly.pdbx_strand_id   B,A,C,D
#
loop_
_chem_comp.id
_chem_comp.type
_chem_comp.name
_chem_comp.formula
BLA non-polymer 'BILIVERDINE IX ALPHA' 'C33 H34 N4 O6'
NAP non-polymer 'NADP NICOTINAMIDE-ADENINE-DINUCLEOTIDE PHOSPHATE' 'C21 H28 N7 O17 P3'
#
# COMPACT_ATOMS: atom_id res chain seq x y z
N THR A 12 -6.62 22.08 10.17
CA THR A 12 -7.37 20.93 9.70
C THR A 12 -8.47 21.35 8.75
N PRO A 13 -8.65 20.61 7.68
CA PRO A 13 -7.92 19.35 7.45
C PRO A 13 -6.45 19.55 7.10
N VAL A 14 -5.59 18.71 7.69
CA VAL A 14 -4.16 18.75 7.42
C VAL A 14 -3.94 18.47 5.94
N ARG A 15 -3.48 19.48 5.21
CA ARG A 15 -3.26 19.36 3.78
C ARG A 15 -1.87 18.80 3.53
N VAL A 16 -1.81 17.67 2.83
CA VAL A 16 -0.61 16.85 2.72
C VAL A 16 -0.09 16.87 1.29
N GLY A 17 1.20 17.06 1.13
CA GLY A 17 1.90 16.74 -0.10
C GLY A 17 2.82 15.57 0.16
N ILE A 18 2.80 14.61 -0.78
CA ILE A 18 3.52 13.35 -0.63
C ILE A 18 4.72 13.37 -1.58
N VAL A 19 5.89 13.04 -1.06
CA VAL A 19 7.11 13.02 -1.85
C VAL A 19 7.47 11.56 -2.09
N GLY A 20 7.24 11.08 -3.31
CA GLY A 20 7.41 9.68 -3.65
C GLY A 20 6.13 9.05 -4.16
N THR A 21 6.24 7.97 -4.93
CA THR A 21 5.08 7.26 -5.44
C THR A 21 5.17 5.75 -5.23
N GLY A 22 6.11 5.27 -4.43
CA GLY A 22 6.31 3.85 -4.24
C GLY A 22 5.34 3.25 -3.24
N TYR A 23 5.72 2.07 -2.73
CA TYR A 23 4.85 1.30 -1.84
C TYR A 23 4.41 2.13 -0.63
N ALA A 24 5.39 2.66 0.11
CA ALA A 24 5.09 3.45 1.29
C ALA A 24 4.26 4.68 0.94
N ALA A 25 4.58 5.32 -0.19
CA ALA A 25 3.83 6.50 -0.59
C ALA A 25 2.37 6.18 -0.86
N GLN A 26 2.10 4.97 -1.37
CA GLN A 26 0.72 4.62 -1.74
C GLN A 26 -0.12 4.34 -0.50
N ARG A 27 0.44 3.59 0.46
CA ARG A 27 -0.28 3.34 1.70
C ARG A 27 -0.63 4.64 2.41
N ARG A 28 0.25 5.58 2.30
CA ARG A 28 -0.03 6.90 2.88
C ARG A 28 -1.17 7.60 2.16
N ALA A 29 -1.11 7.63 0.87
CA ALA A 29 -2.18 8.25 0.09
C ALA A 29 -3.53 7.63 0.45
N GLU A 30 -3.59 6.31 0.54
CA GLU A 30 -4.83 5.62 0.91
C GLU A 30 -5.38 6.15 2.22
N VAL A 31 -4.56 6.15 3.28
CA VAL A 31 -5.04 6.54 4.60
C VAL A 31 -5.37 8.03 4.64
N PHE A 32 -4.53 8.88 4.03
CA PHE A 32 -4.73 10.32 4.12
C PHE A 32 -6.05 10.74 3.49
N ARG A 33 -6.33 10.14 2.35
CA ARG A 33 -7.53 10.38 1.62
C ARG A 33 -8.77 9.99 2.41
N GLY A 34 -8.79 8.74 2.84
CA GLY A 34 -9.88 8.15 3.56
C GLY A 34 -10.06 8.63 4.99
N ASP A 35 -9.20 9.55 5.44
CA ASP A 35 -9.26 10.06 6.81
C ASP A 35 -9.82 11.47 6.80
N ARG A 36 -10.96 11.64 7.48
CA ARG A 36 -11.63 12.92 7.67
C ARG A 36 -10.66 14.09 7.87
N ARG A 37 -9.70 13.95 8.79
CA ARG A 37 -8.87 15.05 9.26
C ARG A 37 -7.80 15.49 8.28
N SER A 38 -7.65 14.83 7.13
CA SER A 38 -6.53 15.12 6.26
C SER A 38 -6.96 15.11 4.80
N GLN A 39 -6.19 15.86 4.00
CA GLN A 39 -6.52 16.13 2.60
C GLN A 39 -5.25 16.01 1.77
N LEU A 40 -5.19 15.02 0.89
CA LEU A 40 -4.04 14.86 0.02
C LEU A 40 -4.12 15.89 -1.10
N VAL A 41 -3.12 16.77 -1.15
CA VAL A 41 -3.16 17.92 -2.04
C VAL A 41 -2.27 17.74 -3.26
N SER A 42 -1.01 17.38 -3.06
CA SER A 42 -0.05 17.27 -4.15
C SER A 42 0.85 16.05 -3.91
N PHE A 43 1.69 15.77 -4.89
CA PHE A 43 2.67 14.68 -4.80
C PHE A 43 3.76 14.91 -5.83
N TRP A 44 4.92 14.32 -5.59
CA TRP A 44 6.05 14.39 -6.51
C TRP A 44 6.64 13.00 -6.68
N GLY A 45 7.06 12.69 -7.91
CA GLY A 45 7.58 11.36 -8.20
C GLY A 45 8.87 11.36 -9.00
N ASN A 46 9.12 10.26 -9.68
CA ASN A 46 10.33 10.06 -10.44
C ASN A 46 10.09 9.66 -11.88
N SER A 47 9.90 8.38 -12.18
CA SER A 47 9.57 7.92 -13.52
C SER A 47 8.21 8.46 -13.94
N GLU A 48 8.05 8.68 -15.25
CA GLU A 48 6.80 9.24 -15.74
C GLU A 48 5.66 8.25 -15.61
N ALA A 49 5.94 6.95 -15.81
CA ALA A 49 4.89 5.94 -15.72
C ALA A 49 4.27 5.90 -14.34
N ASN A 50 5.10 5.86 -13.29
CA ASN A 50 4.59 5.73 -11.94
C ASN A 50 4.05 7.04 -11.40
N THR A 51 4.55 8.18 -11.89
CA THR A 51 3.92 9.45 -11.56
C THR A 51 2.50 9.52 -12.12
N ALA A 52 2.29 8.93 -13.31
CA ALA A 52 0.95 8.90 -13.90
C ALA A 52 0.06 7.88 -13.20
N LYS A 53 0.60 6.71 -12.86
CA LYS A 53 -0.17 5.72 -12.11
C LYS A 53 -0.66 6.32 -10.79
N PHE A 54 0.27 6.88 -10.02
CA PHE A 54 -0.08 7.51 -8.74
C PHE A 54 -1.14 8.58 -8.93
N ALA A 55 -0.95 9.44 -9.93
CA ALA A 55 -1.90 10.52 -10.16
C ALA A 55 -3.28 9.98 -10.52
N ASP A 56 -3.33 8.98 -11.40
CA ASP A 56 -4.61 8.40 -11.79
C ASP A 56 -5.25 7.65 -10.63
N THR A 57 -4.46 6.91 -9.85
CA THR A 57 -5.01 6.10 -8.79
C THR A 57 -5.60 6.95 -7.67
N PHE A 58 -4.94 8.04 -7.35
CA PHE A 58 -5.33 8.89 -6.23
C PHE A 58 -5.96 10.21 -6.47
N GLY A 59 -6.11 10.60 -7.71
CA GLY A 59 -6.71 11.85 -8.04
C GLY A 59 -5.98 13.09 -7.64
N VAL A 60 -4.68 13.08 -7.72
CA VAL A 60 -3.89 14.22 -7.32
C VAL A 60 -3.00 14.63 -8.46
N ARG A 61 -2.67 15.89 -8.60
CA ARG A 61 -1.79 16.30 -9.68
C ARG A 61 -0.37 16.49 -9.20
N PRO A 62 0.62 16.20 -10.06
CA PRO A 62 2.01 16.18 -9.61
C PRO A 62 2.76 17.50 -9.76
N GLN A 63 3.50 17.87 -8.72
CA GLN A 63 4.41 19.00 -8.80
C GLN A 63 5.55 18.69 -9.77
N GLN A 64 6.12 19.75 -10.34
CA GLN A 64 7.22 19.55 -11.29
C GLN A 64 8.50 19.14 -10.59
N SER A 65 8.72 19.64 -9.37
CA SER A 65 9.91 19.31 -8.59
C SER A 65 9.52 19.19 -7.13
N TRP A 66 10.35 18.47 -6.36
CA TRP A 66 10.09 18.41 -4.93
C TRP A 66 10.28 19.77 -4.27
N GLN A 67 11.14 20.61 -4.85
CA GLN A 67 11.28 21.97 -4.35
C GLN A 67 9.98 22.75 -4.50
N ALA A 68 9.30 22.59 -5.65
CA ALA A 68 8.01 23.22 -5.83
C ALA A 68 6.95 22.64 -4.91
N LEU A 69 7.08 21.36 -4.55
CA LEU A 69 6.09 20.75 -3.66
C LEU A 69 6.19 21.34 -2.26
N ILE A 70 7.40 21.42 -1.71
CA ILE A 70 7.55 21.78 -0.30
C ILE A 70 7.27 23.26 -0.05
N ASN A 71 7.42 24.11 -1.06
CA ASN A 71 7.17 25.54 -0.90
C ASN A 71 5.72 25.93 -1.13
N ASP A 72 4.91 25.03 -1.70
CA ASP A 72 3.49 25.24 -1.95
C ASP A 72 2.81 25.72 -0.67
N PRO A 73 2.22 26.92 -0.67
CA PRO A 73 1.58 27.42 0.57
C PRO A 73 0.30 26.69 0.94
N GLU A 74 -0.30 25.91 0.04
CA GLU A 74 -1.55 25.24 0.32
C GLU A 74 -1.37 23.80 0.80
N ILE A 75 -0.17 23.43 1.23
CA ILE A 75 0.02 22.21 2.00
C ILE A 75 0.58 22.59 3.37
N ASP A 76 0.15 21.84 4.39
CA ASP A 76 0.63 22.04 5.74
C ASP A 76 1.65 21.01 6.19
N LEU A 77 1.74 19.87 5.50
CA LEU A 77 2.59 18.78 5.94
C LEU A 77 3.21 18.10 4.73
N VAL A 78 4.52 17.86 4.80
CA VAL A 78 5.24 17.13 3.77
C VAL A 78 5.46 15.71 4.25
N LEU A 79 5.12 14.73 3.43
CA LEU A 79 5.39 13.32 3.73
C LEU A 79 6.48 12.83 2.80
N ILE A 80 7.61 12.46 3.37
CA ILE A 80 8.80 12.10 2.62
C ILE A 80 8.88 10.57 2.61
N ALA A 81 8.53 9.97 1.48
CA ALA A 81 8.64 8.53 1.27
C ALA A 81 9.37 8.25 -0.04
N THR A 82 10.47 8.95 -0.26
CA THR A 82 11.29 8.80 -1.46
C THR A 82 12.61 8.14 -1.09
N ILE A 83 13.54 8.12 -2.05
CA ILE A 83 14.81 7.44 -1.82
C ILE A 83 15.55 8.07 -0.64
N ASN A 84 16.33 7.24 0.07
CA ASN A 84 16.94 7.67 1.32
C ASN A 84 17.80 8.92 1.14
N GLN A 85 18.53 9.00 0.03
CA GLN A 85 19.50 10.06 -0.17
C GLN A 85 18.85 11.44 -0.12
N LEU A 86 17.57 11.53 -0.46
CA LEU A 86 16.89 12.81 -0.53
C LEU A 86 16.21 13.20 0.78
N HIS A 87 16.19 12.31 1.78
CA HIS A 87 15.48 12.60 3.02
C HIS A 87 15.99 13.89 3.68
N GLY A 88 17.31 14.00 3.84
CA GLY A 88 17.91 15.12 4.53
C GLY A 88 17.58 16.49 3.96
N ALA A 89 17.93 16.71 2.68
CA ALA A 89 17.73 18.01 2.06
C ALA A 89 16.25 18.37 1.94
N ILE A 90 15.39 17.38 1.68
CA ILE A 90 13.97 17.67 1.53
C ILE A 90 13.32 17.98 2.88
N ALA A 91 13.68 17.20 3.91
CA ALA A 91 13.18 17.51 5.25
C ALA A 91 13.63 18.88 5.71
N GLU A 92 14.87 19.24 5.39
CA GLU A 92 15.40 20.55 5.77
C GLU A 92 14.66 21.67 5.05
N ALA A 93 14.52 21.56 3.73
CA ALA A 93 13.85 22.61 2.97
C ALA A 93 12.41 22.79 3.43
N ALA A 94 11.72 21.68 3.74
CA ALA A 94 10.32 21.77 4.15
C ALA A 94 10.17 22.38 5.54
N LEU A 95 11.13 22.15 6.43
CA LEU A 95 11.06 22.76 7.76
C LEU A 95 11.31 24.26 7.68
N GLN A 96 12.27 24.68 6.86
CA GLN A 96 12.48 26.10 6.61
C GLN A 96 11.22 26.75 6.04
N ALA A 97 10.55 26.07 5.12
CA ALA A 97 9.30 26.55 4.54
C ALA A 97 8.11 26.40 5.48
N GLY A 98 8.34 25.97 6.72
CA GLY A 98 7.29 25.98 7.72
C GLY A 98 6.28 24.85 7.63
N LYS A 99 6.69 23.69 7.15
CA LYS A 99 5.81 22.54 7.05
C LYS A 99 6.12 21.52 8.14
N HIS A 100 5.07 20.81 8.57
CA HIS A 100 5.29 19.60 9.34
C HIS A 100 5.88 18.53 8.44
N VAL A 101 6.83 17.75 8.97
CA VAL A 101 7.56 16.77 8.17
C VAL A 101 7.41 15.40 8.81
N VAL A 102 6.78 14.48 8.09
CA VAL A 102 6.76 13.06 8.42
C VAL A 102 7.69 12.34 7.46
N LEU A 103 8.59 11.52 7.98
CA LEU A 103 9.54 10.77 7.18
C LEU A 103 9.40 9.29 7.43
N GLU A 104 9.55 8.51 6.36
CA GLU A 104 9.87 7.11 6.48
C GLU A 104 11.37 6.99 6.79
N TYR A 105 11.72 6.07 7.68
CA TYR A 105 13.11 5.96 8.10
C TYR A 105 14.01 5.58 6.91
N PRO A 106 15.29 6.01 6.94
CA PRO A 106 15.96 6.77 7.99
C PRO A 106 15.65 8.26 7.97
N LEU A 107 15.79 8.91 9.12
CA LEU A 107 15.72 10.37 9.20
C LEU A 107 16.64 11.01 8.18
N ALA A 108 17.92 10.64 8.21
CA ALA A 108 18.90 11.09 7.24
C ALA A 108 19.93 9.99 7.08
N LEU A 109 20.89 10.20 6.16
CA LEU A 109 21.92 9.22 5.92
C LEU A 109 23.15 9.41 6.81
N THR A 110 23.22 10.51 7.56
CA THR A 110 24.29 10.73 8.53
C THR A 110 23.68 11.23 9.83
N TYR A 111 24.35 10.89 10.95
CA TYR A 111 23.89 11.38 12.25
C TYR A 111 23.95 12.90 12.32
N ALA A 112 24.99 13.49 11.73
CA ALA A 112 25.13 14.95 11.73
C ALA A 112 23.90 15.61 11.12
N MET A 113 23.47 15.14 9.95
CA MET A 113 22.32 15.75 9.29
C MET A 113 21.06 15.61 10.13
N GLY A 114 20.86 14.44 10.75
CA GLY A 114 19.67 14.24 11.57
C GLY A 114 19.62 15.17 12.76
N LYS A 115 20.78 15.47 13.36
CA LYS A 115 20.83 16.43 14.45
C LYS A 115 20.41 17.81 13.98
N LYS A 116 20.86 18.22 12.80
CA LYS A 116 20.42 19.49 12.22
C LYS A 116 18.90 19.53 12.10
N LEU A 117 18.31 18.47 11.55
CA LEU A 117 16.86 18.45 11.32
C LEU A 117 16.09 18.53 12.63
N GLN A 118 16.55 17.81 13.66
CA GLN A 118 15.93 17.89 14.97
C GLN A 118 15.98 19.31 15.52
N GLN A 119 17.18 19.90 15.54
CA GLN A 119 17.33 21.29 16.00
C GLN A 119 16.50 22.24 15.15
N LEU A 120 16.57 22.08 13.82
CA LEU A 120 15.81 22.96 12.93
C LEU A 120 14.32 22.85 13.21
N ALA A 121 13.80 21.63 13.32
CA ALA A 121 12.38 21.45 13.55
C ALA A 121 11.97 21.98 14.92
N ARG A 122 12.86 21.91 15.92
CA ARG A 122 12.57 22.51 17.21
C ARG A 122 12.40 24.01 17.09
N GLU A 123 13.39 24.70 16.53
CA GLU A 123 13.39 26.15 16.44
C GLU A 123 12.43 26.69 15.38
N LYS A 124 11.80 25.83 14.59
CA LYS A 124 10.70 26.23 13.72
C LYS A 124 9.34 25.85 14.28
N GLY A 125 9.30 25.09 15.37
CA GLY A 125 8.04 24.73 16.00
C GLY A 125 7.16 23.83 15.16
N LYS A 126 7.77 22.91 14.40
CA LYS A 126 7.05 22.07 13.47
C LYS A 126 7.30 20.60 13.79
N LEU A 127 6.31 19.77 13.48
CA LEU A 127 6.42 18.34 13.75
C LEU A 127 7.49 17.71 12.88
N LEU A 128 8.41 16.98 13.50
CA LEU A 128 9.39 16.18 12.81
C LEU A 128 9.28 14.76 13.35
N HIS A 129 8.59 13.89 12.61
CA HIS A 129 8.35 12.52 13.03
C HIS A 129 8.94 11.57 12.02
N VAL A 130 9.67 10.57 12.51
CA VAL A 130 10.17 9.47 11.69
C VAL A 130 9.32 8.24 11.96
N GLU A 131 8.77 7.65 10.91
CA GLU A 131 7.99 6.43 11.05
C GLU A 131 8.88 5.25 11.39
N HIS A 132 8.40 4.39 12.28
CA HIS A 132 9.11 3.16 12.67
C HIS A 132 8.06 2.06 12.86
N ILE A 133 7.66 1.44 11.75
CA ILE A 133 6.63 0.40 11.78
C ILE A 133 7.13 -0.92 12.35
N GLU A 134 8.45 -1.10 12.46
CA GLU A 134 8.96 -2.29 13.14
C GLU A 134 8.61 -2.29 14.62
N LEU A 135 8.34 -1.12 15.20
CA LEU A 135 7.96 -1.04 16.60
C LEU A 135 6.47 -1.25 16.81
N LEU A 136 5.67 -1.33 15.74
CA LEU A 136 4.25 -1.61 15.84
C LEU A 136 3.91 -3.04 15.45
N GLY A 137 4.88 -3.81 14.97
CA GLY A 137 4.61 -5.12 14.43
C GLY A 137 4.41 -6.18 15.48
N GLY A 138 3.97 -7.35 15.02
CA GLY A 138 3.69 -8.44 15.94
C GLY A 138 4.93 -8.93 16.66
N VAL A 139 6.03 -9.11 15.92
CA VAL A 139 7.24 -9.65 16.51
C VAL A 139 7.72 -8.79 17.67
N HIS A 140 7.84 -7.47 17.45
CA HIS A 140 8.42 -6.61 18.48
C HIS A 140 7.49 -6.49 19.69
N GLN A 141 6.15 -6.41 19.45
CA GLN A 141 5.24 -6.33 20.57
C GLN A 141 5.27 -7.62 21.37
N ALA A 142 5.29 -8.77 20.70
CA ALA A 142 5.37 -10.05 21.40
C ALA A 142 6.66 -10.16 22.19
N ILE A 143 7.77 -9.63 21.66
CA ILE A 143 9.04 -9.67 22.36
C ILE A 143 8.95 -8.95 23.70
N ARG A 144 8.14 -7.90 23.76
CA ARG A 144 8.08 -7.09 24.96
C ARG A 144 6.96 -7.53 25.89
N GLN A 145 5.83 -8.00 25.30
CA GLN A 145 4.92 -8.79 26.12
C GLN A 145 5.67 -9.84 26.93
N ASN A 146 6.73 -10.45 26.46
CA ASN A 146 7.37 -11.60 27.05
C ASN A 146 8.79 -11.36 27.56
N LEU A 147 9.35 -10.16 27.36
CA LEU A 147 10.72 -9.91 27.79
C LEU A 147 10.93 -10.20 29.27
N GLY A 148 9.91 -9.92 30.09
CA GLY A 148 10.07 -10.02 31.53
C GLY A 148 10.41 -11.42 32.01
N LYS A 149 9.80 -12.44 31.40
CA LYS A 149 9.90 -13.80 31.90
C LYS A 149 11.18 -14.53 31.45
N ILE A 150 12.12 -13.85 30.80
CA ILE A 150 13.39 -14.48 30.46
C ILE A 150 14.56 -13.81 31.20
N GLY A 151 14.29 -13.00 32.22
CA GLY A 151 15.36 -12.54 33.10
C GLY A 151 16.30 -11.55 32.43
N GLU A 152 17.59 -11.64 32.81
CA GLU A 152 18.59 -10.77 32.22
C GLU A 152 18.98 -11.28 30.84
N VAL A 153 18.71 -10.48 29.81
CA VAL A 153 19.09 -10.81 28.44
C VAL A 153 20.58 -10.57 28.29
N PHE A 154 21.35 -11.63 28.07
CA PHE A 154 22.79 -11.51 27.95
C PHE A 154 23.30 -11.71 26.52
N TYR A 155 22.48 -12.23 25.61
CA TYR A 155 22.94 -12.54 24.27
C TYR A 155 21.75 -12.49 23.32
N ALA A 156 21.90 -11.73 22.23
CA ALA A 156 20.80 -11.45 21.31
C ALA A 156 21.33 -11.34 19.90
N ARG A 157 20.51 -11.78 18.93
CA ARG A 157 20.88 -11.74 17.52
C ARG A 157 19.63 -11.52 16.69
N TYR A 158 19.73 -10.67 15.68
CA TYR A 158 18.66 -10.46 14.72
C TYR A 158 19.25 -10.57 13.32
N SER A 159 18.90 -11.63 12.60
CA SER A 159 19.39 -11.89 11.26
C SER A 159 18.25 -11.70 10.26
N THR A 160 18.51 -10.87 9.24
CA THR A 160 17.59 -10.71 8.12
C THR A 160 18.40 -10.88 6.84
N ILE A 161 18.14 -11.93 6.09
CA ILE A 161 18.85 -12.21 4.85
C ILE A 161 17.83 -12.31 3.73
N MET A 162 17.91 -11.39 2.77
CA MET A 162 16.96 -11.24 1.68
C MET A 162 17.65 -11.57 0.36
N GLY A 163 17.76 -12.85 0.04
CA GLY A 163 18.34 -13.26 -1.23
C GLY A 163 17.50 -12.75 -2.40
N GLN A 164 18.20 -12.22 -3.42
CA GLN A 164 17.54 -11.71 -4.62
C GLN A 164 18.46 -11.92 -5.81
N ASN A 165 18.06 -12.81 -6.72
CA ASN A 165 18.88 -13.17 -7.87
C ASN A 165 18.00 -13.27 -9.12
N PRO A 166 18.19 -12.33 -10.08
CA PRO A 166 19.22 -11.30 -10.06
C PRO A 166 18.87 -10.10 -9.19
N ALA A 167 19.89 -9.32 -8.84
CA ALA A 167 19.64 -8.10 -8.08
C ALA A 167 19.22 -6.99 -9.04
N PRO A 168 18.13 -6.27 -8.76
CA PRO A 168 17.74 -5.18 -9.66
C PRO A 168 18.65 -3.99 -9.49
N GLN A 169 18.82 -3.23 -10.57
CA GLN A 169 19.53 -1.96 -10.49
C GLN A 169 18.52 -0.84 -10.20
N ARG A 170 17.84 -1.02 -9.08
CA ARG A 170 16.92 -0.05 -8.50
C ARG A 170 17.61 0.66 -7.34
N TRP A 171 16.89 1.59 -6.71
CA TRP A 171 17.53 2.50 -5.75
C TRP A 171 18.03 1.76 -4.51
N THR A 172 17.37 0.67 -4.11
CA THR A 172 17.77 -0.04 -2.90
C THR A 172 19.09 -0.81 -3.07
N TYR A 173 19.62 -0.89 -4.29
CA TYR A 173 20.92 -1.49 -4.54
C TYR A 173 21.94 -0.46 -5.02
N HIS A 174 21.68 0.82 -4.78
CA HIS A 174 22.55 1.91 -5.22
C HIS A 174 23.25 2.51 -4.01
N HIS A 175 24.58 2.62 -4.07
CA HIS A 175 25.35 3.04 -2.90
C HIS A 175 24.95 4.43 -2.42
N GLN A 176 24.81 5.39 -3.34
CA GLN A 176 24.52 6.77 -2.94
C GLN A 176 23.06 6.97 -2.54
N GLN A 177 22.12 6.38 -3.29
CA GLN A 177 20.71 6.61 -3.04
C GLN A 177 20.18 5.81 -1.87
N PHE A 178 20.77 4.63 -1.62
CA PHE A 178 20.40 3.79 -0.49
C PHE A 178 21.15 4.18 0.78
N GLY A 179 22.44 4.47 0.65
CA GLY A 179 23.27 4.79 1.79
C GLY A 179 23.86 3.55 2.42
N PHE A 180 24.53 3.75 3.55
CA PHE A 180 25.07 2.62 4.29
C PHE A 180 23.94 1.68 4.68
N PRO A 181 24.06 0.38 4.41
CA PRO A 181 22.91 -0.52 4.56
C PRO A 181 22.30 -0.52 5.96
N LEU A 182 23.10 -0.42 7.01
CA LEU A 182 22.54 -0.39 8.36
C LEU A 182 21.95 0.97 8.70
N VAL A 183 22.34 2.03 8.00
CA VAL A 183 21.62 3.30 8.12
C VAL A 183 20.27 3.20 7.42
N ALA A 184 20.25 2.58 6.25
CA ALA A 184 19.01 2.44 5.49
C ALA A 184 18.07 1.43 6.15
N ALA A 185 18.60 0.31 6.62
CA ALA A 185 17.81 -0.68 7.35
C ALA A 185 17.87 -0.42 8.85
N LEU A 186 17.49 0.82 9.19
CA LEU A 186 17.57 1.31 10.56
C LEU A 186 16.74 0.48 11.53
N SER A 187 15.71 -0.21 11.04
CA SER A 187 14.81 -0.96 11.92
C SER A 187 15.50 -2.11 12.62
N ARG A 188 16.61 -2.61 12.08
CA ARG A 188 17.36 -3.67 12.75
C ARG A 188 17.93 -3.18 14.07
N ILE A 189 18.65 -2.06 14.04
CA ILE A 189 19.24 -1.51 15.26
C ILE A 189 18.16 -0.93 16.16
N SER A 190 17.21 -0.19 15.59
CA SER A 190 16.12 0.45 16.31
C SER A 190 15.44 -0.48 17.30
N ARG A 191 15.20 -1.72 16.87
CA ARG A 191 14.62 -2.73 17.75
C ARG A 191 15.42 -2.87 19.03
N PHE A 192 16.74 -3.02 18.90
CA PHE A 192 17.59 -3.26 20.08
C PHE A 192 17.63 -2.04 21.00
N THR A 193 17.76 -0.85 20.43
CA THR A 193 17.80 0.36 21.25
C THR A 193 16.46 0.62 21.93
N ASP A 194 15.35 0.21 21.31
CA ASP A 194 14.05 0.35 21.95
C ASP A 194 13.92 -0.58 23.15
N LEU A 195 14.63 -1.71 23.13
CA LEU A 195 14.49 -2.73 24.15
C LEU A 195 15.52 -2.62 25.26
N PHE A 196 16.72 -2.15 24.94
CA PHE A 196 17.83 -2.21 25.88
C PHE A 196 18.58 -0.89 26.05
N GLY A 197 18.24 0.15 25.28
CA GLY A 197 18.78 1.46 25.54
C GLY A 197 20.13 1.77 24.93
N THR A 198 21.01 2.39 25.70
CA THR A 198 22.24 2.96 25.16
C THR A 198 23.26 1.89 24.83
N VAL A 199 23.96 2.07 23.71
CA VAL A 199 25.02 1.17 23.29
C VAL A 199 26.34 1.69 23.84
N GLN A 200 27.12 0.80 24.43
CA GLN A 200 28.42 1.17 25.00
C GLN A 200 29.57 1.08 24.01
N GLN A 201 29.41 0.27 22.96
CA GLN A 201 30.56 -0.17 22.17
C GLN A 201 30.06 -0.70 20.82
N VAL A 202 30.75 -0.31 19.74
CA VAL A 202 30.29 -0.60 18.39
C VAL A 202 31.46 -1.16 17.57
N ASP A 203 31.23 -2.32 16.96
CA ASP A 203 32.10 -2.89 15.93
C ASP A 203 31.23 -3.28 14.74
N ALA A 204 31.73 -3.06 13.54
CA ALA A 204 30.94 -3.34 12.36
C ALA A 204 31.84 -3.71 11.18
N GLN A 205 31.29 -4.52 10.28
CA GLN A 205 31.89 -4.82 9.00
C GLN A 205 30.82 -4.77 7.93
N CYS A 206 31.21 -4.30 6.76
CA CYS A 206 30.36 -4.30 5.58
C CYS A 206 31.16 -4.80 4.40
N ARG A 207 30.48 -5.48 3.48
CA ARG A 207 31.13 -5.96 2.28
C ARG A 207 30.12 -6.01 1.16
N PHE A 208 30.52 -5.47 0.02
CA PHE A 208 29.67 -5.38 -1.15
C PHE A 208 30.20 -6.28 -2.26
N TRP A 209 29.29 -6.75 -3.11
CA TRP A 209 29.60 -7.38 -4.39
C TRP A 209 29.06 -6.43 -5.46
N ASP A 210 29.95 -5.83 -6.25
CA ASP A 210 29.52 -4.80 -7.18
C ASP A 210 28.81 -5.39 -8.40
N GLN A 211 28.00 -4.55 -9.02
CA GLN A 211 27.51 -4.83 -10.37
C GLN A 211 28.60 -4.50 -11.37
N PRO A 212 28.46 -4.94 -12.64
CA PRO A 212 29.38 -4.44 -13.67
C PRO A 212 29.43 -2.93 -13.72
N ASN A 213 28.27 -2.29 -13.59
CA ASN A 213 28.20 -0.88 -13.26
C ASN A 213 28.25 -0.73 -11.74
N PRO A 214 29.41 -0.36 -11.18
CA PRO A 214 29.62 -0.48 -9.73
C PRO A 214 29.00 0.62 -8.89
N GLU A 215 28.13 1.39 -9.41
CA GLU A 215 27.36 2.38 -8.75
C GLU A 215 26.33 1.63 -7.97
N TYR A 216 26.00 0.49 -8.57
CA TYR A 216 25.09 -0.49 -8.00
C TYR A 216 25.90 -1.64 -7.43
N PHE A 217 25.29 -2.36 -6.49
CA PHE A 217 25.86 -3.60 -5.96
C PHE A 217 24.84 -4.71 -6.13
N ARG A 218 25.33 -5.91 -6.44
CA ARG A 218 24.42 -7.04 -6.55
C ARG A 218 24.13 -7.69 -5.21
N ALA A 219 24.97 -7.43 -4.20
CA ALA A 219 24.74 -7.97 -2.87
C ALA A 219 25.56 -7.20 -1.86
N CYS A 220 25.14 -7.29 -0.59
CA CYS A 220 25.85 -6.69 0.52
C CYS A 220 25.60 -7.51 1.77
N LEU A 221 26.65 -7.64 2.58
CA LEU A 221 26.56 -8.23 3.92
C LEU A 221 27.06 -7.19 4.91
N ALA A 222 26.18 -6.81 5.84
CA ALA A 222 26.51 -5.86 6.88
C ALA A 222 26.28 -6.51 8.23
N THR A 223 27.32 -6.54 9.07
CA THR A 223 27.24 -7.11 10.40
C THR A 223 27.68 -6.06 11.40
N ALA A 224 26.88 -5.88 12.45
CA ALA A 224 27.20 -5.01 13.57
C ALA A 224 27.23 -5.82 14.85
N TYR A 225 28.24 -5.57 15.68
CA TYR A 225 28.38 -6.25 16.96
C TYR A 225 28.30 -5.18 18.05
N LEU A 226 27.18 -5.15 18.76
CA LEU A 226 26.88 -4.11 19.73
C LEU A 226 27.03 -4.65 21.13
N GLN A 227 27.71 -3.89 21.99
CA GLN A 227 27.78 -4.18 23.42
C GLN A 227 26.98 -3.09 24.14
N PHE A 228 25.98 -3.51 24.90
CA PHE A 228 25.12 -2.57 25.61
C PHE A 228 25.65 -2.35 27.03
N ASN A 229 25.36 -1.16 27.56
CA ASN A 229 25.80 -0.80 28.91
C ASN A 229 25.30 -1.81 29.94
N ASN A 230 24.07 -2.28 29.79
CA ASN A 230 23.51 -3.23 30.74
C ASN A 230 24.07 -4.64 30.57
N GLY A 231 25.23 -4.78 29.93
CA GLY A 231 25.91 -6.06 29.82
C GLY A 231 25.59 -6.86 28.59
N LEU A 232 24.59 -6.46 27.81
CA LEU A 232 24.09 -7.26 26.71
C LEU A 232 25.01 -7.20 25.50
N LYS A 233 25.21 -8.36 24.88
CA LYS A 233 25.88 -8.48 23.60
C LYS A 233 24.84 -8.78 22.53
N ALA A 234 24.88 -8.00 21.44
CA ALA A 234 23.90 -8.11 20.37
C ALA A 234 24.60 -8.21 19.03
N GLU A 235 24.04 -9.02 18.13
CA GLU A 235 24.54 -9.20 16.79
C GLU A 235 23.46 -8.80 15.79
N VAL A 236 23.80 -7.90 14.88
CA VAL A 236 22.89 -7.41 13.85
C VAL A 236 23.44 -7.82 12.50
N ILE A 237 22.73 -8.72 11.82
CA ILE A 237 23.16 -9.27 10.54
C ILE A 237 22.15 -8.86 9.49
N TYR A 238 22.61 -8.14 8.47
CA TYR A 238 21.79 -7.69 7.35
C TYR A 238 22.47 -8.10 6.07
N GLY A 239 21.77 -8.84 5.23
CA GLY A 239 22.31 -9.28 3.96
C GLY A 239 21.19 -9.41 2.94
N LYS A 240 21.53 -9.06 1.69
CA LYS A 240 20.58 -9.20 0.60
C LYS A 240 21.35 -9.23 -0.70
N GLY A 241 20.72 -9.81 -1.72
CA GLY A 241 21.27 -9.81 -3.05
C GLY A 241 21.58 -11.21 -3.56
N GLU A 242 22.49 -11.25 -4.54
CA GLU A 242 22.65 -12.44 -5.38
C GLU A 242 23.40 -13.58 -4.70
N VAL A 243 24.25 -13.29 -3.71
CA VAL A 243 25.08 -14.35 -3.13
C VAL A 243 24.41 -15.08 -1.99
N PHE A 244 23.17 -14.74 -1.66
CA PHE A 244 22.47 -15.36 -0.53
C PHE A 244 21.45 -16.36 -1.06
N HIS A 245 21.60 -17.62 -0.63
CA HIS A 245 20.76 -18.71 -1.10
C HIS A 245 19.77 -19.19 -0.05
N GLN A 246 19.76 -18.59 1.14
CA GLN A 246 18.84 -18.99 2.20
C GLN A 246 18.37 -17.76 2.94
N ASN A 247 17.06 -17.49 2.86
CA ASN A 247 16.49 -16.36 3.57
C ASN A 247 16.39 -16.65 5.05
N GLU A 248 16.45 -15.58 5.85
CA GLU A 248 16.26 -15.67 7.29
C GLU A 248 15.61 -14.37 7.76
N ARG A 249 14.72 -14.48 8.77
CA ARG A 249 14.25 -13.35 9.56
C ARG A 249 14.06 -13.90 10.98
N ILE A 250 15.17 -13.98 11.72
CA ILE A 250 15.24 -14.67 12.99
C ILE A 250 15.68 -13.67 14.06
N PHE A 251 14.89 -13.56 15.11
CA PHE A 251 15.23 -12.75 16.28
C PHE A 251 15.36 -13.69 17.47
N THR A 252 16.57 -13.80 18.00
CA THR A 252 16.85 -14.65 19.16
C THR A 252 17.29 -13.79 20.32
N LEU A 253 16.76 -14.09 21.50
CA LEU A 253 17.10 -13.40 22.74
C LEU A 253 17.35 -14.44 23.82
N HIS A 254 18.58 -14.49 24.34
CA HIS A 254 18.94 -15.42 25.39
C HIS A 254 18.97 -14.68 26.72
N GLY A 255 18.06 -15.03 27.63
CA GLY A 255 18.10 -14.58 28.99
C GLY A 255 18.46 -15.74 29.92
N ASP A 256 18.75 -15.38 31.18
CA ASP A 256 19.09 -16.41 32.15
C ASP A 256 17.85 -17.11 32.71
N ARG A 257 16.66 -16.67 32.32
CA ARG A 257 15.41 -17.35 32.69
C ARG A 257 14.72 -17.99 31.49
N GLY A 258 15.22 -17.78 30.27
CA GLY A 258 14.60 -18.38 29.11
C GLY A 258 15.10 -17.74 27.85
N THR A 259 14.70 -18.35 26.73
CA THR A 259 15.05 -17.87 25.41
C THR A 259 13.78 -17.50 24.65
N LEU A 260 13.78 -16.33 24.03
CA LEU A 260 12.77 -15.95 23.06
C LEU A 260 13.36 -16.09 21.67
N ILE A 261 12.70 -16.86 20.81
CA ILE A 261 13.06 -16.97 19.41
C ILE A 261 11.84 -16.60 18.58
N PHE A 262 12.05 -15.77 17.57
CA PHE A 262 11.01 -15.44 16.60
C PHE A 262 11.53 -15.77 15.21
N VAL A 263 10.89 -16.73 14.56
CA VAL A 263 11.21 -17.13 13.20
C VAL A 263 10.13 -16.55 12.31
N GLY A 264 10.48 -15.54 11.53
CA GLY A 264 9.48 -14.77 10.81
C GLY A 264 8.44 -14.24 11.77
N GLU A 265 7.19 -14.65 11.57
CA GLU A 265 6.08 -14.20 12.40
C GLU A 265 5.68 -15.21 13.46
N THR A 266 6.41 -16.32 13.61
CA THR A 266 6.11 -17.31 14.62
C THR A 266 7.09 -17.17 15.78
N GLY A 267 6.59 -17.30 17.00
CA GLY A 267 7.41 -17.12 18.18
C GLY A 267 7.21 -18.24 19.17
N ARG A 268 8.30 -18.54 19.89
CA ARG A 268 8.25 -19.53 20.96
C ARG A 268 9.10 -19.07 22.13
N LEU A 269 8.62 -19.35 23.33
CA LEU A 269 9.39 -19.18 24.55
C LEU A 269 9.98 -20.53 24.95
N ILE A 270 11.27 -20.55 25.26
CA ILE A 270 11.99 -21.78 25.55
C ILE A 270 12.56 -21.68 26.96
N GLN A 271 12.14 -22.60 27.83
CA GLN A 271 12.61 -22.67 29.20
C GLN A 271 12.92 -24.12 29.56
N GLY A 272 14.12 -24.36 30.07
CA GLY A 272 14.51 -25.70 30.47
C GLY A 272 14.56 -26.68 29.32
N GLN A 273 14.99 -26.23 28.14
CA GLN A 273 15.11 -27.03 26.92
C GLN A 273 13.76 -27.44 26.34
N THR A 274 12.68 -26.78 26.73
CA THR A 274 11.36 -27.05 26.18
C THR A 274 10.69 -25.74 25.79
N GLU A 275 9.78 -25.81 24.82
CA GLU A 275 9.27 -24.62 24.15
C GLU A 275 7.76 -24.52 24.26
N THR A 276 7.28 -23.30 24.46
CA THR A 276 5.86 -22.95 24.41
C THR A 276 5.67 -21.95 23.27
N GLU A 277 4.68 -22.19 22.43
CA GLU A 277 4.41 -21.28 21.33
C GLU A 277 3.94 -19.93 21.85
N ILE A 278 4.29 -18.88 21.11
CA ILE A 278 3.93 -17.51 21.46
C ILE A 278 3.06 -16.94 20.36
N THR A 279 1.93 -16.34 20.76
CA THR A 279 1.04 -15.71 19.80
C THR A 279 1.64 -14.40 19.30
N VAL A 280 1.57 -14.17 18.00
CA VAL A 280 2.15 -13.00 17.36
C VAL A 280 1.08 -12.32 16.51
N GLY A 281 0.99 -11.00 16.61
CA GLY A 281 -0.09 -10.27 15.98
C GLY A 281 0.03 -10.21 14.47
N SER A 282 -1.09 -9.86 13.84
CA SER A 282 -1.23 -9.84 12.39
C SER A 282 -0.42 -8.70 11.76
N ARG A 283 -0.09 -8.91 10.47
CA ARG A 283 0.71 -7.96 9.69
C ARG A 283 -0.13 -6.77 9.21
N ARG A 284 -0.79 -6.09 10.16
CA ARG A 284 -1.80 -5.06 9.87
C ARG A 284 -1.22 -3.87 9.12
N GLY A 285 -2.09 -2.94 8.85
CA GLY A 285 -1.65 -1.74 8.25
C GLY A 285 -0.87 -1.01 9.30
N LEU A 286 0.43 -1.29 9.36
CA LEU A 286 1.33 -0.55 10.21
C LEU A 286 1.50 0.89 9.73
N PHE A 287 1.47 1.09 8.41
CA PHE A 287 1.48 2.44 7.86
C PHE A 287 0.22 3.20 8.27
N ARG A 288 -0.93 2.53 8.25
CA ARG A 288 -2.17 3.16 8.70
C ARG A 288 -2.08 3.55 10.17
N GLN A 289 -1.50 2.68 11.00
CA GLN A 289 -1.30 3.02 12.41
C GLN A 289 -0.43 4.26 12.56
N ASP A 290 0.61 4.28 11.84
CA ASP A 290 1.50 5.44 11.93
C ASP A 290 0.79 6.71 11.46
N THR A 291 0.19 6.70 10.27
CA THR A 291 -0.55 7.85 9.76
C THR A 291 -1.52 8.38 10.80
N GLU A 292 -2.36 7.50 11.36
CA GLU A 292 -3.33 7.92 12.36
C GLU A 292 -2.64 8.47 13.60
N ALA A 293 -1.53 7.86 13.99
CA ALA A 293 -0.76 8.37 15.13
C ALA A 293 -0.29 9.79 14.89
N VAL A 294 0.11 10.11 13.66
CA VAL A 294 0.48 11.47 13.31
C VAL A 294 -0.74 12.39 13.40
N LEU A 295 -1.87 11.96 12.82
CA LEU A 295 -3.06 12.79 12.85
C LEU A 295 -3.62 12.91 14.26
N ASP A 296 -3.43 11.90 15.10
CA ASP A 296 -3.86 12.01 16.49
C ASP A 296 -2.98 12.97 17.26
N TYR A 297 -1.69 12.94 16.97
CA TYR A 297 -0.78 13.87 17.65
C TYR A 297 -1.05 15.30 17.23
N LEU A 298 -1.21 15.54 15.91
CA LEU A 298 -1.39 16.89 15.41
C LEU A 298 -2.69 17.52 15.90
N THR A 299 -3.71 16.72 16.20
CA THR A 299 -5.01 17.24 16.58
C THR A 299 -5.24 17.22 18.08
N THR A 300 -5.11 16.06 18.72
CA THR A 300 -5.44 15.91 20.13
C THR A 300 -4.22 15.91 21.04
N GLY A 301 -3.01 15.97 20.48
CA GLY A 301 -1.81 15.99 21.30
C GLY A 301 -1.40 14.64 21.86
N LYS A 302 -1.99 13.56 21.39
CA LYS A 302 -1.63 12.23 21.87
C LYS A 302 -0.18 11.92 21.52
N PRO A 303 0.67 11.56 22.47
CA PRO A 303 2.08 11.30 22.16
C PRO A 303 2.25 10.19 21.14
N LEU A 304 3.26 10.35 20.30
CA LEU A 304 3.55 9.36 19.27
C LEU A 304 4.21 8.12 19.86
N TYR A 305 3.99 6.98 19.20
CA TYR A 305 4.47 5.70 19.71
C TYR A 305 5.99 5.62 19.74
N VAL A 306 6.67 6.40 18.92
CA VAL A 306 8.13 6.49 18.91
C VAL A 306 8.51 7.95 19.05
N ASP A 307 9.61 8.20 19.75
CA ASP A 307 10.14 9.54 19.87
C ASP A 307 11.12 9.81 18.74
N LEU A 308 11.19 11.07 18.33
CA LEU A 308 12.23 11.47 17.38
C LEU A 308 13.61 11.25 17.97
N GLU A 309 13.74 11.42 19.29
CA GLU A 309 15.01 11.17 19.97
C GLU A 309 15.48 9.73 19.77
N ALA A 310 14.54 8.78 19.86
CA ALA A 310 14.90 7.37 19.66
C ALA A 310 15.30 7.09 18.22
N SER A 311 14.60 7.71 17.26
CA SER A 311 14.97 7.53 15.86
C SER A 311 16.34 8.11 15.57
N LEU A 312 16.60 9.33 16.07
CA LEU A 312 17.93 9.92 15.89
C LEU A 312 19.00 9.10 16.59
N TYR A 313 18.67 8.46 17.72
CA TYR A 313 19.69 7.65 18.39
C TYR A 313 20.01 6.40 17.58
N ALA A 314 19.00 5.78 16.98
CA ALA A 314 19.23 4.62 16.12
C ALA A 314 20.16 4.99 14.97
N LEU A 315 19.90 6.12 14.32
CA LEU A 315 20.78 6.62 13.28
C LEU A 315 22.19 6.84 13.81
N GLU A 316 22.31 7.32 15.05
CA GLU A 316 23.64 7.57 15.61
C GLU A 316 24.44 6.28 15.71
N VAL A 317 23.83 5.24 16.26
CA VAL A 317 24.49 3.93 16.32
C VAL A 317 24.83 3.44 14.93
N ALA A 318 23.89 3.60 13.99
CA ALA A 318 24.10 3.12 12.62
C ALA A 318 25.19 3.92 11.92
N ASP A 319 25.22 5.24 12.14
CA ASP A 319 26.30 6.06 11.57
C ASP A 319 27.65 5.64 12.12
N LEU A 320 27.69 5.24 13.39
CA LEU A 320 28.93 4.73 13.97
C LEU A 320 29.33 3.40 13.35
N CYS A 321 28.35 2.55 13.02
CA CYS A 321 28.66 1.33 12.28
C CYS A 321 29.25 1.67 10.92
N ALA A 322 28.80 2.75 10.30
CA ALA A 322 29.33 3.17 9.00
C ALA A 322 30.77 3.67 9.11
N GLN A 323 31.13 4.26 10.26
CA GLN A 323 32.51 4.65 10.49
C GLN A 323 33.39 3.45 10.79
N ALA A 324 32.85 2.47 11.51
CA ALA A 324 33.60 1.26 11.79
C ALA A 324 33.97 0.52 10.51
N CYS A 325 33.18 0.70 9.45
CA CYS A 325 33.43 0.07 8.16
C CYS A 325 34.23 0.96 7.21
N GLY A 326 34.77 2.08 7.70
CA GLY A 326 35.46 3.03 6.84
C GLY A 326 34.53 3.83 5.96
N TYR A 327 33.28 3.37 5.86
CA TYR A 327 32.27 3.99 4.99
C TYR A 327 31.84 5.39 5.48
N THR B 12 37.49 -0.73 -21.31
CA THR B 12 37.54 -0.42 -22.73
C THR B 12 37.67 1.02 -22.95
N PRO B 13 38.49 1.40 -23.89
CA PRO B 13 38.61 2.83 -24.23
C PRO B 13 37.23 3.42 -24.44
N VAL B 14 36.91 4.48 -23.70
CA VAL B 14 35.65 5.18 -23.87
C VAL B 14 35.72 5.96 -25.18
N ARG B 15 35.00 5.49 -26.20
CA ARG B 15 35.05 6.08 -27.53
C ARG B 15 34.13 7.30 -27.58
N VAL B 16 34.70 8.44 -27.97
CA VAL B 16 34.04 9.73 -27.85
C VAL B 16 33.94 10.38 -29.22
N GLY B 17 32.79 11.01 -29.48
CA GLY B 17 32.65 11.94 -30.59
C GLY B 17 32.15 13.26 -30.07
N ILE B 18 32.74 14.35 -30.56
CA ILE B 18 32.55 15.68 -29.99
C ILE B 18 31.63 16.50 -30.89
N VAL B 19 30.69 17.20 -30.28
CA VAL B 19 29.78 18.09 -30.98
C VAL B 19 30.21 19.52 -30.66
N GLY B 20 30.95 20.13 -31.58
CA GLY B 20 31.49 21.46 -31.36
C GLY B 20 32.95 21.55 -31.74
N THR B 21 33.45 22.76 -32.03
CA THR B 21 34.84 22.96 -32.40
C THR B 21 35.51 24.09 -31.63
N GLY B 22 34.78 24.81 -30.79
CA GLY B 22 35.30 25.99 -30.14
C GLY B 22 36.10 25.72 -28.88
N TYR B 23 36.01 26.63 -27.90
CA TYR B 23 36.88 26.57 -26.74
C TYR B 23 36.66 25.30 -25.94
N ALA B 24 35.41 25.03 -25.55
CA ALA B 24 35.11 23.84 -24.75
C ALA B 24 35.54 22.57 -25.48
N ALA B 25 35.20 22.46 -26.77
CA ALA B 25 35.53 21.26 -27.52
C ALA B 25 37.04 21.04 -27.59
N GLN B 26 37.80 22.11 -27.81
CA GLN B 26 39.25 21.97 -27.90
C GLN B 26 39.86 21.48 -26.59
N ARG B 27 39.40 22.02 -25.46
CA ARG B 27 39.90 21.56 -24.17
C ARG B 27 39.55 20.11 -23.94
N ARG B 28 38.32 19.71 -24.29
CA ARG B 28 37.92 18.32 -24.16
C ARG B 28 38.82 17.41 -24.99
N ALA B 29 39.03 17.77 -26.26
CA ALA B 29 39.82 16.92 -27.16
C ALA B 29 41.23 16.72 -26.64
N GLU B 30 41.84 17.80 -26.10
CA GLU B 30 43.19 17.68 -25.57
C GLU B 30 43.26 16.61 -24.47
N VAL B 31 42.26 16.56 -23.60
CA VAL B 31 42.29 15.63 -22.48
C VAL B 31 41.87 14.24 -22.90
N PHE B 32 40.95 14.13 -23.87
CA PHE B 32 40.58 12.81 -24.39
C PHE B 32 41.74 12.17 -25.14
N ARG B 33 42.48 12.95 -25.93
CA ARG B 33 43.64 12.43 -26.65
C ARG B 33 44.69 11.92 -25.68
N GLY B 34 44.99 12.71 -24.65
CA GLY B 34 46.09 12.41 -23.75
C GLY B 34 45.81 11.35 -22.70
N ASP B 35 44.55 10.97 -22.51
CA ASP B 35 44.18 10.00 -21.48
C ASP B 35 43.98 8.62 -22.11
N ARG B 36 44.63 7.62 -21.51
CA ARG B 36 44.56 6.25 -22.01
C ARG B 36 43.13 5.73 -22.06
N ARG B 37 42.29 6.16 -21.12
CA ARG B 37 40.96 5.59 -20.93
C ARG B 37 39.94 6.07 -21.96
N SER B 38 40.34 6.86 -22.95
CA SER B 38 39.37 7.42 -23.89
C SER B 38 39.99 7.55 -25.27
N GLN B 39 39.19 7.31 -26.29
CA GLN B 39 39.60 7.43 -27.69
C GLN B 39 38.73 8.46 -28.37
N LEU B 40 39.34 9.51 -28.90
CA LEU B 40 38.61 10.50 -29.68
C LEU B 40 38.40 9.94 -31.09
N VAL B 41 37.16 9.69 -31.44
CA VAL B 41 36.83 8.99 -32.68
C VAL B 41 36.32 9.94 -33.76
N SER B 42 35.46 10.88 -33.40
CA SER B 42 34.81 11.72 -34.39
C SER B 42 34.49 13.08 -33.79
N PHE B 43 33.97 13.97 -34.64
CA PHE B 43 33.55 15.30 -34.24
C PHE B 43 32.71 15.91 -35.33
N TRP B 44 31.77 16.78 -34.95
CA TRP B 44 30.94 17.51 -35.89
C TRP B 44 31.08 19.01 -35.64
N GLY B 45 31.17 19.78 -36.72
CA GLY B 45 31.40 21.20 -36.59
C GLY B 45 30.33 22.07 -37.22
N ASN B 46 30.71 23.28 -37.63
CA ASN B 46 29.78 24.20 -38.26
C ASN B 46 30.42 24.81 -39.51
N SER B 47 31.25 25.83 -39.34
CA SER B 47 31.90 26.46 -40.48
C SER B 47 33.01 25.59 -41.06
N GLU B 48 33.25 25.73 -42.35
CA GLU B 48 34.31 24.98 -43.02
C GLU B 48 35.65 25.25 -42.37
N ALA B 49 35.99 26.54 -42.19
CA ALA B 49 37.34 26.91 -41.75
C ALA B 49 37.67 26.34 -40.39
N ASN B 50 36.69 26.29 -39.48
CA ASN B 50 36.95 25.83 -38.12
C ASN B 50 36.71 24.34 -37.96
N THR B 51 35.88 23.73 -38.79
CA THR B 51 35.86 22.27 -38.87
C THR B 51 37.21 21.76 -39.37
N ALA B 52 37.76 22.39 -40.41
CA ALA B 52 39.09 22.03 -40.87
C ALA B 52 40.15 22.28 -39.80
N LYS B 53 40.11 23.46 -39.17
CA LYS B 53 41.04 23.74 -38.08
C LYS B 53 40.99 22.66 -37.00
N PHE B 54 39.78 22.29 -36.58
CA PHE B 54 39.64 21.26 -35.55
C PHE B 54 40.17 19.92 -36.04
N ALA B 55 39.84 19.55 -37.28
CA ALA B 55 40.25 18.25 -37.81
C ALA B 55 41.76 18.12 -37.86
N ASP B 56 42.42 19.13 -38.42
CA ASP B 56 43.88 19.12 -38.43
C ASP B 56 44.43 18.89 -37.04
N THR B 57 43.98 19.69 -36.05
CA THR B 57 44.67 19.82 -34.78
C THR B 57 44.63 18.53 -33.97
N PHE B 58 43.53 17.77 -34.06
CA PHE B 58 43.35 16.61 -33.20
C PHE B 58 43.26 15.31 -33.98
N GLY B 59 43.63 15.30 -35.25
CA GLY B 59 43.67 14.08 -36.04
C GLY B 59 42.37 13.31 -36.05
N VAL B 60 41.26 14.01 -36.25
CA VAL B 60 39.93 13.41 -36.27
C VAL B 60 39.20 13.85 -37.54
N ARG B 61 38.32 13.01 -38.00
CA ARG B 61 37.60 13.24 -39.23
C ARG B 61 36.20 13.77 -38.94
N PRO B 62 35.77 14.78 -39.67
CA PRO B 62 34.42 15.29 -39.42
C PRO B 62 33.35 14.29 -39.83
N GLN B 63 32.29 14.21 -39.04
CA GLN B 63 31.02 13.72 -39.53
C GLN B 63 30.28 14.89 -40.16
N GLN B 64 29.40 14.55 -41.12
CA GLN B 64 28.78 15.65 -41.86
C GLN B 64 27.50 16.15 -41.22
N SER B 65 26.98 15.46 -40.23
CA SER B 65 25.82 15.92 -39.48
C SER B 65 25.94 15.43 -38.04
N TRP B 66 25.35 16.18 -37.10
CA TRP B 66 25.35 15.69 -35.73
C TRP B 66 24.47 14.46 -35.58
N GLN B 67 23.43 14.34 -36.42
CA GLN B 67 22.66 13.10 -36.46
C GLN B 67 23.55 11.92 -36.83
N ALA B 68 24.43 12.10 -37.83
CA ALA B 68 25.35 11.03 -38.20
C ALA B 68 26.35 10.75 -37.10
N LEU B 69 26.77 11.76 -36.34
CA LEU B 69 27.71 11.54 -35.25
C LEU B 69 27.07 10.70 -34.15
N ILE B 70 25.94 11.17 -33.61
CA ILE B 70 25.32 10.49 -32.48
C ILE B 70 24.80 9.12 -32.86
N ASN B 71 24.56 8.87 -34.15
CA ASN B 71 24.13 7.55 -34.59
C ASN B 71 25.28 6.61 -34.87
N ASP B 72 26.52 7.11 -34.83
CA ASP B 72 27.72 6.32 -35.10
C ASP B 72 27.81 5.15 -34.13
N PRO B 73 27.76 3.91 -34.62
CA PRO B 73 27.84 2.75 -33.71
C PRO B 73 29.21 2.53 -33.10
N GLU B 74 30.25 3.23 -33.60
CA GLU B 74 31.59 3.04 -33.04
C GLU B 74 31.97 4.08 -31.97
N ILE B 75 31.00 4.83 -31.39
CA ILE B 75 31.27 5.71 -30.26
C ILE B 75 30.34 5.34 -29.12
N ASP B 76 30.78 5.63 -27.90
CA ASP B 76 29.99 5.36 -26.71
C ASP B 76 29.52 6.62 -26.00
N LEU B 77 30.17 7.77 -26.22
CA LEU B 77 29.87 8.99 -25.48
C LEU B 77 29.87 10.16 -26.44
N VAL B 78 28.77 10.91 -26.45
CA VAL B 78 28.67 12.14 -27.22
C VAL B 78 28.94 13.30 -26.28
N LEU B 79 29.92 14.13 -26.61
CA LEU B 79 30.19 15.35 -25.87
C LEU B 79 29.61 16.52 -26.64
N ILE B 80 28.78 17.31 -25.97
CA ILE B 80 28.04 18.38 -26.60
C ILE B 80 28.65 19.70 -26.16
N ALA B 81 29.37 20.35 -27.08
CA ALA B 81 30.01 21.64 -26.80
C ALA B 81 29.72 22.63 -27.93
N THR B 82 28.51 22.59 -28.47
CA THR B 82 28.09 23.54 -29.49
C THR B 82 27.20 24.60 -28.84
N ILE B 83 26.50 25.38 -29.66
CA ILE B 83 25.69 26.47 -29.14
C ILE B 83 24.54 25.92 -28.29
N ASN B 84 24.01 26.78 -27.43
CA ASN B 84 23.03 26.35 -26.43
C ASN B 84 21.77 25.79 -27.08
N GLN B 85 21.32 26.40 -28.18
CA GLN B 85 20.02 26.05 -28.77
C GLN B 85 19.94 24.57 -29.14
N LEU B 86 21.06 23.98 -29.56
CA LEU B 86 21.08 22.60 -30.02
C LEU B 86 21.29 21.60 -28.89
N HIS B 87 21.44 22.07 -27.64
CA HIS B 87 21.76 21.17 -26.54
C HIS B 87 20.66 20.14 -26.31
N GLY B 88 19.40 20.59 -26.28
CA GLY B 88 18.31 19.66 -26.02
C GLY B 88 18.18 18.58 -27.07
N ALA B 89 18.15 19.00 -28.35
CA ALA B 89 17.86 18.08 -29.44
C ALA B 89 18.98 17.06 -29.62
N ILE B 90 20.23 17.52 -29.65
CA ILE B 90 21.36 16.62 -29.83
C ILE B 90 21.46 15.63 -28.66
N ALA B 91 21.29 16.14 -27.43
CA ALA B 91 21.35 15.27 -26.27
C ALA B 91 20.20 14.26 -26.25
N GLU B 92 19.01 14.65 -26.69
CA GLU B 92 17.91 13.70 -26.71
C GLU B 92 18.14 12.60 -27.74
N ALA B 93 18.62 12.98 -28.94
CA ALA B 93 18.90 11.99 -29.97
C ALA B 93 20.00 11.03 -29.54
N ALA B 94 21.05 11.56 -28.92
CA ALA B 94 22.18 10.73 -28.52
C ALA B 94 21.80 9.76 -27.40
N LEU B 95 20.99 10.21 -26.45
CA LEU B 95 20.47 9.31 -25.42
C LEU B 95 19.54 8.27 -26.04
N GLN B 96 18.75 8.67 -27.04
CA GLN B 96 17.85 7.75 -27.71
C GLN B 96 18.61 6.65 -28.45
N ALA B 97 19.85 6.94 -28.88
CA ALA B 97 20.67 5.98 -29.59
C ALA B 97 21.60 5.20 -28.66
N GLY B 98 21.36 5.24 -27.35
CA GLY B 98 22.14 4.45 -26.43
C GLY B 98 23.55 4.95 -26.20
N LYS B 99 23.78 6.26 -26.32
CA LYS B 99 25.07 6.84 -26.06
C LYS B 99 25.05 7.63 -24.76
N HIS B 100 26.17 7.61 -24.04
CA HIS B 100 26.34 8.51 -22.92
C HIS B 100 26.45 9.94 -23.44
N VAL B 101 25.93 10.89 -22.66
CA VAL B 101 25.98 12.30 -23.03
C VAL B 101 26.61 13.09 -21.89
N VAL B 102 27.64 13.86 -22.22
CA VAL B 102 28.18 14.89 -21.34
C VAL B 102 27.92 16.22 -22.01
N LEU B 103 27.31 17.14 -21.26
CA LEU B 103 26.97 18.44 -21.79
C LEU B 103 27.74 19.52 -21.04
N GLU B 104 28.22 20.50 -21.80
CA GLU B 104 28.57 21.77 -21.21
C GLU B 104 27.28 22.53 -20.93
N TYR B 105 27.22 23.21 -19.79
CA TYR B 105 25.98 23.83 -19.36
C TYR B 105 25.57 24.94 -20.33
N PRO B 106 24.26 25.24 -20.41
CA PRO B 106 23.17 24.62 -19.65
C PRO B 106 22.74 23.26 -20.20
N LEU B 107 22.00 22.49 -19.40
CA LEU B 107 21.45 21.22 -19.89
C LEU B 107 20.54 21.45 -21.09
N ALA B 108 19.55 22.31 -20.93
CA ALA B 108 18.68 22.75 -22.03
C ALA B 108 18.36 24.22 -21.81
N LEU B 109 17.65 24.81 -22.75
CA LEU B 109 17.29 26.21 -22.65
C LEU B 109 15.98 26.45 -21.92
N THR B 110 15.22 25.39 -21.62
CA THR B 110 14.04 25.48 -20.77
C THR B 110 14.08 24.34 -19.77
N TYR B 111 13.43 24.56 -18.62
CA TYR B 111 13.36 23.52 -17.60
C TYR B 111 12.63 22.28 -18.11
N ALA B 112 11.63 22.48 -18.96
CA ALA B 112 10.83 21.37 -19.45
C ALA B 112 11.68 20.39 -20.25
N MET B 113 12.45 20.90 -21.22
CA MET B 113 13.34 20.04 -21.99
C MET B 113 14.38 19.38 -21.10
N GLY B 114 14.80 20.06 -20.03
CA GLY B 114 15.80 19.50 -19.15
C GLY B 114 15.29 18.33 -18.33
N LYS B 115 14.08 18.47 -17.77
CA LYS B 115 13.48 17.35 -17.03
C LYS B 115 13.22 16.17 -17.96
N LYS B 116 12.75 16.46 -19.18
CA LYS B 116 12.56 15.43 -20.19
C LYS B 116 13.85 14.69 -20.50
N LEU B 117 14.96 15.43 -20.61
CA LEU B 117 16.27 14.80 -20.81
C LEU B 117 16.65 13.93 -19.62
N GLN B 118 16.33 14.37 -18.41
CA GLN B 118 16.70 13.59 -17.22
C GLN B 118 15.94 12.28 -17.15
N GLN B 119 14.64 12.31 -17.47
CA GLN B 119 13.84 11.09 -17.44
C GLN B 119 14.24 10.16 -18.58
N LEU B 120 14.58 10.71 -19.75
CA LEU B 120 15.03 9.89 -20.86
C LEU B 120 16.33 9.16 -20.51
N ALA B 121 17.21 9.81 -19.75
CA ALA B 121 18.49 9.21 -19.39
C ALA B 121 18.32 8.14 -18.32
N ARG B 122 17.40 8.34 -17.37
CA ARG B 122 17.16 7.33 -16.34
C ARG B 122 16.56 6.07 -16.95
N GLU B 123 15.53 6.22 -17.78
CA GLU B 123 14.89 5.05 -18.37
C GLU B 123 15.82 4.30 -19.31
N LYS B 124 16.54 5.02 -20.16
CA LYS B 124 17.51 4.39 -21.06
C LYS B 124 18.79 3.99 -20.33
N GLY B 125 18.91 4.29 -19.05
CA GLY B 125 20.00 3.82 -18.21
C GLY B 125 21.38 4.28 -18.63
N LYS B 126 21.52 5.52 -19.03
CA LYS B 126 22.76 6.03 -19.59
C LYS B 126 23.17 7.31 -18.87
N LEU B 127 24.46 7.62 -18.95
CA LEU B 127 25.01 8.78 -18.26
C LEU B 127 24.53 10.08 -18.90
N LEU B 128 23.96 10.96 -18.07
CA LEU B 128 23.71 12.34 -18.46
C LEU B 128 24.40 13.21 -17.41
N HIS B 129 25.55 13.76 -17.78
CA HIS B 129 26.31 14.63 -16.91
C HIS B 129 26.47 15.99 -17.56
N VAL B 130 26.08 17.04 -16.85
CA VAL B 130 26.30 18.41 -17.29
C VAL B 130 27.49 18.97 -16.54
N GLU B 131 28.46 19.50 -17.28
CA GLU B 131 29.65 20.07 -16.69
C GLU B 131 29.34 21.40 -16.02
N HIS B 132 29.87 21.59 -14.82
CA HIS B 132 29.66 22.82 -14.04
C HIS B 132 31.00 23.20 -13.40
N ILE B 133 31.95 23.64 -14.23
CA ILE B 133 33.30 23.94 -13.74
C ILE B 133 33.32 25.06 -12.71
N GLU B 134 32.27 25.88 -12.65
CA GLU B 134 32.27 26.96 -11.66
C GLU B 134 32.25 26.42 -10.24
N LEU B 135 31.74 25.20 -10.05
CA LEU B 135 31.81 24.56 -8.74
C LEU B 135 33.21 24.03 -8.44
N LEU B 136 34.06 23.92 -9.45
CA LEU B 136 35.44 23.50 -9.27
C LEU B 136 36.42 24.67 -9.22
N GLY B 137 35.97 25.88 -9.54
CA GLY B 137 36.85 27.02 -9.60
C GLY B 137 37.40 27.43 -8.25
N GLY B 138 38.39 28.32 -8.30
CA GLY B 138 39.07 28.75 -7.09
C GLY B 138 38.18 29.55 -6.16
N VAL B 139 37.41 30.49 -6.72
CA VAL B 139 36.52 31.32 -5.91
C VAL B 139 35.53 30.46 -5.14
N HIS B 140 34.87 29.52 -5.84
CA HIS B 140 33.87 28.68 -5.18
C HIS B 140 34.51 27.80 -4.12
N GLN B 141 35.71 27.28 -4.39
CA GLN B 141 36.41 26.46 -3.41
C GLN B 141 36.82 27.28 -2.21
N ALA B 142 37.41 28.45 -2.44
CA ALA B 142 37.74 29.35 -1.34
C ALA B 142 36.50 29.72 -0.54
N ILE B 143 35.35 29.81 -1.20
CA ILE B 143 34.10 30.09 -0.49
C ILE B 143 33.74 28.94 0.42
N ARG B 144 33.86 27.71 -0.10
CA ARG B 144 33.51 26.53 0.71
C ARG B 144 34.48 26.33 1.86
N GLN B 145 35.76 26.59 1.63
CA GLN B 145 36.75 26.44 2.71
C GLN B 145 36.55 27.44 3.83
N ASN B 146 35.82 28.53 3.59
CA ASN B 146 35.71 29.60 4.57
C ASN B 146 34.26 29.93 4.94
N LEU B 147 33.29 29.14 4.47
CA LEU B 147 31.91 29.38 4.87
C LEU B 147 31.73 29.28 6.38
N GLY B 148 32.37 28.27 6.99
CA GLY B 148 32.12 27.98 8.40
C GLY B 148 32.41 29.13 9.34
N LYS B 149 33.28 30.07 8.94
CA LYS B 149 33.75 31.13 9.81
C LYS B 149 33.08 32.48 9.54
N ILE B 150 32.00 32.52 8.75
CA ILE B 150 31.20 33.73 8.61
C ILE B 150 29.78 33.56 9.11
N GLY B 151 29.44 32.39 9.66
CA GLY B 151 28.15 32.21 10.30
C GLY B 151 26.99 32.08 9.32
N GLU B 152 25.84 32.59 9.74
CA GLU B 152 24.62 32.50 8.96
C GLU B 152 24.66 33.55 7.85
N VAL B 153 24.82 33.11 6.62
CA VAL B 153 24.86 34.02 5.48
C VAL B 153 23.46 34.54 5.23
N PHE B 154 23.30 35.86 5.23
CA PHE B 154 21.99 36.49 5.05
C PHE B 154 21.89 37.37 3.82
N TYR B 155 23.01 37.79 3.25
CA TYR B 155 23.01 38.69 2.09
C TYR B 155 24.21 38.36 1.22
N ALA B 156 23.92 37.93 -0.01
CA ALA B 156 24.96 37.53 -0.95
C ALA B 156 24.65 38.12 -2.31
N ARG B 157 25.70 38.33 -3.10
CA ARG B 157 25.57 39.01 -4.39
C ARG B 157 26.72 38.58 -5.29
N TYR B 158 26.39 38.10 -6.49
CA TYR B 158 27.37 37.82 -7.53
C TYR B 158 27.08 38.72 -8.73
N SER B 159 28.02 39.61 -9.03
CA SER B 159 27.89 40.58 -10.11
C SER B 159 29.01 40.32 -11.11
N THR B 160 28.63 40.08 -12.38
CA THR B 160 29.58 39.92 -13.47
C THR B 160 29.15 40.82 -14.61
N ILE B 161 30.04 41.72 -15.02
CA ILE B 161 29.80 42.65 -16.11
C ILE B 161 30.98 42.55 -17.05
N MET B 162 30.73 42.12 -18.28
CA MET B 162 31.76 41.99 -19.31
C MET B 162 31.42 42.98 -20.42
N GLY B 163 31.98 44.18 -20.32
CA GLY B 163 31.89 45.13 -21.40
C GLY B 163 32.63 44.65 -22.62
N GLN B 164 32.10 45.00 -23.80
CA GLN B 164 32.68 44.61 -25.06
C GLN B 164 32.14 45.55 -26.13
N ASN B 165 33.05 46.19 -26.86
CA ASN B 165 32.64 47.21 -27.82
C ASN B 165 33.61 47.28 -29.02
N PRO B 166 33.09 47.01 -30.23
CA PRO B 166 31.68 46.68 -30.42
C PRO B 166 31.36 45.23 -30.05
N ALA B 167 30.10 44.97 -29.75
CA ALA B 167 29.68 43.61 -29.45
C ALA B 167 29.73 42.77 -30.70
N PRO B 168 30.38 41.61 -30.68
CA PRO B 168 30.36 40.74 -31.85
C PRO B 168 28.97 40.18 -32.06
N GLN B 169 28.64 39.97 -33.33
CA GLN B 169 27.41 39.28 -33.68
C GLN B 169 27.68 37.78 -33.82
N ARG B 170 28.13 37.22 -32.70
CA ARG B 170 28.38 35.80 -32.49
C ARG B 170 27.22 35.18 -31.72
N TRP B 171 27.30 33.88 -31.49
CA TRP B 171 26.15 33.14 -30.96
C TRP B 171 25.87 33.50 -29.50
N THR B 172 26.89 33.91 -28.74
CA THR B 172 26.66 34.30 -27.35
C THR B 172 25.93 35.64 -27.22
N TYR B 173 25.69 36.34 -28.34
CA TYR B 173 24.92 37.58 -28.36
C TYR B 173 23.63 37.42 -29.16
N HIS B 174 23.18 36.17 -29.37
CA HIS B 174 22.08 35.85 -30.26
C HIS B 174 20.97 35.19 -29.45
N HIS B 175 19.78 35.76 -29.50
CA HIS B 175 18.71 35.40 -28.56
C HIS B 175 18.39 33.90 -28.61
N GLN B 176 18.18 33.35 -29.81
CA GLN B 176 17.79 31.94 -29.90
C GLN B 176 18.95 31.00 -29.65
N GLN B 177 20.13 31.34 -30.15
CA GLN B 177 21.27 30.43 -30.03
C GLN B 177 21.83 30.46 -28.61
N PHE B 178 21.87 31.63 -27.99
CA PHE B 178 22.39 31.78 -26.64
C PHE B 178 21.37 31.34 -25.59
N GLY B 179 20.12 31.71 -25.79
CA GLY B 179 19.09 31.50 -24.78
C GLY B 179 18.95 32.71 -23.88
N PHE B 180 18.02 32.60 -22.94
CA PHE B 180 17.84 33.64 -21.95
C PHE B 180 19.11 33.75 -21.11
N PRO B 181 19.64 34.97 -20.91
CA PRO B 181 20.99 35.11 -20.35
C PRO B 181 21.24 34.38 -19.04
N LEU B 182 20.24 34.28 -18.15
CA LEU B 182 20.49 33.59 -16.89
C LEU B 182 20.40 32.07 -17.02
N VAL B 183 19.74 31.57 -18.07
CA VAL B 183 19.80 30.15 -18.38
C VAL B 183 21.14 29.82 -19.03
N ALA B 184 21.59 30.66 -19.96
CA ALA B 184 22.85 30.40 -20.65
C ALA B 184 24.03 30.50 -19.69
N ALA B 185 24.06 31.53 -18.86
CA ALA B 185 25.06 31.65 -17.79
C ALA B 185 24.54 31.05 -16.48
N LEU B 186 24.03 29.83 -16.58
CA LEU B 186 23.48 29.07 -15.46
C LEU B 186 24.41 29.03 -14.26
N SER B 187 25.71 29.23 -14.50
CA SER B 187 26.72 29.07 -13.45
C SER B 187 26.58 30.11 -12.35
N ARG B 188 26.05 31.30 -12.67
CA ARG B 188 25.84 32.32 -11.64
C ARG B 188 24.87 31.82 -10.58
N ILE B 189 23.70 31.35 -11.01
CA ILE B 189 22.72 30.82 -10.06
C ILE B 189 23.23 29.52 -9.45
N SER B 190 23.96 28.71 -10.23
CA SER B 190 24.40 27.41 -9.73
C SER B 190 25.26 27.52 -8.48
N ARG B 191 26.07 28.58 -8.39
CA ARG B 191 26.90 28.77 -7.20
C ARG B 191 26.04 28.92 -5.95
N PHE B 192 24.92 29.63 -6.07
CA PHE B 192 24.09 29.89 -4.90
C PHE B 192 23.30 28.67 -4.47
N THR B 193 22.73 27.93 -5.42
CA THR B 193 21.95 26.75 -5.05
C THR B 193 22.84 25.63 -4.52
N ASP B 194 24.08 25.55 -5.00
CA ASP B 194 25.01 24.56 -4.45
C ASP B 194 25.32 24.83 -2.99
N LEU B 195 25.48 26.10 -2.63
CA LEU B 195 25.88 26.45 -1.27
C LEU B 195 24.69 26.53 -0.33
N PHE B 196 23.57 27.09 -0.78
CA PHE B 196 22.52 27.52 0.12
C PHE B 196 21.17 26.84 -0.09
N GLY B 197 21.05 25.94 -1.05
CA GLY B 197 19.89 25.06 -1.10
C GLY B 197 18.71 25.52 -1.94
N THR B 198 17.50 25.36 -1.40
CA THR B 198 16.28 25.60 -2.16
C THR B 198 15.92 27.08 -2.18
N VAL B 199 15.48 27.54 -3.36
CA VAL B 199 15.00 28.91 -3.52
C VAL B 199 13.52 28.95 -3.19
N GLN B 200 13.10 30.01 -2.50
CA GLN B 200 11.72 30.20 -2.09
C GLN B 200 10.97 31.23 -2.92
N GLN B 201 11.67 32.23 -3.47
CA GLN B 201 11.05 33.30 -4.23
C GLN B 201 12.00 33.76 -5.31
N VAL B 202 11.45 34.06 -6.49
CA VAL B 202 12.23 34.52 -7.63
C VAL B 202 11.63 35.81 -8.16
N ASP B 203 12.48 36.83 -8.31
CA ASP B 203 12.16 38.04 -9.04
C ASP B 203 13.31 38.32 -10.00
N ALA B 204 12.97 38.77 -11.21
CA ALA B 204 14.02 39.01 -12.19
C ALA B 204 13.54 40.01 -13.23
N GLN B 205 14.48 40.81 -13.72
CA GLN B 205 14.25 41.70 -14.85
C GLN B 205 15.32 41.44 -15.90
N CYS B 206 15.02 41.79 -17.14
CA CYS B 206 15.98 41.59 -18.23
C CYS B 206 15.77 42.66 -19.28
N ARG B 207 16.84 43.40 -19.58
CA ARG B 207 16.81 44.48 -20.55
C ARG B 207 17.82 44.17 -21.64
N PHE B 208 17.39 44.31 -22.89
CA PHE B 208 18.25 44.11 -24.05
C PHE B 208 18.39 45.41 -24.82
N TRP B 209 19.60 45.63 -25.35
CA TRP B 209 19.87 46.65 -26.36
C TRP B 209 20.10 45.92 -27.68
N ASP B 210 19.29 46.24 -28.69
CA ASP B 210 19.29 45.46 -29.93
C ASP B 210 20.30 46.00 -30.93
N GLN B 211 20.89 45.09 -31.70
CA GLN B 211 21.64 45.46 -32.89
C GLN B 211 20.67 45.84 -34.01
N PRO B 212 21.15 46.54 -35.06
CA PRO B 212 20.29 46.86 -36.21
C PRO B 212 19.49 45.65 -36.69
N ASN B 213 20.12 44.47 -36.68
CA ASN B 213 19.42 43.22 -36.78
C ASN B 213 19.12 42.72 -35.37
N PRO B 214 17.88 42.84 -34.89
CA PRO B 214 17.60 42.55 -33.48
C PRO B 214 17.63 41.08 -33.10
N GLU B 215 18.01 40.19 -34.02
CA GLU B 215 18.27 38.81 -33.62
C GLU B 215 19.45 38.74 -32.65
N TYR B 216 20.43 39.62 -32.84
CA TYR B 216 21.50 39.83 -31.89
C TYR B 216 21.19 41.05 -31.03
N PHE B 217 21.57 40.96 -29.75
CA PHE B 217 21.62 42.16 -28.90
C PHE B 217 23.05 42.65 -28.84
N ARG B 218 23.19 43.98 -28.72
CA ARG B 218 24.50 44.57 -28.52
C ARG B 218 24.83 44.76 -27.04
N ALA B 219 23.86 44.54 -26.16
CA ALA B 219 24.06 44.63 -24.71
C ALA B 219 22.86 43.99 -24.03
N CYS B 220 23.09 43.52 -22.79
CA CYS B 220 22.02 42.94 -21.99
C CYS B 220 22.35 43.10 -20.51
N LEU B 221 21.31 43.29 -19.71
CA LEU B 221 21.43 43.40 -18.26
C LEU B 221 20.35 42.51 -17.65
N ALA B 222 20.75 41.34 -17.17
CA ALA B 222 19.85 40.43 -16.49
C ALA B 222 20.13 40.49 -15.00
N THR B 223 19.09 40.75 -14.21
CA THR B 223 19.20 40.85 -12.76
C THR B 223 18.17 39.92 -12.15
N ALA B 224 18.60 39.10 -11.19
CA ALA B 224 17.70 38.21 -10.47
C ALA B 224 17.87 38.41 -8.97
N TYR B 225 16.76 38.44 -8.26
CA TYR B 225 16.75 38.59 -6.81
C TYR B 225 16.12 37.35 -6.20
N LEU B 226 16.92 36.54 -5.52
CA LEU B 226 16.48 35.26 -4.99
C LEU B 226 16.33 35.33 -3.47
N GLN B 227 15.25 34.78 -2.96
CA GLN B 227 15.05 34.59 -1.52
C GLN B 227 15.05 33.10 -1.24
N PHE B 228 16.04 32.63 -0.48
CA PHE B 228 16.21 31.21 -0.23
C PHE B 228 15.38 30.77 0.96
N ASN B 229 15.04 29.47 0.97
CA ASN B 229 14.28 28.89 2.08
C ASN B 229 14.96 29.13 3.42
N ASN B 230 16.29 29.21 3.45
CA ASN B 230 17.04 29.42 4.67
C ASN B 230 17.09 30.89 5.10
N GLY B 231 16.41 31.78 4.37
CA GLY B 231 16.42 33.19 4.68
C GLY B 231 17.43 34.01 3.91
N LEU B 232 18.35 33.37 3.19
CA LEU B 232 19.34 34.12 2.44
C LEU B 232 18.70 34.96 1.35
N LYS B 233 19.17 36.20 1.23
CA LYS B 233 18.80 37.09 0.13
C LYS B 233 20.00 37.18 -0.81
N ALA B 234 19.79 36.78 -2.06
CA ALA B 234 20.86 36.72 -3.05
C ALA B 234 20.52 37.57 -4.27
N GLU B 235 21.54 38.24 -4.80
CA GLU B 235 21.40 39.06 -5.99
C GLU B 235 22.37 38.56 -7.06
N VAL B 236 21.88 38.41 -8.28
CA VAL B 236 22.66 37.90 -9.40
C VAL B 236 22.59 38.91 -10.53
N ILE B 237 23.72 39.49 -10.89
CA ILE B 237 23.79 40.52 -11.93
C ILE B 237 24.65 39.99 -13.06
N TYR B 238 24.07 39.94 -14.26
CA TYR B 238 24.78 39.52 -15.48
C TYR B 238 24.67 40.64 -16.50
N GLY B 239 25.80 41.24 -16.83
CA GLY B 239 25.86 42.31 -17.81
C GLY B 239 26.92 42.03 -18.86
N LYS B 240 26.61 42.38 -20.11
CA LYS B 240 27.53 42.13 -21.21
C LYS B 240 27.17 43.05 -22.36
N GLY B 241 28.19 43.65 -22.98
CA GLY B 241 28.02 44.31 -24.25
C GLY B 241 28.44 45.77 -24.21
N GLU B 242 27.85 46.57 -25.11
CA GLU B 242 28.37 47.88 -25.47
C GLU B 242 28.08 48.95 -24.43
N VAL B 243 26.95 48.85 -23.72
CA VAL B 243 26.57 49.94 -22.80
C VAL B 243 27.39 49.96 -21.52
N PHE B 244 28.20 48.94 -21.27
CA PHE B 244 28.90 48.79 -20.00
C PHE B 244 30.32 49.36 -20.13
N HIS B 245 30.66 50.30 -19.25
CA HIS B 245 31.96 50.96 -19.28
C HIS B 245 32.91 50.49 -18.19
N GLN B 246 32.45 49.70 -17.23
CA GLN B 246 33.32 49.16 -16.18
C GLN B 246 33.00 47.69 -15.96
N ASN B 247 34.01 46.83 -16.13
CA ASN B 247 33.80 45.40 -15.95
C ASN B 247 33.90 45.00 -14.48
N GLU B 248 33.10 43.99 -14.11
CA GLU B 248 33.06 43.49 -12.75
C GLU B 248 33.06 41.96 -12.77
N ARG B 249 33.58 41.38 -11.68
CA ARG B 249 33.38 39.96 -11.37
C ARG B 249 33.55 39.85 -9.84
N ILE B 250 32.48 40.21 -9.13
CA ILE B 250 32.53 40.43 -7.70
C ILE B 250 31.52 39.52 -7.01
N PHE B 251 31.99 38.72 -6.07
CA PHE B 251 31.16 37.82 -5.27
C PHE B 251 31.26 38.25 -3.82
N THR B 252 30.14 38.65 -3.23
CA THR B 252 30.10 39.13 -1.84
C THR B 252 29.17 38.25 -1.01
N LEU B 253 29.65 37.83 0.15
CA LEU B 253 28.87 37.05 1.11
C LEU B 253 28.88 37.79 2.44
N HIS B 254 27.72 38.18 2.93
CA HIS B 254 27.59 38.78 4.26
C HIS B 254 26.98 37.76 5.21
N GLY B 255 27.72 37.40 6.26
CA GLY B 255 27.22 36.55 7.31
C GLY B 255 27.27 37.26 8.65
N ASP B 256 26.61 36.67 9.64
CA ASP B 256 26.55 37.33 10.95
C ASP B 256 27.87 37.20 11.73
N ARG B 257 28.86 36.50 11.17
CA ARG B 257 30.18 36.41 11.77
C ARG B 257 31.28 36.94 10.86
N GLY B 258 30.97 37.32 9.64
CA GLY B 258 31.97 37.87 8.76
C GLY B 258 31.47 38.00 7.35
N THR B 259 32.20 38.79 6.57
CA THR B 259 31.93 38.98 5.16
C THR B 259 33.06 38.38 4.33
N LEU B 260 32.69 37.66 3.28
CA LEU B 260 33.62 37.23 2.25
C LEU B 260 33.42 38.09 1.02
N ILE B 261 34.52 38.56 0.44
CA ILE B 261 34.48 39.33 -0.79
C ILE B 261 35.53 38.78 -1.73
N PHE B 262 35.12 38.46 -2.96
CA PHE B 262 36.03 37.99 -4.00
C PHE B 262 35.94 38.94 -5.19
N VAL B 263 36.97 39.76 -5.35
CA VAL B 263 37.10 40.66 -6.49
C VAL B 263 37.96 39.95 -7.52
N GLY B 264 37.33 39.48 -8.60
CA GLY B 264 38.04 38.62 -9.52
C GLY B 264 38.51 37.37 -8.80
N GLU B 265 39.79 37.05 -8.96
CA GLU B 265 40.41 35.94 -8.26
C GLU B 265 41.02 36.35 -6.93
N THR B 266 40.72 37.56 -6.45
CA THR B 266 41.23 38.08 -5.19
C THR B 266 40.17 37.92 -4.12
N GLY B 267 40.58 37.38 -2.97
CA GLY B 267 39.64 37.08 -1.90
C GLY B 267 40.06 37.71 -0.58
N ARG B 268 39.05 38.04 0.22
CA ARG B 268 39.26 38.65 1.52
C ARG B 268 38.23 38.16 2.52
N LEU B 269 38.69 37.85 3.73
CA LEU B 269 37.80 37.70 4.88
C LEU B 269 37.76 39.03 5.63
N ILE B 270 36.57 39.41 6.07
CA ILE B 270 36.38 40.63 6.84
C ILE B 270 35.56 40.29 8.07
N GLN B 271 36.08 40.62 9.25
CA GLN B 271 35.42 40.33 10.51
C GLN B 271 35.61 41.52 11.44
N GLY B 272 34.51 42.11 11.89
CA GLY B 272 34.61 43.29 12.73
C GLY B 272 35.41 44.40 12.08
N GLN B 273 35.31 44.53 10.76
CA GLN B 273 36.03 45.48 9.90
C GLN B 273 37.49 45.12 9.71
N THR B 274 37.93 43.95 10.17
CA THR B 274 39.34 43.54 10.04
C THR B 274 39.51 42.67 8.81
N GLU B 275 40.32 43.14 7.86
CA GLU B 275 40.46 42.49 6.56
C GLU B 275 41.55 41.43 6.60
N THR B 276 41.21 40.21 6.17
CA THR B 276 42.16 39.11 6.08
C THR B 276 42.24 38.66 4.63
N GLU B 277 43.45 38.45 4.14
CA GLU B 277 43.63 37.93 2.80
C GLU B 277 43.23 36.46 2.76
N ILE B 278 42.43 36.08 1.76
CA ILE B 278 42.01 34.70 1.56
C ILE B 278 42.69 34.18 0.30
N THR B 279 43.49 33.12 0.43
CA THR B 279 44.19 32.56 -0.70
C THR B 279 43.21 31.86 -1.64
N VAL B 280 43.32 32.16 -2.93
CA VAL B 280 42.41 31.67 -3.96
C VAL B 280 43.21 30.85 -4.96
N GLY B 281 42.71 29.66 -5.29
CA GLY B 281 43.39 28.77 -6.21
C GLY B 281 43.71 29.39 -7.55
N SER B 282 44.76 28.87 -8.20
CA SER B 282 45.14 29.38 -9.51
C SER B 282 44.19 28.88 -10.58
N ARG B 283 44.25 29.52 -11.74
CA ARG B 283 43.35 29.22 -12.86
C ARG B 283 43.71 27.86 -13.44
N ARG B 284 42.97 26.84 -13.02
CA ARG B 284 43.07 25.51 -13.62
C ARG B 284 41.98 25.49 -14.70
N GLY B 285 41.92 24.52 -15.61
CA GLY B 285 42.49 23.19 -15.53
C GLY B 285 41.25 22.34 -15.40
N LEU B 286 40.12 23.04 -15.51
CA LEU B 286 38.83 22.56 -15.02
C LEU B 286 38.15 21.60 -15.99
N PHE B 287 38.19 21.90 -17.29
CA PHE B 287 37.64 20.95 -18.27
C PHE B 287 38.36 19.62 -18.18
N ARG B 288 39.67 19.65 -17.95
CA ARG B 288 40.41 18.42 -17.68
C ARG B 288 39.87 17.74 -16.42
N GLN B 289 39.66 18.52 -15.36
CA GLN B 289 39.13 17.95 -14.12
C GLN B 289 37.76 17.33 -14.36
N ASP B 290 36.90 18.00 -15.13
CA ASP B 290 35.59 17.43 -15.45
C ASP B 290 35.72 16.20 -16.34
N THR B 291 36.60 16.27 -17.35
CA THR B 291 36.82 15.11 -18.22
C THR B 291 37.27 13.90 -17.40
N GLU B 292 38.25 14.10 -16.52
CA GLU B 292 38.77 13.00 -15.72
C GLU B 292 37.75 12.52 -14.71
N ALA B 293 36.88 13.40 -14.23
CA ALA B 293 35.80 12.95 -13.35
C ALA B 293 34.79 12.08 -14.09
N VAL B 294 34.57 12.36 -15.38
CA VAL B 294 33.66 11.54 -16.17
C VAL B 294 34.25 10.15 -16.39
N LEU B 295 35.53 10.08 -16.73
CA LEU B 295 36.15 8.78 -16.96
C LEU B 295 36.36 8.02 -15.65
N ASP B 296 36.69 8.74 -14.57
CA ASP B 296 36.72 8.10 -13.27
C ASP B 296 35.36 7.54 -12.90
N TYR B 297 34.29 8.19 -13.31
CA TYR B 297 32.97 7.67 -12.98
C TYR B 297 32.60 6.49 -13.87
N LEU B 298 32.91 6.57 -15.16
CA LEU B 298 32.53 5.50 -16.09
C LEU B 298 33.27 4.21 -15.78
N THR B 299 34.58 4.30 -15.56
CA THR B 299 35.42 3.14 -15.34
C THR B 299 35.45 2.67 -13.89
N THR B 300 34.96 3.48 -12.95
CA THR B 300 35.11 3.16 -11.53
C THR B 300 33.85 3.35 -10.69
N GLY B 301 32.93 4.23 -11.07
CA GLY B 301 31.75 4.49 -10.28
C GLY B 301 31.90 5.61 -9.27
N LYS B 302 33.06 6.25 -9.23
CA LYS B 302 33.31 7.37 -8.34
C LYS B 302 32.27 8.46 -8.56
N PRO B 303 31.54 8.90 -7.53
CA PRO B 303 30.49 9.90 -7.72
C PRO B 303 31.03 11.19 -8.31
N LEU B 304 30.32 11.72 -9.30
CA LEU B 304 30.73 12.97 -9.93
C LEU B 304 30.60 14.12 -8.95
N TYR B 305 31.39 15.17 -9.19
CA TYR B 305 31.41 16.31 -8.27
C TYR B 305 30.08 17.04 -8.25
N VAL B 306 29.36 17.06 -9.36
CA VAL B 306 28.00 17.55 -9.43
C VAL B 306 27.12 16.40 -9.90
N ASP B 307 25.89 16.37 -9.44
CA ASP B 307 24.92 15.41 -9.96
C ASP B 307 23.85 16.15 -10.74
N LEU B 308 23.26 15.43 -11.71
CA LEU B 308 22.35 16.03 -12.67
C LEU B 308 21.17 16.71 -12.00
N GLU B 309 20.73 16.20 -10.85
CA GLU B 309 19.61 16.82 -10.15
C GLU B 309 19.92 18.27 -9.79
N ALA B 310 21.15 18.54 -9.33
CA ALA B 310 21.54 19.91 -9.02
C ALA B 310 21.60 20.78 -10.28
N SER B 311 22.03 20.20 -11.40
CA SER B 311 22.06 20.94 -12.65
C SER B 311 20.64 21.27 -13.11
N LEU B 312 19.73 20.30 -13.01
CA LEU B 312 18.35 20.54 -13.41
C LEU B 312 17.70 21.61 -12.54
N TYR B 313 18.07 21.69 -11.26
CA TYR B 313 17.44 22.66 -10.38
C TYR B 313 17.93 24.07 -10.63
N ALA B 314 19.23 24.22 -10.94
CA ALA B 314 19.72 25.52 -11.38
C ALA B 314 18.97 25.98 -12.62
N LEU B 315 18.76 25.06 -13.56
CA LEU B 315 17.96 25.37 -14.74
C LEU B 315 16.55 25.78 -14.35
N GLU B 316 15.95 25.10 -13.38
CA GLU B 316 14.59 25.44 -12.96
C GLU B 316 14.52 26.84 -12.37
N VAL B 317 15.52 27.23 -11.57
CA VAL B 317 15.53 28.57 -11.00
C VAL B 317 15.74 29.62 -12.08
N ALA B 318 16.68 29.35 -13.00
CA ALA B 318 16.88 30.26 -14.12
C ALA B 318 15.67 30.30 -15.03
N ASP B 319 15.01 29.15 -15.22
CA ASP B 319 13.76 29.13 -15.98
C ASP B 319 12.70 30.01 -15.33
N LEU B 320 12.60 29.96 -14.00
CA LEU B 320 11.67 30.83 -13.29
C LEU B 320 12.05 32.29 -13.49
N CYS B 321 13.35 32.59 -13.57
CA CYS B 321 13.78 33.95 -13.87
C CYS B 321 13.31 34.39 -15.24
N ALA B 322 13.42 33.51 -16.24
CA ALA B 322 12.94 33.84 -17.58
C ALA B 322 11.44 34.14 -17.57
N GLN B 323 10.69 33.40 -16.76
CA GLN B 323 9.25 33.63 -16.69
C GLN B 323 8.94 34.98 -16.05
N ALA B 324 9.68 35.36 -15.00
CA ALA B 324 9.42 36.61 -14.32
C ALA B 324 9.65 37.82 -15.24
N CYS B 325 10.47 37.67 -16.26
CA CYS B 325 10.68 38.71 -17.26
C CYS B 325 9.69 38.63 -18.42
N GLY B 326 8.84 37.59 -18.45
CA GLY B 326 7.96 37.34 -19.56
C GLY B 326 8.56 36.50 -20.67
N TYR B 327 9.89 36.35 -20.68
CA TYR B 327 10.64 35.68 -21.73
C TYR B 327 10.02 34.36 -22.14
N LYS B 328 10.10 34.05 -23.42
CA LYS B 328 9.64 32.77 -23.95
C LYS B 328 10.22 32.52 -25.34
N THR C 12 -13.99 -8.49 14.65
CA THR C 12 -13.78 -7.45 13.63
C THR C 12 -13.84 -8.06 12.23
N PRO C 13 -14.60 -7.43 11.33
CA PRO C 13 -15.35 -6.18 11.55
C PRO C 13 -16.58 -6.35 12.43
N VAL C 14 -16.86 -5.34 13.26
CA VAL C 14 -17.99 -5.40 14.17
C VAL C 14 -19.27 -5.30 13.34
N ARG C 15 -20.00 -6.40 13.23
CA ARG C 15 -21.23 -6.44 12.44
C ARG C 15 -22.37 -5.80 13.23
N VAL C 16 -23.11 -4.90 12.58
CA VAL C 16 -24.01 -3.97 13.26
C VAL C 16 -25.39 -4.02 12.62
N GLY C 17 -26.42 -4.09 13.46
CA GLY C 17 -27.80 -3.89 13.03
C GLY C 17 -28.38 -2.68 13.73
N ILE C 18 -29.08 -1.84 12.97
CA ILE C 18 -29.57 -0.56 13.45
C ILE C 18 -31.07 -0.64 13.68
N VAL C 19 -31.50 -0.40 14.92
CA VAL C 19 -32.92 -0.30 15.23
C VAL C 19 -33.32 1.17 15.13
N GLY C 20 -34.13 1.49 14.13
CA GLY C 20 -34.51 2.87 13.87
C GLY C 20 -34.03 3.34 12.52
N THR C 21 -34.68 4.35 11.95
CA THR C 21 -34.28 4.89 10.65
C THR C 21 -34.24 6.42 10.64
N GLY C 22 -34.32 7.07 11.78
CA GLY C 22 -34.41 8.51 11.86
C GLY C 22 -33.06 9.20 11.88
N TYR C 23 -33.03 10.38 12.50
CA TYR C 23 -31.81 11.20 12.47
C TYR C 23 -30.64 10.46 13.09
N ALA C 24 -30.78 10.03 14.35
CA ALA C 24 -29.71 9.34 15.04
C ALA C 24 -29.31 8.05 14.32
N ALA C 25 -30.28 7.39 13.68
CA ALA C 25 -29.98 6.14 12.97
C ALA C 25 -29.18 6.42 11.70
N GLN C 26 -29.58 7.43 10.93
CA GLN C 26 -28.90 7.70 9.67
C GLN C 26 -27.47 8.16 9.89
N ARG C 27 -27.21 8.91 10.97
CA ARG C 27 -25.85 9.31 11.28
C ARG C 27 -24.98 8.10 11.61
N ARG C 28 -25.52 7.20 12.43
CA ARG C 28 -24.79 5.97 12.78
C ARG C 28 -24.44 5.17 11.54
N ALA C 29 -25.42 4.94 10.66
CA ALA C 29 -25.18 4.19 9.43
C ALA C 29 -24.03 4.78 8.63
N GLU C 30 -23.99 6.11 8.55
CA GLU C 30 -22.91 6.78 7.81
C GLU C 30 -21.54 6.38 8.35
N VAL C 31 -21.30 6.61 9.64
CA VAL C 31 -20.00 6.31 10.23
C VAL C 31 -19.72 4.81 10.19
N PHE C 32 -20.74 3.98 10.47
CA PHE C 32 -20.55 2.55 10.54
C PHE C 32 -20.05 1.98 9.23
N ARG C 33 -20.67 2.39 8.12
CA ARG C 33 -20.19 1.98 6.80
C ARG C 33 -18.79 2.54 6.54
N GLY C 34 -18.63 3.86 6.71
CA GLY C 34 -17.39 4.52 6.37
C GLY C 34 -16.20 4.05 7.18
N ASP C 35 -16.43 3.43 8.33
CA ASP C 35 -15.33 2.91 9.14
C ASP C 35 -14.94 1.52 8.66
N ARG C 36 -13.64 1.24 8.69
CA ARG C 36 -13.17 -0.09 8.33
C ARG C 36 -13.51 -1.12 9.39
N ARG C 37 -13.58 -0.70 10.66
CA ARG C 37 -13.75 -1.63 11.77
C ARG C 37 -15.16 -2.15 11.93
N SER C 38 -16.12 -1.63 11.17
CA SER C 38 -17.52 -2.00 11.37
C SER C 38 -18.20 -2.28 10.05
N GLN C 39 -19.27 -3.06 10.11
CA GLN C 39 -20.05 -3.44 8.94
C GLN C 39 -21.54 -3.34 9.29
N LEU C 40 -22.28 -2.59 8.48
CA LEU C 40 -23.72 -2.46 8.66
C LEU C 40 -24.41 -3.62 7.97
N VAL C 41 -25.11 -4.46 8.74
CA VAL C 41 -25.67 -5.69 8.20
C VAL C 41 -27.17 -5.57 7.99
N SER C 42 -27.90 -5.17 9.03
CA SER C 42 -29.36 -5.14 8.98
C SER C 42 -29.88 -3.89 9.68
N PHE C 43 -31.17 -3.63 9.49
CA PHE C 43 -31.85 -2.54 10.18
C PHE C 43 -33.34 -2.85 10.22
N TRP C 44 -34.02 -2.24 11.18
CA TRP C 44 -35.47 -2.36 11.31
C TRP C 44 -36.06 -0.97 11.48
N GLY C 45 -37.08 -0.67 10.68
CA GLY C 45 -37.69 0.64 10.72
C GLY C 45 -39.14 0.63 11.17
N ASN C 46 -39.91 1.65 10.81
CA ASN C 46 -41.31 1.78 11.16
C ASN C 46 -42.19 1.96 9.94
N SER C 47 -42.40 3.18 9.49
CA SER C 47 -43.15 3.40 8.26
C SER C 47 -42.44 2.75 7.08
N GLU C 48 -43.23 2.31 6.10
CA GLU C 48 -42.67 1.75 4.88
C GLU C 48 -41.86 2.79 4.12
N ALA C 49 -42.37 4.03 4.05
CA ALA C 49 -41.74 5.06 3.25
C ALA C 49 -40.28 5.28 3.65
N ASN C 50 -40.03 5.38 4.95
CA ASN C 50 -38.68 5.66 5.44
C ASN C 50 -37.87 4.40 5.70
N THR C 51 -38.51 3.23 5.75
CA THR C 51 -37.74 1.98 5.69
C THR C 51 -37.17 1.77 4.31
N ALA C 52 -37.93 2.12 3.27
CA ALA C 52 -37.41 2.07 1.91
C ALA C 52 -36.29 3.09 1.70
N LYS C 53 -36.49 4.33 2.16
CA LYS C 53 -35.48 5.37 1.98
C LYS C 53 -34.19 4.99 2.70
N PHE C 54 -34.30 4.55 3.95
CA PHE C 54 -33.12 4.12 4.70
C PHE C 54 -32.44 2.95 4.00
N ALA C 55 -33.23 2.02 3.46
CA ALA C 55 -32.64 0.86 2.78
C ALA C 55 -31.91 1.29 1.52
N ASP C 56 -32.51 2.20 0.73
CA ASP C 56 -31.86 2.65 -0.49
C ASP C 56 -30.57 3.40 -0.17
N THR C 57 -30.59 4.31 0.79
CA THR C 57 -29.45 5.20 1.01
C THR C 57 -28.20 4.43 1.41
N PHE C 58 -28.33 3.45 2.29
CA PHE C 58 -27.18 2.80 2.90
C PHE C 58 -26.93 1.39 2.39
N GLY C 59 -27.71 0.91 1.44
CA GLY C 59 -27.47 -0.41 0.86
C GLY C 59 -27.56 -1.53 1.87
N VAL C 60 -28.69 -1.61 2.57
CA VAL C 60 -28.88 -2.57 3.64
C VAL C 60 -30.35 -2.96 3.67
N ARG C 61 -30.62 -4.28 3.98
CA ARG C 61 -32.00 -4.76 3.82
C ARG C 61 -32.73 -4.88 5.15
N PRO C 62 -34.01 -4.52 5.19
CA PRO C 62 -34.71 -4.39 6.49
C PRO C 62 -35.18 -5.73 7.04
N GLN C 63 -35.00 -5.90 8.35
CA GLN C 63 -35.55 -7.05 9.05
C GLN C 63 -37.05 -6.86 9.28
N GLN C 64 -37.79 -7.98 9.26
CA GLN C 64 -39.24 -7.91 9.40
C GLN C 64 -39.64 -7.36 10.77
N SER C 65 -38.88 -7.65 11.80
CA SER C 65 -39.18 -7.22 13.16
C SER C 65 -37.87 -6.93 13.88
N TRP C 66 -37.95 -6.08 14.92
CA TRP C 66 -36.75 -5.87 15.73
C TRP C 66 -36.36 -7.14 16.48
N GLN C 67 -37.31 -8.05 16.71
CA GLN C 67 -36.96 -9.33 17.31
C GLN C 67 -36.15 -10.19 16.35
N ALA C 68 -36.56 -10.23 15.08
CA ALA C 68 -35.76 -10.92 14.07
C ALA C 68 -34.38 -10.27 13.91
N LEU C 69 -34.30 -8.95 14.11
CA LEU C 69 -33.01 -8.28 13.98
C LEU C 69 -32.06 -8.72 15.09
N ILE C 70 -32.52 -8.68 16.35
CA ILE C 70 -31.62 -8.90 17.47
C ILE C 70 -31.25 -10.36 17.67
N ASN C 71 -32.06 -11.30 17.17
CA ASN C 71 -31.72 -12.71 17.26
C ASN C 71 -30.87 -13.20 16.09
N ASP C 72 -30.70 -12.39 15.06
CA ASP C 72 -29.87 -12.69 13.90
C ASP C 72 -28.45 -13.04 14.36
N PRO C 73 -27.96 -14.25 14.06
CA PRO C 73 -26.59 -14.58 14.46
C PRO C 73 -25.53 -13.82 13.67
N GLU C 74 -25.87 -13.22 12.53
CA GLU C 74 -24.86 -12.58 11.69
C GLU C 74 -24.53 -11.15 12.12
N ILE C 75 -24.93 -10.74 13.33
CA ILE C 75 -24.57 -9.43 13.86
C ILE C 75 -24.03 -9.59 15.29
N ASP C 76 -23.12 -8.70 15.65
CA ASP C 76 -22.50 -8.71 16.98
C ASP C 76 -22.96 -7.58 17.87
N LEU C 77 -23.62 -6.56 17.33
CA LEU C 77 -23.96 -5.38 18.12
C LEU C 77 -25.24 -4.75 17.57
N VAL C 78 -26.17 -4.45 18.46
CA VAL C 78 -27.42 -3.77 18.12
C VAL C 78 -27.29 -2.32 18.53
N LEU C 79 -27.58 -1.41 17.60
CA LEU C 79 -27.66 0.02 17.90
C LEU C 79 -29.13 0.42 17.94
N ILE C 80 -29.56 0.93 19.08
CA ILE C 80 -30.97 1.23 19.33
C ILE C 80 -31.14 2.74 19.18
N ALA C 81 -31.71 3.15 18.05
CA ALA C 81 -32.01 4.55 17.75
C ALA C 81 -33.49 4.69 17.37
N THR C 82 -34.36 4.03 18.12
CA THR C 82 -35.79 4.10 17.90
C THR C 82 -36.45 4.83 19.06
N ILE C 83 -37.79 4.82 19.07
CA ILE C 83 -38.54 5.58 20.06
C ILE C 83 -38.22 5.11 21.48
N ASN C 84 -38.38 6.02 22.44
CA ASN C 84 -37.92 5.77 23.81
C ASN C 84 -38.61 4.57 24.44
N GLN C 85 -39.91 4.40 24.16
CA GLN C 85 -40.67 3.33 24.80
C GLN C 85 -40.07 1.96 24.53
N LEU C 86 -39.48 1.78 23.35
CA LEU C 86 -38.96 0.47 22.95
C LEU C 86 -37.53 0.24 23.40
N HIS C 87 -36.88 1.24 24.01
CA HIS C 87 -35.48 1.10 24.37
C HIS C 87 -35.26 -0.04 25.35
N GLY C 88 -36.06 -0.09 26.41
CA GLY C 88 -35.89 -1.09 27.44
C GLY C 88 -36.01 -2.51 26.93
N ALA C 89 -37.12 -2.82 26.26
CA ALA C 89 -37.38 -4.18 25.81
C ALA C 89 -36.31 -4.66 24.82
N ILE C 90 -35.98 -3.81 23.83
CA ILE C 90 -35.02 -4.23 22.80
C ILE C 90 -33.63 -4.42 23.40
N ALA C 91 -33.22 -3.52 24.30
CA ALA C 91 -31.92 -3.68 24.95
C ALA C 91 -31.89 -4.95 25.79
N GLU C 92 -33.02 -5.30 26.40
CA GLU C 92 -33.07 -6.54 27.20
C GLU C 92 -32.95 -7.76 26.31
N ALA C 93 -33.76 -7.82 25.24
CA ALA C 93 -33.72 -8.98 24.35
C ALA C 93 -32.34 -9.12 23.71
N ALA C 94 -31.78 -8.02 23.20
CA ALA C 94 -30.51 -8.09 22.47
C ALA C 94 -29.36 -8.53 23.39
N LEU C 95 -29.37 -8.07 24.64
CA LEU C 95 -28.37 -8.53 25.59
C LEU C 95 -28.53 -10.02 25.88
N GLN C 96 -29.77 -10.48 26.03
CA GLN C 96 -30.02 -11.89 26.29
C GLN C 96 -29.49 -12.76 25.16
N ALA C 97 -29.66 -12.31 23.91
CA ALA C 97 -29.12 -13.00 22.73
C ALA C 97 -27.62 -12.78 22.57
N GLY C 98 -26.95 -12.16 23.54
CA GLY C 98 -25.51 -12.05 23.52
C GLY C 98 -24.95 -10.96 22.64
N LYS C 99 -25.73 -9.94 22.31
CA LYS C 99 -25.26 -8.86 21.46
C LYS C 99 -24.78 -7.69 22.29
N HIS C 100 -23.71 -7.04 21.81
CA HIS C 100 -23.36 -5.73 22.33
C HIS C 100 -24.49 -4.76 22.04
N VAL C 101 -24.78 -3.88 22.99
CA VAL C 101 -25.91 -2.95 22.86
C VAL C 101 -25.39 -1.53 23.04
N VAL C 102 -25.65 -0.68 22.05
CA VAL C 102 -25.42 0.76 22.14
C VAL C 102 -26.75 1.46 21.96
N LEU C 103 -27.09 2.32 22.92
CA LEU C 103 -28.34 3.06 22.89
C LEU C 103 -28.08 4.55 22.73
N GLU C 104 -29.04 5.23 22.11
CA GLU C 104 -29.17 6.66 22.28
C GLU C 104 -30.00 6.90 23.54
N TYR C 105 -29.68 7.95 24.27
CA TYR C 105 -30.35 8.18 25.56
C TYR C 105 -31.84 8.47 25.35
N PRO C 106 -32.68 8.12 26.34
CA PRO C 106 -32.30 7.49 27.62
C PRO C 106 -32.07 5.99 27.51
N LEU C 107 -31.37 5.44 28.51
CA LEU C 107 -31.19 3.99 28.62
C LEU C 107 -32.53 3.28 28.57
N ALA C 108 -33.43 3.64 29.49
CA ALA C 108 -34.81 3.16 29.46
C ALA C 108 -35.69 4.27 30.02
N LEU C 109 -36.97 3.98 30.20
CA LEU C 109 -37.89 4.99 30.65
C LEU C 109 -38.15 4.96 32.15
N THR C 110 -37.61 3.97 32.86
CA THR C 110 -37.68 3.92 34.31
C THR C 110 -36.32 3.52 34.86
N TYR C 111 -36.01 3.99 36.06
CA TYR C 111 -34.75 3.61 36.70
C TYR C 111 -34.65 2.11 36.87
N ALA C 112 -35.70 1.48 37.39
CA ALA C 112 -35.68 0.05 37.67
C ALA C 112 -35.28 -0.75 36.43
N MET C 113 -35.89 -0.43 35.28
CA MET C 113 -35.57 -1.15 34.05
C MET C 113 -34.11 -0.95 33.66
N GLY C 114 -33.61 0.29 33.80
CA GLY C 114 -32.21 0.55 33.49
C GLY C 114 -31.26 -0.18 34.42
N LYS C 115 -31.63 -0.33 35.69
CA LYS C 115 -30.81 -1.10 36.61
C LYS C 115 -30.78 -2.57 36.19
N LYS C 116 -31.92 -3.09 35.76
CA LYS C 116 -31.98 -4.47 35.25
C LYS C 116 -31.02 -4.67 34.08
N LEU C 117 -31.00 -3.72 33.14
CA LEU C 117 -30.16 -3.87 31.95
C LEU C 117 -28.67 -3.80 32.30
N GLN C 118 -28.33 -2.97 33.28
CA GLN C 118 -26.93 -2.86 33.70
C GLN C 118 -26.41 -4.22 34.17
N GLN C 119 -27.29 -4.86 35.04
CA GLN C 119 -27.06 -6.22 35.53
C GLN C 119 -26.98 -7.22 34.41
N LEU C 120 -27.94 -7.28 33.63
CA LEU C 120 -28.09 -8.24 32.55
C LEU C 120 -26.86 -8.22 31.64
N ALA C 121 -26.45 -7.02 31.21
CA ALA C 121 -25.26 -6.90 30.38
C ALA C 121 -24.00 -7.32 31.11
N ARG C 122 -23.90 -7.07 32.42
CA ARG C 122 -22.69 -7.47 33.14
C ARG C 122 -22.58 -8.98 33.24
N GLU C 123 -23.67 -9.52 33.61
CA GLU C 123 -23.69 -10.96 33.69
C GLU C 123 -23.36 -11.61 32.38
N LYS C 124 -23.92 -11.24 31.21
CA LYS C 124 -23.66 -11.72 29.86
C LYS C 124 -22.35 -11.18 29.29
N GLY C 125 -21.64 -10.34 30.04
CA GLY C 125 -20.33 -9.88 29.63
C GLY C 125 -20.32 -9.07 28.34
N LYS C 126 -21.36 -8.28 28.11
CA LYS C 126 -21.49 -7.51 26.88
C LYS C 126 -21.43 -6.02 27.18
N LEU C 127 -21.06 -5.26 26.14
CA LEU C 127 -21.02 -3.82 26.25
C LEU C 127 -22.43 -3.24 26.24
N LEU C 128 -22.75 -2.49 27.28
CA LEU C 128 -23.97 -1.69 27.35
C LEU C 128 -23.56 -0.23 27.48
N HIS C 129 -23.71 0.53 26.40
CA HIS C 129 -23.28 1.91 26.35
C HIS C 129 -24.42 2.79 25.89
N VAL C 130 -24.62 3.90 26.61
CA VAL C 130 -25.61 4.90 26.24
C VAL C 130 -24.87 6.12 25.72
N GLU C 131 -25.25 6.57 24.53
CA GLU C 131 -24.64 7.75 23.94
C GLU C 131 -25.11 9.01 24.67
N HIS C 132 -24.18 9.95 24.89
CA HIS C 132 -24.45 11.20 25.59
C HIS C 132 -23.67 12.33 24.90
N ILE C 133 -24.16 12.75 23.73
CA ILE C 133 -23.44 13.74 22.94
C ILE C 133 -23.37 15.11 23.62
N GLU C 134 -24.29 15.39 24.55
CA GLU C 134 -24.23 16.67 25.27
C GLU C 134 -22.93 16.84 26.00
N LEU C 135 -22.26 15.74 26.37
CA LEU C 135 -20.97 15.79 27.01
C LEU C 135 -19.81 15.91 26.03
N LEU C 136 -20.08 15.77 24.73
CA LEU C 136 -19.06 16.01 23.71
C LEU C 136 -19.18 17.39 23.07
N GLY C 137 -20.24 18.14 23.40
CA GLY C 137 -20.48 19.41 22.75
C GLY C 137 -19.63 20.53 23.33
N GLY C 138 -19.50 21.58 22.53
CA GLY C 138 -18.62 22.68 22.90
C GLY C 138 -18.99 23.33 24.21
N VAL C 139 -20.31 23.47 24.46
CA VAL C 139 -20.76 24.15 25.67
C VAL C 139 -20.29 23.41 26.91
N HIS C 140 -20.51 22.10 26.97
CA HIS C 140 -20.12 21.34 28.16
C HIS C 140 -18.61 21.29 28.32
N GLN C 141 -17.88 21.15 27.21
CA GLN C 141 -16.42 21.20 27.29
C GLN C 141 -15.95 22.58 27.75
N ALA C 142 -16.56 23.64 27.21
CA ALA C 142 -16.18 24.99 27.60
C ALA C 142 -16.46 25.23 29.08
N ILE C 143 -17.56 24.68 29.60
CA ILE C 143 -17.81 24.75 31.03
C ILE C 143 -16.75 23.96 31.78
N ARG C 144 -16.43 22.75 31.30
CA ARG C 144 -15.41 21.94 31.97
C ARG C 144 -14.05 22.64 31.92
N GLN C 145 -13.75 23.32 30.81
CA GLN C 145 -12.46 23.99 30.69
C GLN C 145 -12.36 25.25 31.54
N ASN C 146 -13.49 25.83 31.97
CA ASN C 146 -13.50 27.07 32.73
C ASN C 146 -14.11 26.95 34.12
N LEU C 147 -14.49 25.75 34.56
CA LEU C 147 -15.17 25.62 35.84
C LEU C 147 -14.28 25.99 37.02
N GLY C 148 -12.95 25.92 36.84
CA GLY C 148 -12.05 26.20 37.95
C GLY C 148 -12.03 27.65 38.37
N LYS C 149 -12.30 28.57 37.43
CA LYS C 149 -12.11 29.99 37.68
C LYS C 149 -13.23 30.62 38.51
N ILE C 150 -14.43 30.02 38.52
CA ILE C 150 -15.57 30.66 39.18
C ILE C 150 -15.77 30.17 40.61
N GLY C 151 -14.88 29.32 41.13
CA GLY C 151 -14.91 28.94 42.53
C GLY C 151 -15.95 27.90 42.89
N GLU C 152 -16.59 28.06 44.05
CA GLU C 152 -17.66 27.16 44.46
C GLU C 152 -18.93 27.57 43.74
N VAL C 153 -19.40 26.72 42.83
CA VAL C 153 -20.69 26.94 42.20
C VAL C 153 -21.80 26.73 43.22
N PHE C 154 -22.65 27.74 43.39
CA PHE C 154 -23.73 27.68 44.35
C PHE C 154 -25.11 27.83 43.73
N TYR C 155 -25.21 28.26 42.48
CA TYR C 155 -26.51 28.44 41.85
C TYR C 155 -26.36 28.23 40.36
N ALA C 156 -27.02 27.21 39.83
CA ALA C 156 -26.93 26.85 38.43
C ALA C 156 -28.33 26.66 37.86
N ARG C 157 -28.51 27.07 36.61
CA ARG C 157 -29.77 26.94 35.92
C ARG C 157 -29.50 26.55 34.48
N TYR C 158 -30.25 25.57 33.98
CA TYR C 158 -30.23 25.21 32.57
C TYR C 158 -31.66 25.22 32.06
N SER C 159 -31.93 26.14 31.13
CA SER C 159 -33.26 26.33 30.56
C SER C 159 -33.22 26.06 29.07
N THR C 160 -34.05 25.12 28.62
CA THR C 160 -34.22 24.84 27.21
C THR C 160 -35.70 24.91 26.87
N ILE C 161 -36.07 25.86 26.03
CA ILE C 161 -37.45 26.04 25.61
C ILE C 161 -37.48 25.99 24.09
N MET C 162 -38.23 25.08 23.48
CA MET C 162 -38.31 24.84 22.05
C MET C 162 -39.77 24.98 21.70
N GLY C 163 -40.14 26.14 21.29
CA GLY C 163 -41.50 26.37 20.85
C GLY C 163 -41.74 25.83 19.45
N GLN C 164 -42.98 25.40 19.21
CA GLN C 164 -43.36 24.87 17.89
C GLN C 164 -44.87 24.91 17.75
N ASN C 165 -45.35 25.61 16.72
CA ASN C 165 -46.77 25.73 16.46
C ASN C 165 -47.02 25.61 14.96
N PRO C 166 -47.81 24.60 14.54
CA PRO C 166 -48.47 23.61 15.39
C PRO C 166 -47.53 22.53 15.90
N ALA C 167 -47.89 21.90 17.00
CA ALA C 167 -47.08 20.81 17.53
C ALA C 167 -47.30 19.55 16.71
N PRO C 168 -46.24 18.92 16.20
CA PRO C 168 -46.44 17.72 15.39
C PRO C 168 -46.95 16.57 16.25
N GLN C 169 -47.95 15.86 15.71
CA GLN C 169 -48.43 14.63 16.35
C GLN C 169 -47.46 13.50 16.03
N ARG C 170 -46.29 13.60 16.65
CA ARG C 170 -45.17 12.71 16.43
C ARG C 170 -44.79 12.02 17.73
N TRP C 171 -43.81 11.12 17.65
CA TRP C 171 -43.48 10.30 18.82
C TRP C 171 -42.89 11.13 19.95
N THR C 172 -42.26 12.26 19.63
CA THR C 172 -41.70 13.11 20.68
C THR C 172 -42.77 13.88 21.45
N TYR C 173 -44.00 13.93 20.95
CA TYR C 173 -45.11 14.56 21.66
C TYR C 173 -46.12 13.51 22.13
N HIS C 174 -45.72 12.24 22.21
CA HIS C 174 -46.59 11.14 22.57
C HIS C 174 -46.19 10.66 23.97
N HIS C 175 -47.13 10.74 24.91
CA HIS C 175 -46.84 10.39 26.30
C HIS C 175 -46.24 8.98 26.41
N GLN C 176 -46.86 8.01 25.74
CA GLN C 176 -46.36 6.64 25.81
C GLN C 176 -44.99 6.51 25.16
N GLN C 177 -44.85 6.98 23.92
CA GLN C 177 -43.63 6.74 23.16
C GLN C 177 -42.49 7.64 23.61
N PHE C 178 -42.79 8.88 24.01
CA PHE C 178 -41.73 9.79 24.44
C PHE C 178 -41.34 9.54 25.89
N GLY C 179 -42.31 9.27 26.76
CA GLY C 179 -42.04 9.10 28.17
C GLY C 179 -42.04 10.42 28.92
N PHE C 180 -41.69 10.34 30.20
CA PHE C 180 -41.62 11.54 31.02
C PHE C 180 -40.60 12.49 30.43
N PRO C 181 -40.95 13.76 30.17
CA PRO C 181 -40.02 14.65 29.44
C PRO C 181 -38.63 14.75 30.04
N LEU C 182 -38.51 14.76 31.37
CA LEU C 182 -37.17 14.87 31.96
C LEU C 182 -36.40 13.55 31.87
N VAL C 183 -37.09 12.44 31.65
CA VAL C 183 -36.40 11.18 31.37
C VAL C 183 -36.04 11.07 29.90
N ALA C 184 -36.91 11.56 29.01
CA ALA C 184 -36.62 11.52 27.59
C ALA C 184 -35.50 12.49 27.22
N ALA C 185 -35.56 13.71 27.75
CA ALA C 185 -34.48 14.68 27.57
C ALA C 185 -33.45 14.57 28.69
N LEU C 186 -32.96 13.35 28.89
CA LEU C 186 -32.10 13.02 30.01
C LEU C 186 -30.85 13.87 30.07
N SER C 187 -30.47 14.50 28.96
CA SER C 187 -29.20 15.22 28.88
C SER C 187 -29.20 16.50 29.72
N ARG C 188 -30.37 17.08 30.00
CA ARG C 188 -30.43 18.26 30.84
C ARG C 188 -29.88 17.98 32.23
N ILE C 189 -30.32 16.87 32.82
CA ILE C 189 -29.82 16.48 34.14
C ILE C 189 -28.41 15.93 34.03
N SER C 190 -28.09 15.26 32.92
CA SER C 190 -26.77 14.64 32.75
C SER C 190 -25.65 15.64 32.90
N ARG C 191 -25.94 16.76 32.30
CA ARG C 191 -24.92 17.80 32.40
C ARG C 191 -24.61 18.13 33.85
N PHE C 192 -25.53 18.35 34.69
CA PHE C 192 -25.32 18.72 36.09
C PHE C 192 -24.64 17.60 36.87
N THR C 193 -25.07 16.36 36.70
CA THR C 193 -24.48 15.25 37.43
C THR C 193 -23.06 14.94 36.95
N ASP C 194 -22.77 15.21 35.67
CA ASP C 194 -21.40 15.06 35.18
C ASP C 194 -20.46 16.01 35.89
N LEU C 195 -20.94 17.19 36.28
CA LEU C 195 -20.10 18.25 36.81
C LEU C 195 -20.09 18.32 38.33
N PHE C 196 -21.17 17.92 39.00
CA PHE C 196 -21.33 18.21 40.41
C PHE C 196 -21.60 17.01 41.30
N GLY C 197 -21.74 15.81 40.75
CA GLY C 197 -21.86 14.63 41.57
C GLY C 197 -23.30 14.26 41.92
N THR C 198 -23.47 13.58 43.04
CA THR C 198 -24.77 13.03 43.39
C THR C 198 -25.73 14.11 43.89
N VAL C 199 -27.02 13.89 43.62
CA VAL C 199 -28.08 14.79 44.07
C VAL C 199 -28.58 14.32 45.43
N GLN C 200 -28.77 15.25 46.36
CA GLN C 200 -29.36 14.89 47.64
C GLN C 200 -30.86 15.11 47.67
N GLN C 201 -31.37 16.07 46.91
CA GLN C 201 -32.78 16.42 46.99
C GLN C 201 -33.32 16.73 45.61
N VAL C 202 -34.49 16.15 45.30
CA VAL C 202 -35.18 16.36 44.05
C VAL C 202 -36.59 16.85 44.36
N ASP C 203 -37.07 17.82 43.57
CA ASP C 203 -38.48 18.12 43.49
C ASP C 203 -38.77 18.71 42.12
N ALA C 204 -39.89 18.31 41.54
CA ALA C 204 -40.18 18.63 40.16
C ALA C 204 -41.68 18.85 39.97
N GLN C 205 -42.01 19.64 38.95
CA GLN C 205 -43.40 19.81 38.52
C GLN C 205 -43.49 19.52 37.03
N CYS C 206 -44.68 19.15 36.58
CA CYS C 206 -44.93 18.92 35.17
C CYS C 206 -46.31 19.43 34.82
N ARG C 207 -46.46 19.87 33.58
CA ARG C 207 -47.73 20.37 33.08
C ARG C 207 -47.82 20.10 31.58
N PHE C 208 -48.98 19.59 31.15
CA PHE C 208 -49.22 19.27 29.76
C PHE C 208 -50.45 19.99 29.24
N TRP C 209 -50.33 20.45 28.00
CA TRP C 209 -51.46 20.91 27.20
C TRP C 209 -51.74 19.79 26.21
N ASP C 210 -52.84 19.08 26.39
CA ASP C 210 -53.14 17.92 25.57
C ASP C 210 -53.67 18.33 24.20
N GLN C 211 -53.41 17.47 23.21
CA GLN C 211 -54.04 17.59 21.93
C GLN C 211 -55.50 17.14 22.05
N PRO C 212 -56.34 17.39 21.04
CA PRO C 212 -57.68 16.79 21.05
C PRO C 212 -57.66 15.29 21.28
N ASN C 213 -56.68 14.60 20.69
CA ASN C 213 -56.39 13.22 21.06
C ASN C 213 -55.33 13.27 22.16
N PRO C 214 -55.73 13.10 23.42
CA PRO C 214 -54.80 13.30 24.54
C PRO C 214 -53.72 12.24 24.68
N GLU C 215 -53.63 11.32 23.72
CA GLU C 215 -52.41 10.54 23.57
C GLU C 215 -51.22 11.44 23.26
N TYR C 216 -51.49 12.56 22.58
CA TYR C 216 -50.49 13.54 22.22
C TYR C 216 -50.70 14.80 23.05
N PHE C 217 -49.59 15.44 23.40
CA PHE C 217 -49.63 16.78 23.97
C PHE C 217 -49.09 17.77 22.95
N ARG C 218 -49.73 18.94 22.89
CA ARG C 218 -49.24 20.04 22.07
C ARG C 218 -48.18 20.87 22.79
N ALA C 219 -48.06 20.71 24.10
CA ALA C 219 -47.05 21.43 24.87
C ALA C 219 -46.82 20.71 26.19
N CYS C 220 -45.65 20.95 26.76
CA CYS C 220 -45.33 20.45 28.09
C CYS C 220 -44.33 21.39 28.74
N LEU C 221 -44.33 21.41 30.07
CA LEU C 221 -43.41 22.22 30.85
C LEU C 221 -42.98 21.41 32.07
N ALA C 222 -41.76 20.89 32.03
CA ALA C 222 -41.18 20.12 33.13
C ALA C 222 -40.10 20.95 33.78
N THR C 223 -40.13 21.05 35.12
CA THR C 223 -39.15 21.79 35.89
C THR C 223 -38.66 20.92 37.03
N ALA C 224 -37.35 20.98 37.29
CA ALA C 224 -36.72 20.25 38.38
C ALA C 224 -35.86 21.19 39.21
N TYR C 225 -35.87 20.98 40.51
CA TYR C 225 -35.08 21.79 41.45
C TYR C 225 -34.19 20.83 42.23
N LEU C 226 -32.91 20.78 41.87
CA LEU C 226 -31.96 19.84 42.43
C LEU C 226 -31.09 20.55 43.47
N GLN C 227 -31.04 19.97 44.67
CA GLN C 227 -30.05 20.36 45.67
C GLN C 227 -28.98 19.28 45.69
N PHE C 228 -27.75 19.69 45.42
CA PHE C 228 -26.65 18.75 45.37
C PHE C 228 -26.00 18.61 46.74
N ASN C 229 -25.35 17.46 46.94
CA ASN C 229 -24.68 17.19 48.21
C ASN C 229 -23.55 18.15 48.49
N ASN C 230 -22.99 18.80 47.46
CA ASN C 230 -21.93 19.77 47.69
C ASN C 230 -22.46 21.15 48.08
N GLY C 231 -23.78 21.34 48.07
CA GLY C 231 -24.40 22.59 48.43
C GLY C 231 -25.12 23.30 47.30
N LEU C 232 -24.87 22.89 46.05
CA LEU C 232 -25.36 23.64 44.90
C LEU C 232 -26.86 23.44 44.70
N LYS C 233 -27.54 24.51 44.31
CA LYS C 233 -28.94 24.46 43.89
C LYS C 233 -28.98 24.61 42.37
N ALA C 234 -29.60 23.64 41.70
CA ALA C 234 -29.73 23.65 40.26
C ALA C 234 -31.20 23.72 39.87
N GLU C 235 -31.46 24.34 38.72
CA GLU C 235 -32.80 24.45 38.16
C GLU C 235 -32.76 23.93 36.73
N VAL C 236 -33.62 22.96 36.42
CA VAL C 236 -33.72 22.37 35.10
C VAL C 236 -35.11 22.68 34.55
N ILE C 237 -35.16 23.39 33.43
CA ILE C 237 -36.41 23.85 32.84
C ILE C 237 -36.50 23.27 31.42
N TYR C 238 -37.50 22.43 31.18
CA TYR C 238 -37.75 21.85 29.87
C TYR C 238 -39.11 22.32 29.38
N GLY C 239 -39.12 22.98 28.23
CA GLY C 239 -40.35 23.47 27.62
C GLY C 239 -40.40 23.18 26.14
N LYS C 240 -41.56 22.74 25.64
CA LYS C 240 -41.67 22.33 24.24
C LYS C 240 -43.12 22.47 23.81
N GLY C 241 -43.33 23.08 22.64
CA GLY C 241 -44.66 23.12 22.09
C GLY C 241 -45.28 24.48 21.87
N GLU C 242 -46.61 24.50 21.73
CA GLU C 242 -47.35 25.61 21.14
C GLU C 242 -47.57 26.79 22.08
N VAL C 243 -47.26 26.67 23.37
CA VAL C 243 -47.56 27.74 24.32
C VAL C 243 -46.35 28.63 24.61
N PHE C 244 -45.19 28.33 24.05
CA PHE C 244 -43.97 29.08 24.28
C PHE C 244 -43.66 29.95 23.07
N HIS C 245 -43.48 31.25 23.30
CA HIS C 245 -43.22 32.20 22.22
C HIS C 245 -41.78 32.70 22.20
N GLN C 246 -40.99 32.43 23.23
CA GLN C 246 -39.58 32.78 23.26
C GLN C 246 -38.78 31.51 23.53
N ASN C 247 -37.86 31.19 22.63
CA ASN C 247 -37.00 30.02 22.80
C ASN C 247 -35.79 30.38 23.66
N GLU C 248 -35.26 29.36 24.35
CA GLU C 248 -34.10 29.53 25.22
C GLU C 248 -33.25 28.28 25.15
N ARG C 249 -31.91 28.48 25.19
CA ARG C 249 -30.94 27.42 25.50
C ARG C 249 -29.83 28.12 26.30
N ILE C 250 -30.07 28.29 27.59
CA ILE C 250 -29.24 29.14 28.44
C ILE C 250 -28.74 28.32 29.61
N PHE C 251 -27.41 28.26 29.76
CA PHE C 251 -26.76 27.60 30.88
C PHE C 251 -26.05 28.68 31.70
N THR C 252 -26.49 28.87 32.94
CA THR C 252 -25.92 29.86 33.84
C THR C 252 -25.36 29.18 35.07
N LEU C 253 -24.13 29.54 35.45
CA LEU C 253 -23.49 29.00 36.65
C LEU C 253 -22.90 30.14 37.44
N HIS C 254 -23.40 30.32 38.68
CA HIS C 254 -22.94 31.37 39.58
C HIS C 254 -22.01 30.75 40.61
N GLY C 255 -20.75 31.21 40.62
CA GLY C 255 -19.80 30.80 41.63
C GLY C 255 -19.25 32.00 42.37
N ASP C 256 -18.70 31.80 43.57
CA ASP C 256 -18.24 32.94 44.35
C ASP C 256 -16.99 33.60 43.77
N ARG C 257 -16.43 33.06 42.68
CA ARG C 257 -15.34 33.71 41.97
C ARG C 257 -15.72 34.18 40.57
N GLY C 258 -16.91 33.85 40.10
CA GLY C 258 -17.31 34.29 38.77
C GLY C 258 -18.60 33.62 38.35
N THR C 259 -19.12 34.09 37.22
CA THR C 259 -20.33 33.56 36.63
C THR C 259 -20.04 33.09 35.21
N LEU C 260 -20.57 31.92 34.86
CA LEU C 260 -20.51 31.38 33.51
C LEU C 260 -21.92 31.38 32.93
N ILE C 261 -22.09 32.05 31.80
CA ILE C 261 -23.34 32.04 31.06
C ILE C 261 -23.05 31.56 29.64
N PHE C 262 -23.84 30.60 29.17
CA PHE C 262 -23.79 30.16 27.79
C PHE C 262 -25.16 30.35 27.17
N VAL C 263 -25.23 31.18 26.13
CA VAL C 263 -26.45 31.45 25.39
C VAL C 263 -26.28 30.80 24.03
N GLY C 264 -26.97 29.67 23.82
CA GLY C 264 -26.69 28.87 22.64
C GLY C 264 -25.27 28.37 22.70
N GLU C 265 -24.51 28.63 21.63
CA GLU C 265 -23.11 28.22 21.56
C GLU C 265 -22.15 29.38 21.81
N THR C 266 -22.59 30.43 22.50
CA THR C 266 -21.74 31.55 22.88
C THR C 266 -21.75 31.69 24.39
N GLY C 267 -20.57 31.76 24.99
CA GLY C 267 -20.45 31.86 26.42
C GLY C 267 -19.56 33.03 26.82
N ARG C 268 -19.78 33.50 28.05
CA ARG C 268 -18.95 34.55 28.60
C ARG C 268 -18.63 34.26 30.06
N LEU C 269 -17.41 34.61 30.45
CA LEU C 269 -17.01 34.60 31.85
C LEU C 269 -17.25 35.99 32.43
N ILE C 270 -17.95 36.06 33.55
CA ILE C 270 -18.28 37.33 34.19
C ILE C 270 -17.60 37.35 35.55
N GLN C 271 -16.76 38.39 35.77
CA GLN C 271 -16.08 38.58 37.04
C GLN C 271 -16.06 40.06 37.36
N GLY C 272 -16.51 40.42 38.56
CA GLY C 272 -16.53 41.82 38.96
C GLY C 272 -17.43 42.66 38.07
N GLN C 273 -18.58 42.13 37.68
CA GLN C 273 -19.58 42.79 36.84
C GLN C 273 -19.11 43.03 35.41
N THR C 274 -18.02 42.39 34.99
CA THR C 274 -17.48 42.59 33.65
C THR C 274 -17.19 41.23 33.02
N GLU C 275 -17.23 41.19 31.69
CA GLU C 275 -17.26 39.93 30.96
C GLU C 275 -16.18 39.86 29.89
N THR C 276 -15.66 38.64 29.68
CA THR C 276 -14.84 38.32 28.51
C THR C 276 -15.43 37.09 27.85
N GLU C 277 -15.55 37.13 26.52
CA GLU C 277 -16.19 36.06 25.79
C GLU C 277 -15.35 34.79 25.85
N ILE C 278 -16.03 33.66 26.02
CA ILE C 278 -15.42 32.33 25.96
C ILE C 278 -15.68 31.76 24.57
N THR C 279 -14.63 31.24 23.94
CA THR C 279 -14.79 30.59 22.64
C THR C 279 -15.31 29.17 22.85
N VAL C 280 -16.21 28.76 21.95
CA VAL C 280 -16.92 27.49 22.06
C VAL C 280 -16.62 26.67 20.81
N GLY C 281 -16.02 25.51 21.01
CA GLY C 281 -15.73 24.63 19.88
C GLY C 281 -17.01 24.25 19.15
N SER C 282 -17.02 23.93 17.79
CA SER C 282 -18.12 23.82 16.83
C SER C 282 -18.85 22.48 16.98
N ARG C 283 -20.05 22.52 16.29
CA ARG C 283 -21.14 21.53 16.41
C ARG C 283 -20.78 20.34 15.52
N ARG C 284 -19.70 19.67 15.89
CA ARG C 284 -19.13 18.58 15.02
C ARG C 284 -19.99 17.37 15.01
N GLY C 285 -19.51 16.36 14.35
CA GLY C 285 -20.25 15.14 14.31
C GLY C 285 -20.13 14.46 15.63
N LEU C 286 -20.87 14.95 16.60
CA LEU C 286 -20.95 14.32 17.88
C LEU C 286 -21.36 12.83 17.74
N PHE C 287 -22.23 12.47 16.79
CA PHE C 287 -22.56 11.06 16.62
C PHE C 287 -21.37 10.28 16.07
N ARG C 288 -20.58 10.89 15.18
CA ARG C 288 -19.37 10.21 14.72
C ARG C 288 -18.40 9.97 15.87
N GLN C 289 -18.24 10.98 16.73
CA GLN C 289 -17.39 10.81 17.90
C GLN C 289 -17.82 9.61 18.73
N ASP C 290 -19.13 9.49 18.99
CA ASP C 290 -19.63 8.41 19.83
C ASP C 290 -19.45 7.05 19.13
N THR C 291 -19.87 6.96 17.87
CA THR C 291 -19.67 5.73 17.10
C THR C 291 -18.21 5.30 17.14
N GLU C 292 -17.31 6.24 16.88
CA GLU C 292 -15.89 5.91 16.86
C GLU C 292 -15.37 5.61 18.27
N ALA C 293 -15.96 6.25 19.29
CA ALA C 293 -15.59 5.94 20.66
C ALA C 293 -15.98 4.52 21.05
N VAL C 294 -17.07 4.01 20.47
CA VAL C 294 -17.47 2.63 20.73
C VAL C 294 -16.50 1.67 20.07
N LEU C 295 -16.26 1.85 18.78
CA LEU C 295 -15.33 0.99 18.06
C LEU C 295 -13.94 1.01 18.68
N ASP C 296 -13.57 2.14 19.28
CA ASP C 296 -12.29 2.23 19.97
C ASP C 296 -12.25 1.33 21.19
N TYR C 297 -13.29 1.39 22.02
CA TYR C 297 -13.35 0.55 23.21
C TYR C 297 -13.47 -0.93 22.84
N LEU C 298 -14.20 -1.25 21.78
CA LEU C 298 -14.40 -2.64 21.39
C LEU C 298 -13.10 -3.28 20.91
N THR C 299 -12.19 -2.49 20.36
CA THR C 299 -10.93 -3.01 19.81
C THR C 299 -9.78 -2.87 20.79
N THR C 300 -9.49 -1.65 21.25
CA THR C 300 -8.36 -1.39 22.13
C THR C 300 -8.74 -1.30 23.60
N GLY C 301 -10.01 -1.08 23.91
CA GLY C 301 -10.41 -0.86 25.27
C GLY C 301 -10.19 0.55 25.77
N LYS C 302 -9.98 1.51 24.86
CA LYS C 302 -9.92 2.91 25.24
C LYS C 302 -11.17 3.28 26.01
N PRO C 303 -11.05 3.69 27.27
CA PRO C 303 -12.23 3.99 28.08
C PRO C 303 -13.17 4.95 27.37
N LEU C 304 -14.46 4.73 27.56
CA LEU C 304 -15.46 5.59 26.94
C LEU C 304 -15.54 6.93 27.66
N TYR C 305 -16.02 7.95 26.95
CA TYR C 305 -16.10 9.28 27.53
C TYR C 305 -17.14 9.36 28.65
N VAL C 306 -18.13 8.47 28.66
CA VAL C 306 -19.15 8.45 29.69
C VAL C 306 -19.34 7.02 30.17
N ASP C 307 -19.49 6.86 31.47
CA ASP C 307 -19.75 5.55 32.04
C ASP C 307 -21.24 5.23 31.97
N LEU C 308 -21.55 3.95 31.75
CA LEU C 308 -22.94 3.49 31.84
C LEU C 308 -23.53 3.86 33.20
N GLU C 309 -22.71 3.83 34.25
CA GLU C 309 -23.18 4.16 35.59
C GLU C 309 -23.57 5.63 35.71
N ALA C 310 -22.83 6.52 35.06
CA ALA C 310 -23.23 7.92 35.05
C ALA C 310 -24.51 8.12 34.26
N SER C 311 -24.69 7.38 33.17
CA SER C 311 -25.94 7.44 32.42
C SER C 311 -27.10 6.91 33.24
N LEU C 312 -26.90 5.78 33.92
CA LEU C 312 -27.94 5.22 34.78
C LEU C 312 -28.30 6.16 35.91
N TYR C 313 -27.31 6.88 36.45
CA TYR C 313 -27.59 7.76 37.58
C TYR C 313 -28.43 8.96 37.16
N ALA C 314 -28.25 9.45 35.93
CA ALA C 314 -29.11 10.52 35.45
C ALA C 314 -30.55 10.04 35.34
N LEU C 315 -30.73 8.79 34.90
CA LEU C 315 -32.07 8.20 34.85
C LEU C 315 -32.67 8.10 36.25
N GLU C 316 -31.85 7.68 37.22
CA GLU C 316 -32.30 7.59 38.60
C GLU C 316 -32.85 8.94 39.09
N VAL C 317 -32.20 10.03 38.72
CA VAL C 317 -32.64 11.36 39.16
C VAL C 317 -33.88 11.81 38.40
N ALA C 318 -33.89 11.65 37.08
CA ALA C 318 -35.08 12.00 36.30
C ALA C 318 -36.26 11.11 36.68
N ASP C 319 -35.99 9.85 36.98
CA ASP C 319 -37.03 8.97 37.51
C ASP C 319 -37.61 9.54 38.80
N LEU C 320 -36.75 9.97 39.71
CA LEU C 320 -37.22 10.63 40.94
C LEU C 320 -37.98 11.89 40.63
N CYS C 321 -37.61 12.61 39.57
CA CYS C 321 -38.40 13.76 39.12
C CYS C 321 -39.76 13.31 38.60
N ALA C 322 -39.80 12.19 37.87
CA ALA C 322 -41.07 11.65 37.40
C ALA C 322 -42.01 11.33 38.56
N GLN C 323 -41.48 10.67 39.59
CA GLN C 323 -42.30 10.28 40.73
C GLN C 323 -42.77 11.51 41.50
N ALA C 324 -41.92 12.53 41.63
CA ALA C 324 -42.32 13.76 42.30
C ALA C 324 -43.47 14.45 41.58
N CYS C 325 -43.69 14.13 40.31
CA CYS C 325 -44.83 14.65 39.56
C CYS C 325 -45.97 13.66 39.46
N GLY C 326 -45.88 12.51 40.14
CA GLY C 326 -46.94 11.51 40.12
C GLY C 326 -46.98 10.65 38.89
N TYR C 327 -46.17 10.99 37.84
CA TYR C 327 -46.13 10.23 36.60
C TYR C 327 -46.13 8.73 36.87
N THR D 12 -26.48 -16.62 -9.95
CA THR D 12 -25.65 -16.60 -8.74
C THR D 12 -24.45 -17.40 -9.06
N PRO D 13 -23.26 -16.87 -8.81
CA PRO D 13 -22.02 -17.55 -9.19
C PRO D 13 -21.84 -18.86 -8.43
N VAL D 14 -21.48 -19.91 -9.17
CA VAL D 14 -21.12 -21.19 -8.56
C VAL D 14 -19.74 -21.01 -7.93
N ARG D 15 -19.71 -20.91 -6.60
CA ARG D 15 -18.46 -20.68 -5.88
C ARG D 15 -17.70 -21.99 -5.76
N VAL D 16 -16.53 -22.06 -6.39
CA VAL D 16 -15.80 -23.31 -6.60
C VAL D 16 -14.53 -23.30 -5.75
N GLY D 17 -14.20 -24.47 -5.19
CA GLY D 17 -12.90 -24.73 -4.63
C GLY D 17 -12.33 -25.98 -5.28
N ILE D 18 -11.06 -25.93 -5.70
CA ILE D 18 -10.45 -27.01 -6.47
C ILE D 18 -9.46 -27.77 -5.58
N VAL D 19 -9.57 -29.10 -5.60
CA VAL D 19 -8.56 -29.96 -5.00
C VAL D 19 -7.57 -30.35 -6.09
N GLY D 20 -6.33 -29.91 -5.94
CA GLY D 20 -5.30 -30.20 -6.93
C GLY D 20 -4.68 -28.97 -7.54
N THR D 21 -3.47 -29.13 -8.09
CA THR D 21 -2.77 -28.02 -8.73
C THR D 21 -2.13 -28.41 -10.06
N GLY D 22 -2.44 -29.58 -10.60
CA GLY D 22 -1.80 -30.08 -11.80
C GLY D 22 -2.46 -29.66 -13.08
N TYR D 23 -2.33 -30.50 -14.10
CA TYR D 23 -2.83 -30.15 -15.44
C TYR D 23 -4.34 -29.96 -15.43
N ALA D 24 -5.07 -30.94 -14.88
CA ALA D 24 -6.51 -30.84 -14.83
C ALA D 24 -6.96 -29.59 -14.07
N ALA D 25 -6.37 -29.35 -12.89
CA ALA D 25 -6.79 -28.24 -12.04
C ALA D 25 -6.63 -26.89 -12.75
N GLN D 26 -5.49 -26.69 -13.42
CA GLN D 26 -5.22 -25.40 -14.04
C GLN D 26 -6.11 -25.17 -15.26
N ARG D 27 -6.37 -26.24 -16.04
CA ARG D 27 -7.38 -26.13 -17.09
C ARG D 27 -8.73 -25.76 -16.51
N ARG D 28 -9.05 -26.32 -15.34
CA ARG D 28 -10.29 -25.95 -14.65
C ARG D 28 -10.25 -24.52 -14.15
N ALA D 29 -9.09 -24.07 -13.66
CA ALA D 29 -9.00 -22.74 -13.06
C ALA D 29 -9.17 -21.65 -14.12
N GLU D 30 -8.55 -21.82 -15.29
CA GLU D 30 -8.59 -20.77 -16.31
C GLU D 30 -9.98 -20.65 -16.93
N VAL D 31 -10.77 -21.71 -16.93
CA VAL D 31 -12.15 -21.61 -17.40
C VAL D 31 -13.04 -21.03 -16.31
N PHE D 32 -12.77 -21.36 -15.05
CA PHE D 32 -13.56 -20.80 -13.95
C PHE D 32 -13.36 -19.30 -13.82
N ARG D 33 -12.12 -18.84 -14.01
CA ARG D 33 -11.86 -17.39 -13.99
C ARG D 33 -12.61 -16.69 -15.10
N GLY D 34 -12.65 -17.28 -16.29
CA GLY D 34 -13.30 -16.67 -17.44
C GLY D 34 -14.81 -16.68 -17.39
N ASP D 35 -15.40 -17.84 -17.08
CA ASP D 35 -16.85 -17.98 -17.08
C ASP D 35 -17.47 -17.18 -15.93
N ARG D 36 -18.37 -16.26 -16.25
CA ARG D 36 -18.97 -15.40 -15.25
C ARG D 36 -20.00 -16.13 -14.40
N ARG D 37 -20.49 -17.29 -14.84
CA ARG D 37 -21.39 -18.10 -14.04
C ARG D 37 -20.69 -18.78 -12.87
N SER D 38 -19.40 -18.55 -12.68
CA SER D 38 -18.62 -19.29 -11.69
C SER D 38 -17.52 -18.40 -11.13
N GLN D 39 -17.19 -18.62 -9.87
CA GLN D 39 -16.14 -17.87 -9.17
C GLN D 39 -15.21 -18.85 -8.48
N LEU D 40 -13.92 -18.68 -8.70
CA LEU D 40 -12.90 -19.52 -8.08
C LEU D 40 -12.50 -18.90 -6.75
N VAL D 41 -12.83 -19.58 -5.65
CA VAL D 41 -12.69 -19.02 -4.31
C VAL D 41 -11.49 -19.61 -3.58
N SER D 42 -11.27 -20.92 -3.69
CA SER D 42 -10.24 -21.57 -2.89
C SER D 42 -9.62 -22.71 -3.69
N PHE D 43 -8.55 -23.26 -3.12
CA PHE D 43 -7.93 -24.46 -3.68
C PHE D 43 -7.05 -25.08 -2.60
N TRP D 44 -6.74 -26.35 -2.79
CA TRP D 44 -5.83 -27.07 -1.91
C TRP D 44 -4.82 -27.83 -2.75
N GLY D 45 -3.58 -27.90 -2.27
CA GLY D 45 -2.52 -28.52 -3.03
C GLY D 45 -1.64 -29.46 -2.25
N ASN D 46 -0.45 -29.75 -2.77
CA ASN D 46 0.48 -30.68 -2.13
C ASN D 46 1.79 -29.98 -1.83
N SER D 47 2.75 -30.06 -2.76
CA SER D 47 4.04 -29.44 -2.55
C SER D 47 3.89 -27.92 -2.44
N GLU D 48 4.77 -27.31 -1.64
CA GLU D 48 4.71 -25.87 -1.43
C GLU D 48 5.05 -25.10 -2.70
N ALA D 49 5.99 -25.62 -3.49
CA ALA D 49 6.37 -24.94 -4.72
C ALA D 49 5.20 -24.82 -5.69
N ASN D 50 4.50 -25.94 -5.93
CA ASN D 50 3.40 -25.92 -6.89
C ASN D 50 2.14 -25.30 -6.30
N THR D 51 1.98 -25.33 -4.98
CA THR D 51 0.90 -24.56 -4.36
C THR D 51 1.13 -23.07 -4.54
N ALA D 52 2.37 -22.62 -4.33
CA ALA D 52 2.71 -21.22 -4.55
C ALA D 52 2.52 -20.82 -6.00
N LYS D 53 3.06 -21.62 -6.92
CA LYS D 53 2.83 -21.39 -8.36
C LYS D 53 1.34 -21.26 -8.66
N PHE D 54 0.54 -22.19 -8.16
CA PHE D 54 -0.89 -22.21 -8.48
C PHE D 54 -1.62 -21.02 -7.88
N ALA D 55 -1.45 -20.80 -6.57
CA ALA D 55 -2.10 -19.66 -5.91
C ALA D 55 -1.77 -18.36 -6.62
N ASP D 56 -0.52 -18.21 -7.07
CA ASP D 56 -0.06 -16.96 -7.68
C ASP D 56 -0.66 -16.78 -9.07
N THR D 57 -0.74 -17.85 -9.86
CA THR D 57 -1.20 -17.72 -11.24
C THR D 57 -2.65 -17.30 -11.32
N PHE D 58 -3.51 -17.90 -10.49
CA PHE D 58 -4.95 -17.67 -10.58
C PHE D 58 -5.49 -16.79 -9.46
N GLY D 59 -4.62 -16.20 -8.64
CA GLY D 59 -5.04 -15.26 -7.62
C GLY D 59 -6.05 -15.83 -6.64
N VAL D 60 -5.73 -17.00 -6.08
CA VAL D 60 -6.58 -17.64 -5.09
C VAL D 60 -5.72 -18.11 -3.93
N ARG D 61 -6.26 -18.02 -2.74
CA ARG D 61 -5.53 -18.38 -1.52
C ARG D 61 -5.69 -19.86 -1.24
N PRO D 62 -4.63 -20.52 -0.76
CA PRO D 62 -4.76 -21.94 -0.41
C PRO D 62 -5.54 -22.14 0.87
N GLN D 63 -6.25 -23.26 0.93
CA GLN D 63 -6.57 -23.87 2.20
C GLN D 63 -5.38 -24.69 2.66
N GLN D 64 -5.32 -24.96 3.96
CA GLN D 64 -4.21 -25.76 4.48
C GLN D 64 -4.51 -27.25 4.46
N SER D 65 -5.78 -27.64 4.48
CA SER D 65 -6.19 -29.02 4.34
C SER D 65 -7.33 -29.09 3.35
N TRP D 66 -7.45 -30.25 2.66
CA TRP D 66 -8.61 -30.42 1.79
C TRP D 66 -9.89 -30.55 2.62
N GLN D 67 -9.79 -31.09 3.84
CA GLN D 67 -10.95 -31.12 4.72
C GLN D 67 -11.42 -29.71 5.06
N ALA D 68 -10.52 -28.73 5.10
CA ALA D 68 -10.92 -27.36 5.31
C ALA D 68 -11.60 -26.78 4.09
N LEU D 69 -11.22 -27.22 2.88
CA LEU D 69 -11.83 -26.69 1.67
C LEU D 69 -13.26 -27.20 1.50
N ILE D 70 -13.46 -28.51 1.66
CA ILE D 70 -14.80 -29.05 1.47
C ILE D 70 -15.75 -28.62 2.57
N ASN D 71 -15.23 -28.25 3.74
CA ASN D 71 -16.10 -27.77 4.81
C ASN D 71 -16.51 -26.33 4.62
N ASP D 72 -15.60 -25.51 4.06
CA ASP D 72 -15.75 -24.07 3.81
C ASP D 72 -17.16 -23.68 3.41
N PRO D 73 -17.84 -22.83 4.18
CA PRO D 73 -19.21 -22.43 3.82
C PRO D 73 -19.29 -21.58 2.56
N GLU D 74 -18.21 -20.90 2.19
CA GLU D 74 -18.27 -19.90 1.13
C GLU D 74 -18.10 -20.50 -0.26
N ILE D 75 -18.19 -21.81 -0.41
CA ILE D 75 -18.12 -22.47 -1.71
C ILE D 75 -19.29 -23.43 -1.88
N ASP D 76 -19.68 -23.63 -3.13
CA ASP D 76 -20.81 -24.51 -3.45
C ASP D 76 -20.41 -25.81 -4.13
N LEU D 77 -19.22 -25.87 -4.74
CA LEU D 77 -18.82 -27.02 -5.54
C LEU D 77 -17.35 -27.30 -5.31
N VAL D 78 -17.03 -28.57 -5.05
CA VAL D 78 -15.65 -29.04 -4.93
C VAL D 78 -15.29 -29.79 -6.20
N LEU D 79 -14.19 -29.41 -6.82
CA LEU D 79 -13.67 -30.08 -8.01
C LEU D 79 -12.40 -30.81 -7.62
N ILE D 80 -12.37 -32.12 -7.84
CA ILE D 80 -11.30 -32.99 -7.37
C ILE D 80 -10.42 -33.33 -8.57
N ALA D 81 -9.25 -32.72 -8.63
CA ALA D 81 -8.23 -33.02 -9.62
C ALA D 81 -6.90 -33.30 -8.94
N THR D 82 -6.96 -34.15 -7.91
CA THR D 82 -5.77 -34.61 -7.21
C THR D 82 -5.51 -36.07 -7.61
N ILE D 83 -4.61 -36.72 -6.86
CA ILE D 83 -4.29 -38.11 -7.18
C ILE D 83 -5.50 -39.01 -6.94
N ASN D 84 -5.52 -40.15 -7.64
CA ASN D 84 -6.68 -41.04 -7.64
C ASN D 84 -6.93 -41.64 -6.26
N GLN D 85 -5.87 -41.84 -5.48
CA GLN D 85 -6.02 -42.40 -4.14
C GLN D 85 -7.01 -41.59 -3.31
N LEU D 86 -7.02 -40.28 -3.51
CA LEU D 86 -7.81 -39.37 -2.69
C LEU D 86 -9.20 -39.09 -3.26
N HIS D 87 -9.54 -39.69 -4.41
CA HIS D 87 -10.79 -39.33 -5.08
C HIS D 87 -12.01 -39.66 -4.23
N GLY D 88 -12.11 -40.91 -3.78
CA GLY D 88 -13.31 -41.34 -3.09
C GLY D 88 -13.56 -40.62 -1.76
N ALA D 89 -12.50 -40.45 -0.97
CA ALA D 89 -12.67 -39.86 0.36
C ALA D 89 -13.05 -38.38 0.26
N ILE D 90 -12.37 -37.64 -0.62
CA ILE D 90 -12.67 -36.21 -0.76
C ILE D 90 -14.08 -36.01 -1.31
N ALA D 91 -14.48 -36.84 -2.28
CA ALA D 91 -15.82 -36.75 -2.83
C ALA D 91 -16.86 -37.09 -1.77
N GLU D 92 -16.61 -38.13 -0.98
CA GLU D 92 -17.51 -38.48 0.12
C GLU D 92 -17.62 -37.33 1.12
N ALA D 93 -16.47 -36.84 1.60
CA ALA D 93 -16.46 -35.77 2.60
C ALA D 93 -17.21 -34.54 2.09
N ALA D 94 -16.98 -34.16 0.83
CA ALA D 94 -17.63 -32.97 0.28
C ALA D 94 -19.13 -33.19 0.09
N LEU D 95 -19.55 -34.41 -0.26
CA LEU D 95 -20.98 -34.68 -0.38
C LEU D 95 -21.67 -34.65 0.96
N GLN D 96 -21.01 -35.15 2.00
CA GLN D 96 -21.54 -35.02 3.35
C GLN D 96 -21.71 -33.55 3.75
N ALA D 97 -20.71 -32.73 3.40
CA ALA D 97 -20.72 -31.31 3.77
C ALA D 97 -21.60 -30.50 2.81
N GLY D 98 -22.47 -31.20 2.07
CA GLY D 98 -23.45 -30.53 1.23
C GLY D 98 -22.89 -29.79 0.04
N LYS D 99 -21.78 -30.26 -0.52
CA LYS D 99 -21.19 -29.64 -1.70
C LYS D 99 -21.45 -30.48 -2.94
N HIS D 100 -21.70 -29.82 -4.06
CA HIS D 100 -21.61 -30.48 -5.35
C HIS D 100 -20.18 -30.98 -5.56
N VAL D 101 -20.04 -32.03 -6.36
CA VAL D 101 -18.73 -32.63 -6.60
C VAL D 101 -18.57 -32.93 -8.08
N VAL D 102 -17.52 -32.37 -8.69
CA VAL D 102 -17.08 -32.73 -10.03
C VAL D 102 -15.74 -33.43 -9.92
N LEU D 103 -15.62 -34.58 -10.55
CA LEU D 103 -14.44 -35.42 -10.42
C LEU D 103 -13.85 -35.71 -11.79
N GLU D 104 -12.54 -35.56 -11.91
CA GLU D 104 -11.85 -36.17 -13.04
C GLU D 104 -11.78 -37.67 -12.81
N TYR D 105 -11.92 -38.43 -13.88
CA TYR D 105 -11.95 -39.89 -13.75
C TYR D 105 -10.61 -40.39 -13.19
N PRO D 106 -10.62 -41.52 -12.47
CA PRO D 106 -11.79 -42.33 -12.11
C PRO D 106 -12.63 -41.77 -10.97
N LEU D 107 -13.89 -42.21 -10.89
CA LEU D 107 -14.77 -41.82 -9.80
C LEU D 107 -14.17 -42.21 -8.45
N ALA D 108 -13.67 -43.43 -8.34
CA ALA D 108 -12.88 -43.89 -7.20
C ALA D 108 -12.07 -45.08 -7.68
N LEU D 109 -11.28 -45.65 -6.77
CA LEU D 109 -10.37 -46.72 -7.18
C LEU D 109 -10.97 -48.12 -7.08
N THR D 110 -12.14 -48.27 -6.45
CA THR D 110 -12.84 -49.54 -6.46
C THR D 110 -14.30 -49.30 -6.80
N TYR D 111 -14.94 -50.31 -7.38
CA TYR D 111 -16.36 -50.20 -7.72
C TYR D 111 -17.20 -50.00 -6.47
N ALA D 112 -16.80 -50.63 -5.36
CA ALA D 112 -17.56 -50.50 -4.12
C ALA D 112 -17.64 -49.05 -3.67
N MET D 113 -16.49 -48.36 -3.65
CA MET D 113 -16.48 -46.95 -3.27
C MET D 113 -17.25 -46.09 -4.27
N GLY D 114 -17.25 -46.48 -5.54
CA GLY D 114 -17.97 -45.69 -6.53
C GLY D 114 -19.47 -45.72 -6.32
N LYS D 115 -20.03 -46.94 -6.15
CA LYS D 115 -21.47 -47.06 -5.96
C LYS D 115 -21.93 -46.42 -4.65
N LYS D 116 -21.10 -46.52 -3.60
CA LYS D 116 -21.37 -45.79 -2.37
C LYS D 116 -21.51 -44.29 -2.63
N LEU D 117 -20.55 -43.73 -3.38
CA LEU D 117 -20.59 -42.30 -3.68
C LEU D 117 -21.82 -41.94 -4.51
N GLN D 118 -22.20 -42.79 -5.46
CA GLN D 118 -23.34 -42.49 -6.33
C GLN D 118 -24.62 -42.35 -5.52
N GLN D 119 -24.83 -43.25 -4.55
CA GLN D 119 -26.05 -43.24 -3.77
C GLN D 119 -26.03 -42.15 -2.70
N LEU D 120 -24.88 -41.94 -2.06
CA LEU D 120 -24.74 -40.80 -1.16
C LEU D 120 -25.06 -39.50 -1.88
N ALA D 121 -24.63 -39.39 -3.14
CA ALA D 121 -24.96 -38.22 -3.95
C ALA D 121 -26.46 -38.13 -4.19
N ARG D 122 -27.09 -39.24 -4.60
CA ARG D 122 -28.53 -39.21 -4.81
C ARG D 122 -29.28 -39.02 -3.49
N GLU D 123 -28.72 -39.53 -2.39
CA GLU D 123 -29.29 -39.29 -1.08
C GLU D 123 -29.24 -37.80 -0.72
N LYS D 124 -28.03 -37.26 -0.58
CA LYS D 124 -27.84 -35.85 -0.24
C LYS D 124 -28.35 -34.91 -1.32
N GLY D 125 -28.82 -35.41 -2.45
CA GLY D 125 -29.48 -34.57 -3.45
C GLY D 125 -28.59 -33.51 -4.06
N LYS D 126 -27.34 -33.85 -4.36
CA LYS D 126 -26.40 -32.91 -4.97
C LYS D 126 -25.71 -33.58 -6.15
N LEU D 127 -25.21 -32.74 -7.05
CA LEU D 127 -24.61 -33.24 -8.28
C LEU D 127 -23.33 -34.00 -8.00
N LEU D 128 -23.19 -35.16 -8.64
CA LEU D 128 -21.93 -35.88 -8.74
C LEU D 128 -21.69 -36.16 -10.22
N HIS D 129 -20.73 -35.44 -10.80
CA HIS D 129 -20.36 -35.63 -12.20
C HIS D 129 -18.90 -36.03 -12.29
N VAL D 130 -18.64 -37.12 -13.01
CA VAL D 130 -17.29 -37.55 -13.33
C VAL D 130 -16.98 -37.11 -14.75
N GLU D 131 -15.87 -36.40 -14.91
CA GLU D 131 -15.44 -35.95 -16.23
C GLU D 131 -14.93 -37.13 -17.05
N HIS D 132 -15.35 -37.20 -18.31
CA HIS D 132 -14.88 -38.23 -19.24
C HIS D 132 -14.64 -37.57 -20.60
N ILE D 133 -13.57 -36.80 -20.69
CA ILE D 133 -13.29 -36.04 -21.91
C ILE D 133 -13.02 -36.95 -23.10
N GLU D 134 -12.69 -38.22 -22.88
CA GLU D 134 -12.44 -39.12 -24.00
C GLU D 134 -13.67 -39.27 -24.88
N LEU D 135 -14.87 -39.16 -24.28
CA LEU D 135 -16.10 -39.21 -25.06
C LEU D 135 -16.32 -37.95 -25.90
N LEU D 136 -15.61 -36.87 -25.59
CA LEU D 136 -15.73 -35.61 -26.31
C LEU D 136 -14.63 -35.40 -27.35
N GLY D 137 -13.65 -36.30 -27.41
CA GLY D 137 -12.51 -36.12 -28.28
C GLY D 137 -12.79 -36.44 -29.73
N GLY D 138 -11.84 -36.05 -30.59
CA GLY D 138 -12.02 -36.20 -32.02
C GLY D 138 -12.19 -37.64 -32.45
N VAL D 139 -11.34 -38.53 -31.92
CA VAL D 139 -11.36 -39.92 -32.36
C VAL D 139 -12.68 -40.58 -32.00
N HIS D 140 -13.16 -40.38 -30.77
CA HIS D 140 -14.43 -40.98 -30.36
C HIS D 140 -15.58 -40.42 -31.18
N GLN D 141 -15.65 -39.09 -31.31
CA GLN D 141 -16.69 -38.46 -32.12
C GLN D 141 -16.60 -38.91 -33.58
N ALA D 142 -15.37 -39.04 -34.10
CA ALA D 142 -15.21 -39.56 -35.45
C ALA D 142 -15.72 -40.99 -35.56
N ILE D 143 -15.54 -41.79 -34.50
CA ILE D 143 -16.08 -43.15 -34.50
C ILE D 143 -17.60 -43.12 -34.49
N ARG D 144 -18.18 -42.27 -33.63
CA ARG D 144 -19.62 -42.17 -33.54
C ARG D 144 -20.25 -41.79 -34.87
N GLN D 145 -19.62 -40.87 -35.60
CA GLN D 145 -20.16 -40.36 -36.85
C GLN D 145 -20.03 -41.34 -38.02
N ASN D 146 -19.20 -42.37 -37.89
CA ASN D 146 -19.02 -43.33 -38.97
C ASN D 146 -19.29 -44.77 -38.56
N LEU D 147 -19.62 -45.01 -37.28
CA LEU D 147 -20.05 -46.34 -36.85
C LEU D 147 -21.12 -46.92 -37.75
N GLY D 148 -22.10 -46.09 -38.14
CA GLY D 148 -23.25 -46.57 -38.88
C GLY D 148 -22.94 -47.25 -40.21
N LYS D 149 -21.77 -46.98 -40.78
CA LYS D 149 -21.46 -47.46 -42.13
C LYS D 149 -20.43 -48.60 -42.16
N ILE D 150 -20.11 -49.20 -41.01
CA ILE D 150 -19.31 -50.43 -41.00
C ILE D 150 -20.11 -51.64 -40.58
N GLY D 151 -21.41 -51.48 -40.33
CA GLY D 151 -22.27 -52.61 -40.05
C GLY D 151 -22.18 -53.14 -38.63
N GLU D 152 -22.22 -54.46 -38.47
CA GLU D 152 -22.10 -55.07 -37.16
C GLU D 152 -20.63 -55.20 -36.78
N VAL D 153 -20.24 -54.50 -35.71
CA VAL D 153 -18.85 -54.54 -35.24
C VAL D 153 -18.65 -55.81 -34.45
N PHE D 154 -17.73 -56.66 -34.91
CA PHE D 154 -17.50 -57.95 -34.27
C PHE D 154 -16.15 -58.04 -33.55
N TYR D 155 -15.17 -57.23 -33.94
CA TYR D 155 -13.83 -57.27 -33.36
C TYR D 155 -13.29 -55.85 -33.30
N ALA D 156 -12.77 -55.47 -32.14
CA ALA D 156 -12.33 -54.11 -31.91
C ALA D 156 -11.24 -54.08 -30.85
N ARG D 157 -10.28 -53.16 -31.02
CA ARG D 157 -9.09 -53.09 -30.19
C ARG D 157 -8.62 -51.65 -30.06
N TYR D 158 -8.32 -51.25 -28.82
CA TYR D 158 -7.68 -49.97 -28.53
C TYR D 158 -6.37 -50.23 -27.81
N SER D 159 -5.27 -49.74 -28.38
CA SER D 159 -3.93 -49.98 -27.86
C SER D 159 -3.26 -48.64 -27.60
N THR D 160 -2.87 -48.40 -26.34
CA THR D 160 -2.13 -47.20 -25.97
C THR D 160 -0.88 -47.62 -25.23
N ILE D 161 0.28 -47.28 -25.78
CA ILE D 161 1.58 -47.56 -25.17
C ILE D 161 2.33 -46.24 -25.09
N MET D 162 2.70 -45.84 -23.88
CA MET D 162 3.43 -44.60 -23.63
C MET D 162 4.78 -44.96 -23.02
N GLY D 163 5.77 -45.15 -23.89
CA GLY D 163 7.12 -45.42 -23.40
C GLY D 163 7.74 -44.19 -22.78
N GLN D 164 8.21 -44.32 -21.54
CA GLN D 164 8.96 -43.29 -20.86
C GLN D 164 10.22 -43.91 -20.27
N ASN D 165 11.35 -43.23 -20.41
CA ASN D 165 12.61 -43.76 -19.94
C ASN D 165 13.61 -42.63 -19.66
N PRO D 166 13.96 -42.41 -18.39
CA PRO D 166 13.52 -43.16 -17.20
C PRO D 166 12.06 -42.90 -16.82
N ALA D 167 11.44 -43.88 -16.18
CA ALA D 167 10.13 -43.67 -15.61
C ALA D 167 10.25 -42.74 -14.41
N PRO D 168 9.51 -41.63 -14.37
CA PRO D 168 9.54 -40.78 -13.18
C PRO D 168 8.90 -41.49 -12.01
N GLN D 169 9.39 -41.18 -10.82
CA GLN D 169 8.74 -41.65 -9.60
C GLN D 169 7.71 -40.60 -9.17
N ARG D 170 6.66 -40.51 -9.98
CA ARG D 170 5.52 -39.64 -9.78
C ARG D 170 4.28 -40.50 -9.54
N TRP D 171 3.18 -39.82 -9.17
CA TRP D 171 2.01 -40.54 -8.67
C TRP D 171 1.42 -41.48 -9.71
N THR D 172 1.56 -41.17 -11.00
CA THR D 172 1.03 -42.03 -12.04
C THR D 172 1.84 -43.31 -12.22
N TYR D 173 2.99 -43.45 -11.55
CA TYR D 173 3.72 -44.71 -11.48
C TYR D 173 3.71 -45.31 -10.08
N HIS D 174 2.88 -44.77 -9.19
CA HIS D 174 2.79 -45.20 -7.81
C HIS D 174 1.57 -46.09 -7.65
N HIS D 175 1.81 -47.37 -7.34
CA HIS D 175 0.72 -48.36 -7.21
C HIS D 175 -0.47 -47.81 -6.44
N GLN D 176 -0.22 -47.19 -5.30
CA GLN D 176 -1.30 -46.76 -4.40
C GLN D 176 -2.02 -45.53 -4.93
N GLN D 177 -1.27 -44.47 -5.22
CA GLN D 177 -1.88 -43.21 -5.65
C GLN D 177 -2.51 -43.35 -7.02
N PHE D 178 -1.89 -44.14 -7.91
CA PHE D 178 -2.44 -44.36 -9.23
C PHE D 178 -3.64 -45.30 -9.19
N GLY D 179 -3.48 -46.44 -8.53
CA GLY D 179 -4.48 -47.50 -8.58
C GLY D 179 -4.16 -48.49 -9.67
N PHE D 180 -5.04 -49.48 -9.81
CA PHE D 180 -4.85 -50.48 -10.86
C PHE D 180 -4.95 -49.80 -12.22
N PRO D 181 -3.99 -50.04 -13.12
CA PRO D 181 -3.89 -49.21 -14.34
C PRO D 181 -5.17 -49.09 -15.17
N LEU D 182 -5.99 -50.14 -15.27
CA LEU D 182 -7.21 -50.02 -16.06
C LEU D 182 -8.34 -49.32 -15.33
N VAL D 183 -8.23 -49.17 -14.01
CA VAL D 183 -9.15 -48.30 -13.29
C VAL D 183 -8.70 -46.86 -13.40
N ALA D 184 -7.39 -46.61 -13.33
CA ALA D 184 -6.88 -45.25 -13.43
C ALA D 184 -7.07 -44.71 -14.84
N ALA D 185 -6.68 -45.48 -15.85
CA ALA D 185 -6.95 -45.16 -17.25
C ALA D 185 -8.31 -45.66 -17.71
N LEU D 186 -9.31 -45.46 -16.85
CA LEU D 186 -10.67 -45.92 -17.08
C LEU D 186 -11.23 -45.51 -18.44
N SER D 187 -10.64 -44.49 -19.07
CA SER D 187 -11.13 -44.01 -20.35
C SER D 187 -10.98 -45.06 -21.45
N ARG D 188 -9.96 -45.92 -21.36
CA ARG D 188 -9.79 -46.96 -22.36
C ARG D 188 -11.02 -47.87 -22.41
N ILE D 189 -11.51 -48.28 -21.24
CA ILE D 189 -12.71 -49.11 -21.19
C ILE D 189 -13.95 -48.26 -21.46
N SER D 190 -13.96 -47.02 -20.97
CA SER D 190 -15.12 -46.13 -21.14
C SER D 190 -15.49 -45.99 -22.61
N ARG D 191 -14.49 -45.98 -23.50
CA ARG D 191 -14.77 -45.79 -24.91
C ARG D 191 -15.56 -46.97 -25.49
N PHE D 192 -15.40 -48.17 -24.93
CA PHE D 192 -16.10 -49.33 -25.46
C PHE D 192 -17.52 -49.47 -24.87
N THR D 193 -17.67 -49.25 -23.56
CA THR D 193 -18.98 -49.41 -22.94
C THR D 193 -19.95 -48.35 -23.41
N ASP D 194 -19.47 -47.16 -23.76
CA ASP D 194 -20.33 -46.13 -24.32
C ASP D 194 -20.90 -46.56 -25.66
N LEU D 195 -20.07 -47.20 -26.49
CA LEU D 195 -20.47 -47.50 -27.86
C LEU D 195 -21.25 -48.80 -27.95
N PHE D 196 -20.89 -49.80 -27.14
CA PHE D 196 -21.35 -51.16 -27.38
C PHE D 196 -22.13 -51.77 -26.23
N GLY D 197 -22.14 -51.16 -25.05
CA GLY D 197 -23.11 -51.53 -24.02
C GLY D 197 -22.61 -52.44 -22.91
N THR D 198 -23.40 -53.46 -22.59
CA THR D 198 -23.11 -54.33 -21.46
C THR D 198 -22.04 -55.36 -21.81
N VAL D 199 -21.13 -55.61 -20.87
CA VAL D 199 -20.08 -56.62 -21.05
C VAL D 199 -20.53 -57.92 -20.40
N GLN D 200 -20.26 -59.04 -21.07
CA GLN D 200 -20.68 -60.35 -20.61
C GLN D 200 -19.57 -61.15 -19.95
N GLN D 201 -18.36 -61.11 -20.50
CA GLN D 201 -17.22 -61.78 -19.91
C GLN D 201 -16.01 -60.85 -19.88
N VAL D 202 -15.18 -61.02 -18.87
CA VAL D 202 -14.01 -60.17 -18.64
C VAL D 202 -12.83 -61.05 -18.28
N ASP D 203 -11.79 -61.02 -19.11
CA ASP D 203 -10.49 -61.58 -18.78
C ASP D 203 -9.44 -60.45 -18.83
N ALA D 204 -8.45 -60.54 -17.95
CA ALA D 204 -7.43 -59.50 -17.89
C ALA D 204 -6.19 -60.02 -17.19
N GLN D 205 -5.02 -59.63 -17.72
CA GLN D 205 -3.74 -59.87 -17.06
C GLN D 205 -3.02 -58.54 -16.89
N CYS D 206 -2.13 -58.48 -15.89
CA CYS D 206 -1.35 -57.27 -15.65
C CYS D 206 0.04 -57.67 -15.16
N ARG D 207 1.05 -57.06 -15.78
CA ARG D 207 2.44 -57.28 -15.39
C ARG D 207 3.06 -55.94 -15.00
N PHE D 208 3.85 -55.96 -13.92
CA PHE D 208 4.58 -54.79 -13.47
C PHE D 208 6.08 -55.07 -13.49
N TRP D 209 6.84 -54.04 -13.86
CA TRP D 209 8.27 -53.98 -13.65
C TRP D 209 8.51 -52.94 -12.56
N ASP D 210 9.11 -53.35 -11.45
CA ASP D 210 9.19 -52.52 -10.26
C ASP D 210 10.51 -51.75 -10.20
N GLN D 211 10.42 -50.51 -9.73
CA GLN D 211 11.61 -49.75 -9.39
C GLN D 211 12.34 -50.39 -8.20
N PRO D 212 13.66 -50.11 -8.05
CA PRO D 212 14.37 -50.47 -6.83
C PRO D 212 13.59 -50.19 -5.54
N ASN D 213 12.82 -49.11 -5.52
CA ASN D 213 11.83 -48.86 -4.48
C ASN D 213 10.50 -49.39 -5.00
N PRO D 214 10.10 -50.63 -4.64
CA PRO D 214 8.98 -51.28 -5.32
C PRO D 214 7.64 -50.58 -5.14
N GLU D 215 7.56 -49.54 -4.31
CA GLU D 215 6.33 -48.77 -4.18
C GLU D 215 5.96 -48.05 -5.48
N TYR D 216 6.94 -47.89 -6.38
CA TYR D 216 6.70 -47.42 -7.74
C TYR D 216 6.98 -48.56 -8.72
N PHE D 217 6.34 -48.50 -9.88
CA PHE D 217 6.71 -49.34 -11.00
C PHE D 217 7.37 -48.49 -12.07
N ARG D 218 8.41 -49.04 -12.70
CA ARG D 218 9.05 -48.38 -13.84
C ARG D 218 8.38 -48.74 -15.15
N ALA D 219 7.47 -49.70 -15.16
CA ALA D 219 6.75 -50.09 -16.35
C ALA D 219 5.55 -50.94 -15.94
N CYS D 220 4.55 -50.98 -16.81
CA CYS D 220 3.41 -51.84 -16.58
C CYS D 220 2.76 -52.17 -17.93
N LEU D 221 2.14 -53.35 -17.98
CA LEU D 221 1.38 -53.80 -19.14
C LEU D 221 0.08 -54.39 -18.62
N ALA D 222 -1.04 -53.77 -18.99
CA ALA D 222 -2.37 -54.21 -18.58
C ALA D 222 -3.18 -54.54 -19.82
N THR D 223 -3.55 -55.80 -19.97
CA THR D 223 -4.38 -56.27 -21.07
C THR D 223 -5.75 -56.68 -20.54
N ALA D 224 -6.79 -56.36 -21.30
CA ALA D 224 -8.15 -56.76 -20.97
C ALA D 224 -8.82 -57.29 -22.22
N TYR D 225 -9.46 -58.45 -22.09
CA TYR D 225 -10.20 -59.07 -23.18
C TYR D 225 -11.65 -59.11 -22.77
N LEU D 226 -12.45 -58.22 -23.36
CA LEU D 226 -13.86 -58.10 -23.03
C LEU D 226 -14.69 -58.76 -24.12
N GLN D 227 -15.66 -59.56 -23.70
CA GLN D 227 -16.69 -60.08 -24.59
C GLN D 227 -17.99 -59.37 -24.27
N PHE D 228 -18.60 -58.78 -25.29
CA PHE D 228 -19.80 -57.97 -25.12
C PHE D 228 -21.05 -58.78 -25.43
N ASN D 229 -22.12 -58.49 -24.70
CA ASN D 229 -23.39 -59.21 -24.88
C ASN D 229 -23.95 -59.05 -26.29
N ASN D 230 -23.49 -58.05 -27.05
CA ASN D 230 -23.88 -57.94 -28.45
C ASN D 230 -22.98 -58.77 -29.36
N GLY D 231 -22.03 -59.51 -28.80
CA GLY D 231 -21.14 -60.34 -29.57
C GLY D 231 -19.81 -59.70 -29.92
N LEU D 232 -19.65 -58.41 -29.71
CA LEU D 232 -18.36 -57.78 -29.95
C LEU D 232 -17.31 -58.35 -29.01
N LYS D 233 -16.11 -58.58 -29.54
CA LYS D 233 -14.96 -58.95 -28.74
C LYS D 233 -13.98 -57.78 -28.78
N ALA D 234 -13.61 -57.27 -27.61
CA ALA D 234 -12.77 -56.08 -27.51
C ALA D 234 -11.48 -56.42 -26.77
N GLU D 235 -10.39 -55.81 -27.21
CA GLU D 235 -9.08 -55.94 -26.58
C GLU D 235 -8.60 -54.56 -26.17
N VAL D 236 -8.19 -54.44 -24.91
CA VAL D 236 -7.77 -53.17 -24.34
C VAL D 236 -6.34 -53.32 -23.83
N ILE D 237 -5.43 -52.55 -24.39
CA ILE D 237 -4.01 -52.68 -24.10
C ILE D 237 -3.51 -51.36 -23.51
N TYR D 238 -3.03 -51.41 -22.26
CA TYR D 238 -2.46 -50.26 -21.58
C TYR D 238 -0.99 -50.55 -21.30
N GLY D 239 -0.11 -49.70 -21.81
CA GLY D 239 1.31 -49.85 -21.58
C GLY D 239 1.95 -48.51 -21.26
N LYS D 240 2.97 -48.56 -20.41
CA LYS D 240 3.63 -47.35 -19.95
C LYS D 240 4.93 -47.72 -19.26
N GLY D 241 5.99 -46.95 -19.53
CA GLY D 241 7.24 -47.15 -18.82
C GLY D 241 8.43 -47.51 -19.69
N GLU D 242 9.47 -48.03 -19.04
CA GLU D 242 10.80 -48.12 -19.62
C GLU D 242 10.99 -49.30 -20.57
N VAL D 243 10.15 -50.33 -20.47
CA VAL D 243 10.36 -51.54 -21.29
C VAL D 243 9.74 -51.42 -22.67
N PHE D 244 9.09 -50.29 -22.98
CA PHE D 244 8.35 -50.11 -24.22
C PHE D 244 9.16 -49.24 -25.18
N HIS D 245 9.53 -49.82 -26.33
CA HIS D 245 10.39 -49.13 -27.28
C HIS D 245 9.63 -48.51 -28.46
N GLN D 246 8.34 -48.79 -28.60
CA GLN D 246 7.54 -48.18 -29.66
C GLN D 246 6.23 -47.69 -29.07
N ASN D 247 6.00 -46.38 -29.12
CA ASN D 247 4.74 -45.83 -28.65
C ASN D 247 3.61 -46.17 -29.63
N GLU D 248 2.39 -46.03 -29.15
CA GLU D 248 1.23 -46.53 -29.87
C GLU D 248 -0.03 -45.89 -29.32
N ARG D 249 -0.79 -45.39 -30.31
CA ARG D 249 -2.20 -45.11 -29.97
C ARG D 249 -3.01 -45.46 -31.20
N ILE D 250 -3.73 -46.69 -31.06
CA ILE D 250 -4.39 -47.23 -32.23
C ILE D 250 -5.75 -47.83 -31.84
N PHE D 251 -6.82 -47.24 -32.37
CA PHE D 251 -8.17 -47.77 -32.20
C PHE D 251 -8.57 -48.45 -33.50
N THR D 252 -8.89 -49.74 -33.41
CA THR D 252 -9.30 -50.52 -34.58
C THR D 252 -10.68 -51.11 -34.34
N LEU D 253 -11.55 -51.01 -35.35
CA LEU D 253 -12.88 -51.59 -35.33
C LEU D 253 -13.12 -52.33 -36.64
N HIS D 254 -13.25 -53.65 -36.58
CA HIS D 254 -13.62 -54.45 -37.74
C HIS D 254 -15.12 -54.73 -37.69
N GLY D 255 -15.83 -54.36 -38.76
CA GLY D 255 -17.23 -54.67 -38.88
C GLY D 255 -17.53 -55.26 -40.25
N ASP D 256 -18.67 -55.96 -40.34
CA ASP D 256 -18.96 -56.74 -41.54
C ASP D 256 -19.20 -55.88 -42.77
N ARG D 257 -19.33 -54.57 -42.64
CA ARG D 257 -19.47 -53.67 -43.78
C ARG D 257 -18.31 -52.69 -43.90
N GLY D 258 -17.29 -52.82 -43.06
CA GLY D 258 -16.13 -51.96 -43.17
C GLY D 258 -15.34 -51.93 -41.88
N THR D 259 -14.19 -51.27 -41.96
CA THR D 259 -13.24 -51.19 -40.85
C THR D 259 -12.80 -49.74 -40.65
N LEU D 260 -12.74 -49.33 -39.39
CA LEU D 260 -12.20 -48.03 -38.99
C LEU D 260 -10.88 -48.23 -38.27
N ILE D 261 -9.89 -47.41 -38.63
CA ILE D 261 -8.60 -47.40 -37.95
C ILE D 261 -8.25 -45.97 -37.58
N PHE D 262 -7.77 -45.78 -36.35
CA PHE D 262 -7.33 -44.47 -35.89
C PHE D 262 -5.93 -44.62 -35.31
N VAL D 263 -4.93 -44.14 -36.07
CA VAL D 263 -3.54 -44.12 -35.63
C VAL D 263 -3.28 -42.72 -35.10
N GLY D 264 -3.23 -42.59 -33.77
CA GLY D 264 -3.20 -41.27 -33.20
C GLY D 264 -4.48 -40.53 -33.54
N GLU D 265 -4.34 -39.26 -33.92
CA GLU D 265 -5.48 -38.41 -34.25
C GLU D 265 -5.80 -38.40 -35.74
N THR D 266 -5.36 -39.40 -36.50
CA THR D 266 -5.70 -39.53 -37.90
C THR D 266 -6.45 -40.84 -38.13
N GLY D 267 -7.39 -40.80 -39.07
CA GLY D 267 -8.32 -41.91 -39.23
C GLY D 267 -8.52 -42.29 -40.69
N ARG D 268 -8.97 -43.54 -40.87
CA ARG D 268 -9.30 -44.07 -42.18
C ARG D 268 -10.50 -44.99 -42.08
N LEU D 269 -11.31 -45.00 -43.14
CA LEU D 269 -12.40 -45.96 -43.32
C LEU D 269 -12.04 -46.89 -44.48
N ILE D 270 -12.17 -48.20 -44.25
CA ILE D 270 -11.78 -49.20 -45.23
C ILE D 270 -12.99 -50.06 -45.54
N GLN D 271 -13.49 -49.96 -46.76
CA GLN D 271 -14.63 -50.75 -47.22
C GLN D 271 -14.29 -51.32 -48.58
N GLY D 272 -14.19 -52.65 -48.66
CA GLY D 272 -13.74 -53.30 -49.87
C GLY D 272 -12.27 -53.17 -50.13
N GLN D 273 -11.46 -53.17 -49.09
CA GLN D 273 -10.00 -52.98 -49.10
C GLN D 273 -9.56 -51.59 -49.57
N THR D 274 -10.48 -50.64 -49.82
CA THR D 274 -10.16 -49.31 -50.37
C THR D 274 -10.40 -48.25 -49.30
N GLU D 275 -9.38 -47.46 -49.02
CA GLU D 275 -9.38 -46.58 -47.86
C GLU D 275 -10.00 -45.23 -48.16
N THR D 276 -10.81 -44.74 -47.23
CA THR D 276 -11.27 -43.36 -47.19
C THR D 276 -10.58 -42.66 -46.04
N GLU D 277 -10.15 -41.42 -46.27
CA GLU D 277 -9.63 -40.61 -45.18
C GLU D 277 -10.79 -40.11 -44.32
N ILE D 278 -10.59 -40.13 -43.01
CA ILE D 278 -11.62 -39.68 -42.06
C ILE D 278 -11.05 -38.49 -41.30
N THR D 279 -11.69 -37.33 -41.50
CA THR D 279 -11.26 -36.13 -40.79
C THR D 279 -11.52 -36.27 -39.30
N VAL D 280 -10.55 -35.85 -38.50
CA VAL D 280 -10.60 -36.02 -37.05
C VAL D 280 -10.43 -34.65 -36.41
N GLY D 281 -11.31 -34.33 -35.47
CA GLY D 281 -11.30 -33.04 -34.80
C GLY D 281 -9.96 -32.71 -34.15
N SER D 282 -9.45 -31.51 -34.42
CA SER D 282 -8.22 -31.07 -33.78
C SER D 282 -8.41 -31.00 -32.27
N ARG D 283 -7.31 -31.18 -31.53
CA ARG D 283 -7.37 -31.35 -30.08
C ARG D 283 -7.91 -30.12 -29.36
N ARG D 284 -9.08 -30.28 -28.74
CA ARG D 284 -9.70 -29.28 -27.88
C ARG D 284 -9.35 -29.76 -26.47
N GLY D 285 -9.63 -29.01 -25.38
CA GLY D 285 -10.58 -27.93 -25.27
C GLY D 285 -11.66 -28.56 -24.41
N LEU D 286 -11.46 -29.86 -24.18
CA LEU D 286 -12.48 -30.72 -23.60
C LEU D 286 -12.72 -30.41 -22.12
N PHE D 287 -11.65 -30.12 -21.38
CA PHE D 287 -11.82 -29.70 -19.99
C PHE D 287 -12.68 -28.45 -19.92
N ARG D 288 -12.42 -27.48 -20.80
CA ARG D 288 -13.31 -26.34 -20.91
C ARG D 288 -14.73 -26.77 -21.27
N GLN D 289 -14.84 -27.66 -22.26
CA GLN D 289 -16.16 -28.13 -22.67
C GLN D 289 -16.86 -28.86 -21.53
N ASP D 290 -16.10 -29.58 -20.71
CA ASP D 290 -16.69 -30.26 -19.56
C ASP D 290 -17.11 -29.26 -18.49
N THR D 291 -16.26 -28.27 -18.21
CA THR D 291 -16.62 -27.23 -17.26
C THR D 291 -17.90 -26.52 -17.67
N GLU D 292 -17.99 -26.14 -18.95
CA GLU D 292 -19.17 -25.44 -19.44
C GLU D 292 -20.40 -26.34 -19.43
N ALA D 293 -20.21 -27.65 -19.62
CA ALA D 293 -21.33 -28.58 -19.53
C ALA D 293 -21.84 -28.67 -18.09
N VAL D 294 -20.92 -28.65 -17.12
CA VAL D 294 -21.32 -28.63 -15.72
C VAL D 294 -22.11 -27.36 -15.41
N LEU D 295 -21.59 -26.21 -15.84
CA LEU D 295 -22.26 -24.94 -15.56
C LEU D 295 -23.60 -24.87 -16.27
N ASP D 296 -23.70 -25.45 -17.47
CA ASP D 296 -24.97 -25.46 -18.18
C ASP D 296 -26.02 -26.26 -17.41
N TYR D 297 -25.64 -27.42 -16.88
CA TYR D 297 -26.57 -28.21 -16.08
C TYR D 297 -26.90 -27.52 -14.77
N LEU D 298 -25.92 -26.84 -14.16
CA LEU D 298 -26.18 -26.19 -12.88
C LEU D 298 -27.13 -25.01 -13.04
N THR D 299 -26.91 -24.18 -14.06
CA THR D 299 -27.73 -22.99 -14.23
C THR D 299 -29.05 -23.29 -14.96
N THR D 300 -29.07 -24.28 -15.86
CA THR D 300 -30.28 -24.56 -16.63
C THR D 300 -30.71 -26.03 -16.66
N GLY D 301 -29.92 -26.95 -16.11
CA GLY D 301 -30.33 -28.34 -16.12
C GLY D 301 -30.20 -29.06 -17.43
N LYS D 302 -29.35 -28.58 -18.34
CA LYS D 302 -29.08 -29.29 -19.57
C LYS D 302 -28.38 -30.62 -19.24
N PRO D 303 -28.88 -31.74 -19.73
CA PRO D 303 -28.29 -33.03 -19.35
C PRO D 303 -26.82 -33.11 -19.76
N LEU D 304 -26.00 -33.58 -18.83
CA LEU D 304 -24.58 -33.69 -19.09
C LEU D 304 -24.30 -34.75 -20.15
N TYR D 305 -23.17 -34.58 -20.85
CA TYR D 305 -22.88 -35.44 -22.00
C TYR D 305 -22.68 -36.87 -21.58
N VAL D 306 -22.10 -37.10 -20.40
CA VAL D 306 -21.99 -38.43 -19.81
C VAL D 306 -22.80 -38.45 -18.52
N ASP D 307 -23.52 -39.54 -18.29
CA ASP D 307 -24.28 -39.70 -17.07
C ASP D 307 -23.46 -40.52 -16.07
N LEU D 308 -23.68 -40.23 -14.79
CA LEU D 308 -22.84 -40.85 -13.75
C LEU D 308 -22.89 -42.37 -13.79
N GLU D 309 -24.02 -42.93 -14.26
CA GLU D 309 -24.13 -44.38 -14.32
C GLU D 309 -23.16 -44.98 -15.33
N ALA D 310 -22.92 -44.28 -16.45
CA ALA D 310 -21.92 -44.74 -17.41
C ALA D 310 -20.53 -44.71 -16.80
N SER D 311 -20.25 -43.70 -15.97
CA SER D 311 -18.96 -43.65 -15.27
C SER D 311 -18.86 -44.79 -14.27
N LEU D 312 -19.94 -45.08 -13.55
CA LEU D 312 -19.90 -46.16 -12.57
C LEU D 312 -19.81 -47.52 -13.24
N TYR D 313 -20.36 -47.67 -14.45
CA TYR D 313 -20.30 -48.98 -15.11
C TYR D 313 -18.93 -49.24 -15.70
N ALA D 314 -18.33 -48.24 -16.35
CA ALA D 314 -16.95 -48.38 -16.80
C ALA D 314 -16.03 -48.71 -15.62
N LEU D 315 -16.25 -48.05 -14.48
CA LEU D 315 -15.54 -48.41 -13.26
C LEU D 315 -15.85 -49.84 -12.85
N GLU D 316 -17.12 -50.26 -12.94
CA GLU D 316 -17.46 -51.63 -12.59
C GLU D 316 -16.71 -52.62 -13.46
N VAL D 317 -16.59 -52.31 -14.76
CA VAL D 317 -15.92 -53.23 -15.68
C VAL D 317 -14.42 -53.28 -15.39
N ALA D 318 -13.81 -52.12 -15.11
CA ALA D 318 -12.39 -52.09 -14.79
C ALA D 318 -12.11 -52.72 -13.44
N ASP D 319 -13.06 -52.63 -12.50
CA ASP D 319 -12.90 -53.30 -11.20
C ASP D 319 -12.90 -54.81 -11.37
N LEU D 320 -13.73 -55.34 -12.27
CA LEU D 320 -13.68 -56.75 -12.60
C LEU D 320 -12.35 -57.11 -13.23
N CYS D 321 -11.81 -56.21 -14.08
CA CYS D 321 -10.48 -56.43 -14.66
C CYS D 321 -9.43 -56.55 -13.56
N ALA D 322 -9.50 -55.68 -12.55
CA ALA D 322 -8.58 -55.78 -11.42
C ALA D 322 -8.73 -57.12 -10.71
N GLN D 323 -9.97 -57.60 -10.56
CA GLN D 323 -10.19 -58.86 -9.86
C GLN D 323 -9.61 -60.03 -10.62
N ALA D 324 -9.72 -60.02 -11.95
CA ALA D 324 -9.13 -61.09 -12.75
C ALA D 324 -7.62 -61.18 -12.56
N CYS D 325 -6.98 -60.08 -12.15
CA CYS D 325 -5.53 -60.09 -11.97
C CYS D 325 -5.15 -60.62 -10.59
N GLY D 326 -5.78 -60.11 -9.54
CA GLY D 326 -5.47 -60.50 -8.17
C GLY D 326 -5.79 -59.39 -7.19
N TYR D 327 -6.12 -58.22 -7.74
CA TYR D 327 -6.43 -57.04 -6.94
C TYR D 327 -7.69 -57.23 -6.09
PA NAP E . 9.81 2.32 -3.51
O1A NAP E . 8.53 1.57 -3.54
O2A NAP E . 10.89 1.94 -4.43
O5B NAP E . 9.44 3.87 -3.78
C5B NAP E . 10.38 4.92 -4.06
C4B NAP E . 9.73 6.11 -4.83
O4B NAP E . 11.11 6.10 -5.33
C3B NAP E . 9.15 6.27 -6.26
O3B NAP E . 8.72 7.63 -6.46
C2B NAP E . 10.42 5.97 -6.98
O2B NAP E . 10.47 6.21 -8.42
C1B NAP E . 11.17 7.11 -6.30
N9A NAP E . 12.55 7.12 -6.79
C8A NAP E . 13.21 6.04 -7.21
N7A NAP E . 14.40 6.43 -7.62
C5A NAP E . 14.48 7.76 -7.51
C6A NAP E . 15.45 8.62 -7.80
N6A NAP E . 16.57 8.08 -8.29
N1A NAP E . 15.34 9.94 -7.61
C2A NAP E . 14.13 10.42 -7.09
N3A NAP E . 13.11 9.50 -6.79
C4A NAP E . 13.31 8.19 -7.04
O3 NAP E . 10.42 2.21 -2.01
PN NAP E . 9.70 2.27 -0.56
O1N NAP E . 9.94 0.99 0.13
O2N NAP E . 8.31 2.76 -0.76
O5D NAP E . 10.52 3.42 0.20
C5D NAP E . 10.24 4.79 0.47
C4D NAP E . 11.23 5.26 1.56
O4D NAP E . 10.56 4.12 2.25
C3D NAP E . 12.61 4.76 2.10
O3D NAP E . 13.01 5.59 3.20
C2D NAP E . 12.20 3.42 2.58
O2D NAP E . 13.26 2.82 3.33
C1D NAP E . 11.17 3.97 3.53
N1N NAP E . 10.52 2.84 4.22
C2N NAP E . 9.80 1.91 3.46
C3N NAP E . 9.18 0.84 4.09
C7N NAP E . 8.45 -0.06 3.35
O7N NAP E . 8.43 -0.02 2.11
N7N NAP E . 7.83 -1.00 4.05
C4N NAP E . 9.23 0.71 5.47
C5N NAP E . 9.94 1.63 6.24
C6N NAP E . 10.58 2.70 5.61
P2B NAP E . 9.68 5.46 -9.59
O1X NAP E . 10.72 5.35 -10.61
O2X NAP E . 9.25 4.19 -8.97
O3X NAP E . 8.58 6.39 -9.90
CHA BLA F . 11.15 -6.13 4.00
NA BLA F . 11.38 -7.70 2.02
C1A BLA F . 11.76 -6.58 2.65
C2A BLA F . 12.74 -5.96 1.93
C3A BLA F . 12.95 -6.72 0.86
C4A BLA F . 12.13 -7.75 0.90
CMA BLA F . 13.90 -6.60 -0.32
CAA BLA F . 13.45 -4.62 2.38
CBA BLA F . 14.05 -3.54 1.41
CGA BLA F . 15.23 -3.79 0.43
O1A BLA F . 16.39 -3.74 0.91
O2A BLA F . 14.96 -3.88 -0.78
CHB BLA F . 12.18 -8.78 -0.21
NB BLA F . 10.01 -10.04 0.29
C1B BLA F . 10.91 -9.53 -0.55
C2B BLA F . 10.59 -9.81 -1.80
C3B BLA F . 9.43 -10.49 -1.77
C4B BLA F . 9.09 -10.62 -0.49
CMB BLA F . 11.47 -9.34 -2.98
OB BLA F . 8.00 -11.25 0.03
CAB BLA F . 8.66 -11.00 -2.74
CBB BLA F . 9.05 -10.90 -4.22
NC BLA F . 6.79 -8.86 2.02
C1C BLA F . 5.97 -9.22 1.02
C2C BLA F . 4.84 -9.66 1.54
C3C BLA F . 4.91 -9.59 2.86
C4C BLA F . 6.13 -9.09 3.16
CMC BLA F . 3.62 -10.17 0.75
OC BLA F . 6.31 -9.12 -0.28
CAC BLA F . 3.85 -9.99 3.61
CBC BLA F . 3.88 -9.92 5.14
CHD BLA F . 6.73 -8.82 4.55
ND BLA F . 8.86 -7.39 3.85
C1D BLA F . 8.09 -8.11 4.69
C2D BLA F . 8.66 -8.11 5.87
C3D BLA F . 9.81 -7.48 5.82
C4D BLA F . 9.96 -7.00 4.56
CMD BLA F . 8.10 -8.82 7.11
CAD BLA F . 10.61 -7.38 7.14
CBD BLA F . 12.08 -6.97 7.17
CGD BLA F . 13.03 -7.91 6.46
O1D BLA F . 12.72 -9.13 6.41
O2D BLA F . 14.11 -7.41 6.07
CHA BLA G . 10.81 -2.46 5.58
NA BLA G . 10.60 -2.63 3.03
C1A BLA G . 11.15 -2.09 4.12
C2A BLA G . 12.08 -1.20 3.74
C3A BLA G . 12.06 -1.16 2.41
C4A BLA G . 11.17 -2.03 1.97
CMA BLA G . 12.94 -0.26 1.52
CAA BLA G . 12.96 -0.29 4.62
CBA BLA G . 14.45 -0.69 4.70
CGA BLA G . 14.69 -2.07 5.30
O1A BLA G . 14.37 -2.22 6.51
O2A BLA G . 15.23 -2.94 4.58
CHB BLA G . 10.89 -2.28 0.47
NB BLA G . 9.63 -4.50 0.97
C1B BLA G . 10.18 -3.61 0.13
C2B BLA G . 9.99 -4.04 -1.11
C3B BLA G . 9.33 -5.18 -1.07
C4B BLA G . 9.12 -5.47 0.22
CMB BLA G . 10.45 -3.33 -2.39
OB BLA G . 8.49 -6.53 0.80
CAB BLA G . 9.00 -5.88 -2.16
CBB BLA G . 8.23 -7.20 -1.98
NC BLA G . 7.00 -3.72 2.37
C1C BLA G . 6.60 -3.85 1.11
C2C BLA G . 5.61 -4.76 1.06
C3C BLA G . 5.39 -5.18 2.31
C4C BLA G . 6.25 -4.54 3.10
CMC BLA G . 4.93 -5.14 -0.28
OC BLA G . 7.16 -3.17 0.08
CAC BLA G . 4.52 -6.06 2.84
CBC BLA G . 3.49 -6.79 1.95
CHD BLA G . 6.33 -4.74 4.62
ND BLA G . 8.64 -3.55 4.76
C1D BLA G . 7.57 -4.13 5.31
C2D BLA G . 7.72 -4.12 6.62
C3D BLA G . 8.87 -3.53 6.91
C4D BLA G . 9.45 -3.17 5.75
CMD BLA G . 6.73 -4.69 7.64
CAD BLA G . 9.35 -3.35 8.35
CBD BLA G . 10.45 -4.38 8.59
CGD BLA G . 10.97 -4.40 10.03
O1D BLA G . 10.11 -4.62 10.91
O2D BLA G . 12.20 -4.27 10.21
PA NAP H . 32.65 28.55 -29.09
O1A NAP H . 34.08 28.50 -28.78
O2A NAP H . 32.09 29.68 -29.85
O5B NAP H . 32.26 27.20 -29.95
C5B NAP H . 31.00 27.29 -30.59
C4B NAP H . 30.33 25.98 -31.06
O4B NAP H . 29.29 26.27 -32.01
C3B NAP H . 31.41 25.98 -32.14
O3B NAP H . 31.31 24.84 -33.01
C2B NAP H . 31.15 27.39 -32.96
O2B NAP H . 32.16 27.41 -34.03
C1B NAP H . 29.81 26.85 -33.24
N9A NAP H . 28.55 27.21 -33.97
C8A NAP H . 28.55 28.54 -33.99
N7A NAP H . 27.44 28.97 -34.56
C5A NAP H . 26.71 27.91 -34.86
C6A NAP H . 25.51 27.86 -35.43
N6A NAP H . 24.98 29.04 -35.76
N1A NAP H . 24.89 26.70 -35.66
C2A NAP H . 25.53 25.51 -35.28
N3A NAP H . 26.80 25.60 -34.66
C4A NAP H . 27.37 26.80 -34.47
O3 NAP H . 31.88 28.62 -27.66
PN NAP H . 32.21 27.87 -26.25
O1N NAP H . 32.46 28.89 -25.21
O2N NAP H . 33.24 26.84 -26.50
O5D NAP H . 30.82 27.13 -25.94
C5D NAP H . 30.46 25.75 -26.15
C4D NAP H . 29.22 25.46 -25.26
O4D NAP H . 30.21 25.91 -24.24
C3D NAP H . 28.12 26.30 -24.55
O3D NAP H . 27.27 25.46 -23.77
C2D NAP H . 28.97 27.12 -23.67
O2D NAP H . 28.12 27.84 -22.76
C1D NAP H . 29.55 25.91 -22.99
N1N NAP H . 30.51 26.35 -21.96
C2N NAP H . 31.65 27.05 -22.36
C3N NAP H . 32.57 27.47 -21.41
C7N NAP H . 33.72 28.16 -21.79
O7N NAP H . 33.89 28.52 -22.96
N7N NAP H . 34.55 28.44 -20.80
C4N NAP H . 32.39 27.16 -20.07
C5N NAP H . 31.26 26.46 -19.66
C6N NAP H . 30.33 26.05 -20.60
P2B NAP H . 32.14 27.88 -35.58
O1X NAP H . 31.05 28.87 -35.67
O2X NAP H . 33.51 28.38 -35.78
O3X NAP H . 31.87 26.63 -36.30
CHA BLA I . 32.21 30.26 -18.83
NA BLA I . 34.79 30.55 -18.84
C1A BLA I . 33.64 30.17 -18.27
C2A BLA I . 33.91 29.71 -17.05
C3A BLA I . 35.22 29.76 -16.87
C4A BLA I . 35.76 30.28 -17.97
CMA BLA I . 35.99 29.31 -15.62
CAA BLA I . 32.84 29.15 -16.10
CBA BLA I . 32.10 30.18 -15.20
CGA BLA I . 33.03 30.89 -14.23
O1A BLA I . 32.99 32.13 -14.21
O2A BLA I . 33.71 30.17 -13.45
CHB BLA I . 37.28 30.52 -18.14
NB BLA I . 36.90 30.51 -20.67
C1B BLA I . 37.68 30.70 -19.63
C2B BLA I . 38.88 31.09 -20.07
C3B BLA I . 38.84 31.14 -21.40
C4B BLA I . 37.61 30.77 -21.77
CMB BLA I . 40.10 31.43 -19.20
OB BLA I . 37.05 30.64 -23.00
CAB BLA I . 39.90 31.49 -22.16
CBB BLA I . 39.72 31.52 -23.69
NC BLA I . 35.20 32.84 -22.32
C1C BLA I . 36.25 33.58 -22.68
C2C BLA I . 36.05 34.09 -23.89
C3C BLA I . 34.85 33.66 -24.32
C4C BLA I . 34.35 32.91 -23.35
CMC BLA I . 37.10 34.98 -24.56
OC BLA I . 37.33 33.76 -21.87
CAC BLA I . 34.16 33.87 -25.47
CBC BLA I . 34.71 34.73 -26.62
CHD BLA I . 32.98 32.25 -23.49
ND BLA I . 33.00 31.32 -21.05
C1D BLA I . 32.41 31.62 -22.22
C2D BLA I . 31.14 31.23 -22.16
C3D BLA I . 30.90 30.72 -20.97
C4D BLA I . 32.05 30.76 -20.29
CMD BLA I . 30.14 31.39 -23.30
CAD BLA I . 29.54 30.14 -20.54
CBD BLA I . 28.46 31.17 -20.18
CGD BLA I . 28.86 32.03 -18.98
O1D BLA I . 28.92 31.45 -17.88
O2D BLA I . 29.09 33.24 -19.18
CHA BLA J . 33.78 35.14 -20.38
NA BLA J . 35.99 35.06 -19.05
C1A BLA J . 34.69 34.77 -19.18
C2A BLA J . 34.28 34.09 -18.10
C3A BLA J . 35.33 33.96 -17.30
C4A BLA J . 36.37 34.54 -17.87
CMA BLA J . 35.33 33.25 -15.95
CAA BLA J . 32.88 33.54 -17.86
CBA BLA J . 31.85 34.63 -17.52
CGA BLA J . 32.16 35.38 -16.22
O1A BLA J . 31.95 34.76 -15.15
O2A BLA J . 32.51 36.58 -16.32
CHB BLA J . 37.76 34.61 -17.23
NB BLA J . 38.83 34.88 -19.55
C1B BLA J . 38.91 34.69 -18.23
C2B BLA J . 40.20 34.59 -17.89
C3B BLA J . 40.91 34.72 -19.00
C4B BLA J . 40.07 34.89 -20.02
CMB BLA J . 40.75 34.37 -16.48
OB BLA J . 40.31 35.07 -21.36
CAB BLA J . 42.25 34.65 -18.99
CBB BLA J . 42.98 34.83 -20.33
NC BLA J . 38.45 38.16 -20.82
C1C BLA J . 39.77 38.24 -20.63
C2C BLA J . 40.41 38.31 -21.80
C3C BLA J . 39.45 38.27 -22.75
C4C BLA J . 38.29 38.17 -22.15
CMC BLA J . 41.94 38.41 -21.92
OC BLA J . 40.33 38.24 -19.38
CAC BLA J . 39.48 38.31 -24.09
CBC BLA J . 40.78 38.44 -24.86
CHD BLA J . 37.00 38.13 -22.97
ND BLA J . 35.71 36.48 -21.44
C1D BLA J . 35.79 37.40 -22.41
C2D BLA J . 34.58 37.61 -22.91
C3D BLA J . 33.72 36.86 -22.25
C4D BLA J . 34.41 36.15 -21.35
CMD BLA J . 34.24 38.59 -24.03
CAD BLA J . 32.22 36.83 -22.54
CBD BLA J . 31.97 35.80 -23.64
CGD BLA J . 30.49 35.73 -24.01
O1D BLA J . 30.15 36.29 -25.07
O2D BLA J . 29.73 35.07 -23.25
PA NAP K . -36.94 10.19 14.85
O1A NAP K . -36.06 10.16 13.68
O2A NAP K . -38.14 11.05 14.81
O5B NAP K . -37.48 8.67 15.08
C5B NAP K . -37.44 7.65 14.06
C4B NAP K . -37.21 6.22 14.60
O4B NAP K . -38.47 5.69 15.06
C3B NAP K . -37.48 5.90 13.15
O3B NAP K . -37.40 4.50 12.91
C2B NAP K . -39.02 6.46 12.87
O2B NAP K . -39.45 5.98 11.62
C1B NAP K . -39.43 5.53 13.94
N9A NAP K . -40.73 5.10 14.62
C8A NAP K . -41.57 6.12 14.77
N7A NAP K . -42.66 5.71 15.41
C5A NAP K . -42.48 4.43 15.71
C6A NAP K . -43.29 3.58 16.35
N6A NAP K . -44.45 4.08 16.76
N1A NAP K . -42.94 2.30 16.57
C2A NAP K . -41.70 1.86 16.11
N3A NAP K . -40.87 2.77 15.43
C4A NAP K . -41.27 4.05 15.27
O3 NAP K . -36.02 10.66 16.09
PN NAP K . -34.46 10.50 16.44
O1N NAP K . -34.00 11.83 16.89
O2N NAP K . -33.76 9.85 15.31
O5D NAP K . -34.42 9.52 17.69
C5D NAP K . -33.95 8.17 17.77
C4D NAP K . -33.81 7.85 19.29
O4D NAP K . -32.94 9.06 19.17
C3D NAP K . -34.39 8.44 20.59
O3D NAP K . -33.81 7.79 21.71
C2D NAP K . -33.89 9.83 20.52
O2D NAP K . -34.15 10.49 21.76
C1D NAP K . -32.45 9.38 20.49
N1N NAP K . -31.60 10.58 20.41
C2N NAP K . -31.67 11.44 19.30
C3N NAP K . -30.87 12.57 19.22
C7N NAP K . -30.95 13.41 18.12
O7N NAP K . -31.77 13.23 17.23
N7N NAP K . -30.12 14.45 18.15
C4N NAP K . -29.98 12.85 20.25
C5N NAP K . -29.89 12.02 21.35
C6N NAP K . -30.69 10.88 21.44
P2B NAP K . -40.74 6.50 10.84
O1X NAP K . -41.13 5.31 10.09
O2X NAP K . -41.69 6.97 11.86
O3X NAP K . -40.15 7.58 10.02
CHA BLA L . -30.89 16.30 21.06
NA BLA L . -32.59 16.38 19.13
C1A BLA L . -32.17 15.91 20.31
C2A BLA L . -33.09 15.06 20.78
C3A BLA L . -34.04 14.97 19.87
C4A BLA L . -33.75 15.79 18.87
CMA BLA L . -35.30 14.10 19.96
CAA BLA L . -33.05 14.24 22.09
CBA BLA L . -33.98 14.70 23.23
CGA BLA L . -33.67 16.11 23.73
O1A BLA L . -34.35 17.05 23.27
O2A BLA L . -32.80 16.20 24.62
CHB BLA L . -34.66 15.93 17.63
NB BLA L . -33.46 18.06 16.82
C1B BLA L . -34.37 17.11 16.68
C2B BLA L . -35.05 17.30 15.55
C3B BLA L . -34.56 18.41 14.97
C4B BLA L . -33.59 18.86 15.75
CMB BLA L . -36.17 16.34 15.11
OB BLA L . -32.81 19.96 15.58
CAB BLA L . -34.86 19.06 13.83
CBB BLA L . -35.97 18.55 12.88
NC BLA L . -30.41 16.98 16.15
C1C BLA L . -31.12 16.98 15.03
C2C BLA L . -30.65 17.90 14.20
C3C BLA L . -29.61 18.51 14.80
C4C BLA L . -29.48 17.92 16.00
CMC BLA L . -31.31 18.13 12.83
OC BLA L . -32.18 16.13 14.84
CAC BLA L . -28.79 19.49 14.42
CBC BLA L . -28.94 20.16 13.04
CHD BLA L . -28.42 18.28 17.05
ND BLA L . -29.93 17.21 18.85
C1D BLA L . -28.80 17.81 18.47
C2D BLA L . -28.02 17.92 19.53
C3D BLA L . -28.64 17.41 20.57
C4D BLA L . -29.83 16.97 20.16
CMD BLA L . -26.62 18.55 19.55
CAD BLA L . -28.05 17.38 21.98
CBD BLA L . -28.71 18.51 22.77
CGD BLA L . -28.18 18.65 24.19
O1D BLA L . -26.95 18.51 24.34
O2D BLA L . -29.00 18.97 25.08
CHA BLA M . -34.02 19.65 19.43
NA BLA M . -31.92 20.75 18.39
C1A BLA M . -32.61 20.25 19.42
C2A BLA M . -31.87 20.33 20.53
C3A BLA M . -30.71 20.88 20.19
C4A BLA M . -30.75 21.15 18.89
CMA BLA M . -29.51 21.21 21.08
CAA BLA M . -32.35 19.80 21.90
CBA BLA M . -32.96 20.84 22.84
CGA BLA M . -31.95 21.91 23.25
O1A BLA M . -31.19 21.62 24.20
O2A BLA M . -31.98 22.99 22.62
CHB BLA M . -29.54 21.81 18.21
NB BLA M . -30.78 21.76 15.97
C1B BLA M . -29.77 22.15 16.73
C2B BLA M . -28.94 22.89 16.03
C3B BLA M . -29.43 23.00 14.80
C4B BLA M . -30.57 22.29 14.76
CMB BLA M . -27.65 23.55 16.53
OB BLA M . -31.44 22.06 13.74
CAB BLA M . -28.84 23.70 13.83
CBB BLA M . -29.53 23.73 12.46
NC BLA M . -33.87 23.73 15.73
C1C BLA M . -33.10 24.34 14.83
C2C BLA M . -33.66 24.20 13.62
C3C BLA M . -34.79 23.49 13.77
C4C BLA M . -34.90 23.21 15.07
CMC BLA M . -32.99 24.80 12.37
OC BLA M . -31.95 24.98 15.16
CAC BLA M . -35.73 23.06 12.90
CBC BLA M . -35.64 23.37 11.40
CHD BLA M . -36.08 22.42 15.64
ND BLA M . -34.66 21.14 17.43
C1D BLA M . -35.82 21.52 16.86
C2D BLA M . -36.82 20.96 17.52
C3D BLA M . -36.33 20.23 18.50
C4D BLA M . -35.00 20.33 18.46
CMD BLA M . -38.31 21.11 17.21
CAD BLA M . -37.22 19.44 19.48
CBD BLA M . -37.23 17.94 19.15
CGD BLA M . -38.16 17.18 20.09
O1D BLA M . -39.29 16.88 19.64
O2D BLA M . -37.74 16.90 21.23
PA NAP N . -0.97 -33.78 -12.08
O1A NAP N . -0.80 -32.76 -13.13
O2A NAP N . 0.21 -34.47 -11.53
O5B NAP N . -1.75 -33.10 -10.86
C5B NAP N . -1.90 -33.73 -9.59
C4B NAP N . -2.01 -32.73 -8.42
O4B NAP N . -1.31 -33.88 -7.79
C3B NAP N . -1.04 -31.73 -7.71
O3B NAP N . -1.66 -31.08 -6.59
C2B NAP N . -0.03 -32.71 -7.28
O2B NAP N . 0.85 -32.08 -6.31
C1B NAP N . -1.05 -33.51 -6.46
N9A NAP N . -0.35 -34.65 -5.84
C8A NAP N . 0.62 -35.32 -6.45
N7A NAP N . 1.07 -36.26 -5.63
C5A NAP N . 0.40 -36.15 -4.49
C6A NAP N . 0.50 -36.87 -3.37
N6A NAP N . 1.41 -37.84 -3.38
N1A NAP N . -0.27 -36.63 -2.30
C2A NAP N . -1.20 -35.58 -2.37
N3A NAP N . -1.29 -34.84 -3.56
C4A NAP N . -0.45 -35.13 -4.59
O3 NAP N . -1.91 -34.92 -12.70
PN NAP N . -3.20 -34.69 -13.62
O1N NAP N . -2.97 -35.36 -14.91
O2N NAP N . -3.54 -33.24 -13.58
O5D NAP N . -4.35 -35.47 -12.80
C5D NAP N . -5.37 -34.97 -11.92
C4D NAP N . -6.41 -36.11 -11.75
O4D NAP N . -6.41 -35.94 -13.23
C3D NAP N . -6.40 -37.65 -11.95
O3D NAP N . -7.71 -38.21 -11.71
C2D NAP N . -6.08 -37.72 -13.39
O2D NAP N . -6.22 -39.08 -13.86
C1D NAP N . -7.30 -36.92 -13.75
N1N NAP N . -7.33 -36.76 -15.21
C2N NAP N . -6.26 -36.08 -15.82
C3N NAP N . -6.26 -35.90 -17.19
C7N NAP N . -5.21 -35.21 -17.80
O7N NAP N . -4.23 -34.86 -17.17
N7N NAP N . -5.36 -35.01 -19.10
C4N NAP N . -7.32 -36.35 -17.96
C5N NAP N . -8.38 -37.03 -17.37
C6N NAP N . -8.39 -37.23 -15.99
P2B NAP N . 2.27 -31.40 -6.55
O1X NAP N . 2.25 -30.89 -7.93
O2X NAP N . 2.33 -30.38 -5.50
O3X NAP N . 3.19 -32.55 -6.34
CHA BLA O . -5.78 -38.57 -19.93
NA BLA O . -4.90 -36.58 -21.35
C1A BLA O . -5.81 -37.51 -21.06
C2A BLA O . -6.81 -37.44 -21.94
C3A BLA O . -6.55 -36.43 -22.77
C4A BLA O . -5.37 -35.90 -22.41
CMA BLA O . -7.40 -35.94 -23.94
CAA BLA O . -8.04 -38.36 -21.88
CBA BLA O . -7.96 -39.65 -22.71
CGA BLA O . -7.88 -39.40 -24.22
O1A BLA O . -7.02 -40.04 -24.86
O2A BLA O . -8.74 -38.63 -24.71
CHB BLA O . -4.72 -34.71 -23.16
NB BLA O . -3.26 -34.20 -21.11
C1B BLA O . -3.57 -34.03 -22.40
C2B BLA O . -2.72 -33.16 -22.93
C3B BLA O . -1.87 -32.77 -21.99
C4B BLA O . -2.20 -33.42 -20.86
CMB BLA O . -2.72 -32.68 -24.39
OB BLA O . -1.66 -33.38 -19.62
CAB BLA O . -0.87 -31.89 -22.20
CBB BLA O . 0.03 -31.50 -21.04
NC BLA O . -1.04 -36.31 -20.02
C1C BLA O . -0.01 -35.72 -20.63
C2C BLA O . 1.03 -35.69 -19.80
C3C BLA O . 0.66 -36.26 -18.64
C4C BLA O . -0.61 -36.63 -18.80
CMC BLA O . 2.38 -35.06 -20.20
OC BLA O . -0.05 -35.25 -21.90
CAC BLA O . 1.29 -36.50 -17.48
CBC BLA O . 2.76 -36.10 -17.26
CHD BLA O . -1.37 -37.33 -17.68
ND BLA O . -3.48 -37.71 -19.14
C1D BLA O . -2.73 -37.90 -18.03
C2D BLA O . -3.38 -38.71 -17.21
C3D BLA O . -4.53 -39.05 -17.77
C4D BLA O . -4.59 -38.44 -18.95
CMD BLA O . -2.88 -39.17 -15.83
CAD BLA O . -5.58 -39.96 -17.11
CBD BLA O . -5.26 -41.46 -17.24
CGD BLA O . -5.22 -41.87 -18.71
O1D BLA O . -6.25 -41.67 -19.37
O2D BLA O . -4.17 -42.41 -19.13
CHA BLA P . -0.54 -39.37 -21.61
NA BLA P . -0.84 -37.91 -23.72
C1A BLA P . -1.33 -38.72 -22.77
C2A BLA P . -2.63 -38.91 -23.02
C3A BLA P . -2.95 -38.20 -24.09
C4A BLA P . -1.86 -37.59 -24.52
CMA BLA P . -4.34 -38.10 -24.73
CAA BLA P . -3.62 -39.74 -22.19
CBA BLA P . -3.38 -41.25 -22.17
CGA BLA P . -3.46 -41.90 -23.56
O1A BLA P . -4.61 -42.10 -24.02
O2A BLA P . -2.38 -42.25 -24.08
CHB BLA P . -1.81 -36.69 -25.77
NB BLA P . -0.01 -35.27 -24.63
C1B BLA P . -0.84 -35.50 -25.66
C2B BLA P . -0.71 -34.54 -26.56
C3B BLA P . 0.22 -33.68 -26.10
C4B BLA P . 0.63 -34.14 -24.92
CMB BLA P . -1.52 -34.53 -27.86
OB BLA P . 1.57 -33.62 -24.08
CAB BLA P . 0.75 -32.55 -26.62
CBB BLA P . 0.33 -32.00 -27.99
NC BLA P . 2.71 -37.37 -24.69
C1C BLA P . 2.60 -36.76 -25.87
C2C BLA P . 3.40 -35.70 -25.86
C3C BLA P . 4.01 -35.62 -24.69
C4C BLA P . 3.58 -36.67 -23.95
CMC BLA P . 3.57 -34.73 -27.03
OC BLA P . 1.79 -37.22 -26.86
CAC BLA P . 4.87 -34.62 -24.44
CBC BLA P . 5.59 -34.51 -23.10
CHD BLA P . 3.93 -37.10 -22.52
ND BLA P . 1.55 -38.05 -22.31
C1D BLA P . 2.83 -38.00 -21.94
C2D BLA P . 3.01 -38.85 -20.94
C3D BLA P . 1.85 -39.44 -20.69
C4D BLA P . 0.95 -38.95 -21.55
CMD BLA P . 4.31 -39.11 -20.19
CAD BLA P . 1.65 -40.50 -19.60
CBD BLA P . 1.21 -39.83 -18.30
CGD BLA P . 1.05 -40.87 -17.19
O1D BLA P . 1.99 -40.95 -16.37
O2D BLA P . 0.00 -41.55 -17.19
#